data_6QYU
# 
_entry.id   6QYU 
# 
_audit_conform.dict_name       mmcif_pdbx.dic 
_audit_conform.dict_version    5.371 
_audit_conform.dict_location   http://mmcif.pdb.org/dictionaries/ascii/mmcif_pdbx.dic 
# 
loop_
_database_2.database_id 
_database_2.database_code 
_database_2.pdbx_database_accession 
_database_2.pdbx_DOI 
PDB   6QYU         pdb_00006qyu 10.2210/pdb6qyu/pdb 
WWPDB D_1292101157 ?            ?                   
BMRB  34372        ?            ?                   
# 
loop_
_pdbx_database_related.db_name 
_pdbx_database_related.details 
_pdbx_database_related.db_id 
_pdbx_database_related.content_type 
PDB  .                                                                                               1WCO  unspecified 
PDB  'solution nmr of synthetic Mutacin I Ring B, major conformer'                                   6QTF  unspecified 
PDB  'solution nmr of synthetic Mutacin I Ring B, minor conformer'                                   6QYR  unspecified 
PDB  'solution nmr of synthetic nisin ring B'                                                        6QYS  unspecified 
PDB  'solution nmr of synthetic Nisin Ring B (Lan8,11) analogue'                                     6QM1  unspecified 
PDB  'solution nmr of synthetic Mutacin I Ring A truncated analogue'                                 6QYT  unspecified 
BMRB 'Solution NMR of synthetic analogues of nisin and mutacin ring A and ring B - Mutacin I Ring A' 34372 unspecified 
# 
_pdbx_database_status.status_code                     REL 
_pdbx_database_status.status_code_sf                  ? 
_pdbx_database_status.status_code_mr                  REL 
_pdbx_database_status.entry_id                        6QYU 
_pdbx_database_status.recvd_initial_deposition_date   2019-03-09 
_pdbx_database_status.SG_entry                        N 
_pdbx_database_status.deposit_site                    PDBE 
_pdbx_database_status.process_site                    PDBE 
_pdbx_database_status.status_code_cs                  REL 
_pdbx_database_status.methods_development_category    ? 
_pdbx_database_status.pdb_format_compatible           Y 
_pdbx_database_status.status_code_nmr_data            REL 
# 
loop_
_audit_author.name 
_audit_author.pdbx_ordinal 
_audit_author.identifier_ORCID 
'Dickman, R.'    1 0000-0003-3139-5423 
'Mitchell, S.A.' 2 ?                   
'Figueiredo, A.' 3 0000-0001-7039-5341 
'Hansen, D.F.'   4 0000-0003-0891-220X 
'Tabor, A.B.'    5 0000-0001-8216-0347 
# 
loop_
_citation.abstract 
_citation.abstract_id_CAS 
_citation.book_id_ISBN 
_citation.book_publisher 
_citation.book_publisher_city 
_citation.book_title 
_citation.coordinate_linkage 
_citation.country 
_citation.database_id_Medline 
_citation.details 
_citation.id 
_citation.journal_abbrev 
_citation.journal_id_ASTM 
_citation.journal_id_CSD 
_citation.journal_id_ISSN 
_citation.journal_full 
_citation.journal_issue 
_citation.journal_volume 
_citation.language 
_citation.page_first 
_citation.page_last 
_citation.title 
_citation.year 
_citation.database_id_CSD 
_citation.pdbx_database_id_DOI 
_citation.pdbx_database_id_PubMed 
_citation.unpublished_flag 
? ? ? ? ? ? ? US ? ? primary J.Org.Chem.       JOCEAH 0035 0022-3263 ? ? 84 ? 11493 11512 
;Molecular Recognition of Lipid II by Lantibiotics: Synthesis and Conformational Studies of Analogues of Nisin and Mutacin Rings A and B.
;
2019 ? 10.1021/acs.joc.9b01253 31464129 ? 
? ? ? ? ? ? ? ?  ? ? 1       'To Be Published' ?      0353 ?         ? ? ?  ? ?     ?     
;A chemical biology approach to understanding molecular recognition of lipid II by nisin: Solid-phase synthesis and NMR ensemble analysis of nisin(1-12) and a synthetic ana-logue.
;
?    ? ?                       ?        ? 
# 
loop_
_citation_author.citation_id 
_citation_author.name 
_citation_author.ordinal 
_citation_author.identifier_ORCID 
primary 'Dickman, R.'      1  ?                   
primary 'Mitchell, S.A.'   2  ?                   
primary 'Figueiredo, A.M.' 3  ?                   
primary 'Hansen, D.F.'     4  ?                   
primary 'Tabor, A.B.'      5  ?                   
1       'Dickman, R.'      6  0000-0003-3139-5423 
1       'Danelius, E.'     7  0000-0002-7322-9661 
1       'Mitchell, S.A.'   8  ?                   
1       'Hansen, D.F.'     9  0000-0003-0891-220X 
1       'Erdelyi, M.'      10 0000-0003-0359-5970 
1       'Tabor, A.B.'      11 0000-0001-8216-0347 
# 
_entity.id                         1 
_entity.type                       polymer 
_entity.src_method                 syn 
_entity.pdbx_description           PHE-DHA-DAL-LEU-DHA-LEU-CYS-ALA 
_entity.formula_weight             774.927 
_entity.pdbx_number_of_molecules   1 
_entity.pdbx_ec                    ? 
_entity.pdbx_mutation              ? 
_entity.pdbx_fragment              ? 
_entity.details                    ? 
# 
_entity_poly.entity_id                      1 
_entity_poly.type                           'polypeptide(L)' 
_entity_poly.nstd_linkage                   no 
_entity_poly.nstd_monomer                   yes 
_entity_poly.pdbx_seq_one_letter_code       'F(DHA)(DAL)L(DHA)LCA' 
_entity_poly.pdbx_seq_one_letter_code_can   FSALSLCA 
_entity_poly.pdbx_strand_id                 A 
_entity_poly.pdbx_target_identifier         ? 
# 
loop_
_entity_poly_seq.entity_id 
_entity_poly_seq.num 
_entity_poly_seq.mon_id 
_entity_poly_seq.hetero 
1 1 PHE n 
1 2 DHA n 
1 3 DAL n 
1 4 LEU n 
1 5 DHA n 
1 6 LEU n 
1 7 CYS n 
1 8 ALA n 
# 
_pdbx_entity_src_syn.entity_id              1 
_pdbx_entity_src_syn.pdbx_src_id            1 
_pdbx_entity_src_syn.pdbx_alt_source_flag   sample 
_pdbx_entity_src_syn.pdbx_beg_seq_num       1 
_pdbx_entity_src_syn.pdbx_end_seq_num       8 
_pdbx_entity_src_syn.organism_scientific    'Lactococcus lactis' 
_pdbx_entity_src_syn.organism_common_name   ? 
_pdbx_entity_src_syn.ncbi_taxonomy_id       1358 
_pdbx_entity_src_syn.details                ? 
# 
_struct_ref.id                         1 
_struct_ref.db_name                    PDB 
_struct_ref.db_code                    6QYU 
_struct_ref.pdbx_db_accession          6QYU 
_struct_ref.pdbx_db_isoform            ? 
_struct_ref.entity_id                  1 
_struct_ref.pdbx_seq_one_letter_code   ? 
_struct_ref.pdbx_align_begin           1 
# 
_struct_ref_seq.align_id                      1 
_struct_ref_seq.ref_id                        1 
_struct_ref_seq.pdbx_PDB_id_code              6QYU 
_struct_ref_seq.pdbx_strand_id                A 
_struct_ref_seq.seq_align_beg                 1 
_struct_ref_seq.pdbx_seq_align_beg_ins_code   ? 
_struct_ref_seq.seq_align_end                 8 
_struct_ref_seq.pdbx_seq_align_end_ins_code   ? 
_struct_ref_seq.pdbx_db_accession             6QYU 
_struct_ref_seq.db_align_beg                  1 
_struct_ref_seq.pdbx_db_align_beg_ins_code    ? 
_struct_ref_seq.db_align_end                  8 
_struct_ref_seq.pdbx_db_align_end_ins_code    ? 
_struct_ref_seq.pdbx_auth_seq_align_beg       1 
_struct_ref_seq.pdbx_auth_seq_align_end       8 
# 
loop_
_chem_comp.id 
_chem_comp.type 
_chem_comp.mon_nstd_flag 
_chem_comp.name 
_chem_comp.pdbx_synonyms 
_chem_comp.formula 
_chem_comp.formula_weight 
ALA 'L-peptide linking' y ALANINE                ?                    'C3 H7 N O2'   89.093  
CYS 'L-peptide linking' y CYSTEINE               ?                    'C3 H7 N O2 S' 121.158 
DAL 'D-peptide linking' . D-ALANINE              ?                    'C3 H7 N O2'   89.093  
DHA 'peptide linking'   n '2-AMINO-ACRYLIC ACID' 2,3-DIDEHYDROALANINE 'C3 H5 N O2'   87.077  
LEU 'L-peptide linking' y LEUCINE                ?                    'C6 H13 N O2'  131.173 
PHE 'L-peptide linking' y PHENYLALANINE          ?                    'C9 H11 N O2'  165.189 
# 
loop_
_pdbx_nmr_exptl.experiment_id 
_pdbx_nmr_exptl.conditions_id 
_pdbx_nmr_exptl.solution_id 
_pdbx_nmr_exptl.type 
_pdbx_nmr_exptl.spectrometer_id 
_pdbx_nmr_exptl.sample_state 
1 1 1 '2D 1H-1H COSY'  1 isotropic 
2 1 1 '2D 1H-1H NOESY' 1 isotropic 
3 1 1 '2D 1H-13C HSQC' 1 isotropic 
4 1 1 '2D 1H-13C HMBC' 1 isotropic 
# 
_pdbx_nmr_exptl_sample_conditions.conditions_id          1 
_pdbx_nmr_exptl_sample_conditions.temperature            298 
_pdbx_nmr_exptl_sample_conditions.pressure_units         atm 
_pdbx_nmr_exptl_sample_conditions.pressure               1 
_pdbx_nmr_exptl_sample_conditions.pH                     5.0 
_pdbx_nmr_exptl_sample_conditions.ionic_strength         'TFA salt' 
_pdbx_nmr_exptl_sample_conditions.details                ? 
_pdbx_nmr_exptl_sample_conditions.ionic_strength_err     ? 
_pdbx_nmr_exptl_sample_conditions.ionic_strength_units   'Not defined' 
_pdbx_nmr_exptl_sample_conditions.label                  DMSO_rt 
_pdbx_nmr_exptl_sample_conditions.pH_err                 ? 
_pdbx_nmr_exptl_sample_conditions.pH_units               pH 
_pdbx_nmr_exptl_sample_conditions.pressure_err           ? 
_pdbx_nmr_exptl_sample_conditions.temperature_err        ? 
_pdbx_nmr_exptl_sample_conditions.temperature_units      K 
# 
_pdbx_nmr_sample_details.solution_id      1 
_pdbx_nmr_sample_details.contents         '5.0 mg/mL Mutacin I Ring A, DMSO' 
_pdbx_nmr_sample_details.solvent_system   DMSO 
_pdbx_nmr_sample_details.label            sample_1 
_pdbx_nmr_sample_details.type             'lyophilized powder' 
_pdbx_nmr_sample_details.details          ? 
# 
_pdbx_nmr_spectrometer.spectrometer_id   1 
_pdbx_nmr_spectrometer.model             AVANCE 
_pdbx_nmr_spectrometer.type              ? 
_pdbx_nmr_spectrometer.manufacturer      Bruker 
_pdbx_nmr_spectrometer.field_strength    600 
_pdbx_nmr_spectrometer.details           ? 
# 
_pdbx_nmr_refine.entry_id           6QYU 
_pdbx_nmr_refine.method             'simulated annealing' 
_pdbx_nmr_refine.details            ? 
_pdbx_nmr_refine.software_ordinal   2 
# 
_pdbx_nmr_ensemble.entry_id                                      6QYU 
_pdbx_nmr_ensemble.conformers_calculated_total_number            250 
_pdbx_nmr_ensemble.conformers_submitted_total_number             15 
_pdbx_nmr_ensemble.conformer_selection_criteria                  'structures with the lowest energy' 
_pdbx_nmr_ensemble.representative_conformer                      ? 
_pdbx_nmr_ensemble.average_constraints_per_residue               ? 
_pdbx_nmr_ensemble.average_constraint_violations_per_residue     ? 
_pdbx_nmr_ensemble.maximum_distance_constraint_violation         ? 
_pdbx_nmr_ensemble.average_distance_constraint_violation         ? 
_pdbx_nmr_ensemble.maximum_upper_distance_constraint_violation   ? 
_pdbx_nmr_ensemble.maximum_lower_distance_constraint_violation   ? 
_pdbx_nmr_ensemble.distance_constraint_violation_method          ? 
_pdbx_nmr_ensemble.maximum_torsion_angle_constraint_violation    ? 
_pdbx_nmr_ensemble.average_torsion_angle_constraint_violation    ? 
_pdbx_nmr_ensemble.torsion_angle_constraint_violation_method     ? 
# 
_pdbx_nmr_representative.entry_id             6QYU 
_pdbx_nmr_representative.conformer_id         1 
_pdbx_nmr_representative.selection_criteria   'closest to the average' 
# 
loop_
_pdbx_nmr_software.ordinal 
_pdbx_nmr_software.classification 
_pdbx_nmr_software.name 
_pdbx_nmr_software.version 
_pdbx_nmr_software.authors 
1 'structure calculation'     Xplor-NIH         2.45 'Schwieters, Kuszewski, Tjandra and Clore' 
2 refinement                  Xplor-NIH         2.45 'Schwieters, Kuszewski, Tjandra and Clore' 
3 'chemical shift assignment' 'CcpNmr Analysis' ?    CCPN                                       
4 'peak picking'              'CcpNmr Analysis' ?    CCPN                                       
# 
_exptl.absorpt_coefficient_mu     ? 
_exptl.absorpt_correction_T_max   ? 
_exptl.absorpt_correction_T_min   ? 
_exptl.absorpt_correction_type    ? 
_exptl.absorpt_process_details    ? 
_exptl.entry_id                   6QYU 
_exptl.crystals_number            ? 
_exptl.details                    ? 
_exptl.method                     'SOLUTION NMR' 
_exptl.method_details             ? 
# 
_struct.entry_id                     6QYU 
_struct.title                        
'Solution NMR of synthetic analogues of nisin and mutacin ring A and ring B - Mutacin I Ring A' 
_struct.pdbx_model_details           ? 
_struct.pdbx_formula_weight          ? 
_struct.pdbx_formula_weight_method   ? 
_struct.pdbx_model_type_details      ? 
_struct.pdbx_CASP_flag               N 
# 
_struct_keywords.entry_id        6QYU 
_struct_keywords.text            'PEPTIDE ANTIBIOTIC, LANTIBIOTIC, ANTIMICROBIAL, BACTERIOCIN, THIOESTER, ANTIBIOTIC' 
_struct_keywords.pdbx_keywords   ANTIBIOTIC 
# 
_struct_asym.id                            A 
_struct_asym.pdbx_blank_PDB_chainid_flag   N 
_struct_asym.pdbx_modified                 N 
_struct_asym.entity_id                     1 
_struct_asym.details                       ? 
# 
loop_
_struct_conn.id 
_struct_conn.conn_type_id 
_struct_conn.pdbx_leaving_atom_flag 
_struct_conn.pdbx_PDB_id 
_struct_conn.ptnr1_label_asym_id 
_struct_conn.ptnr1_label_comp_id 
_struct_conn.ptnr1_label_seq_id 
_struct_conn.ptnr1_label_atom_id 
_struct_conn.pdbx_ptnr1_label_alt_id 
_struct_conn.pdbx_ptnr1_PDB_ins_code 
_struct_conn.pdbx_ptnr1_standard_comp_id 
_struct_conn.ptnr1_symmetry 
_struct_conn.ptnr2_label_asym_id 
_struct_conn.ptnr2_label_comp_id 
_struct_conn.ptnr2_label_seq_id 
_struct_conn.ptnr2_label_atom_id 
_struct_conn.pdbx_ptnr2_label_alt_id 
_struct_conn.pdbx_ptnr2_PDB_ins_code 
_struct_conn.ptnr1_auth_asym_id 
_struct_conn.ptnr1_auth_comp_id 
_struct_conn.ptnr1_auth_seq_id 
_struct_conn.ptnr2_auth_asym_id 
_struct_conn.ptnr2_auth_comp_id 
_struct_conn.ptnr2_auth_seq_id 
_struct_conn.ptnr2_symmetry 
_struct_conn.pdbx_ptnr3_label_atom_id 
_struct_conn.pdbx_ptnr3_label_seq_id 
_struct_conn.pdbx_ptnr3_label_comp_id 
_struct_conn.pdbx_ptnr3_label_asym_id 
_struct_conn.pdbx_ptnr3_label_alt_id 
_struct_conn.pdbx_ptnr3_PDB_ins_code 
_struct_conn.details 
_struct_conn.pdbx_dist_value 
_struct_conn.pdbx_value_order 
_struct_conn.pdbx_role 
covale1 covale both ? A PHE 1 C  ? ? ? 1_555 A DHA 2 N  ? ? A PHE 1 A DHA 2 1_555 ? ? ? ? ? ? ? 1.347 ? ? 
covale2 covale both ? A DHA 2 C  ? ? ? 1_555 A DAL 3 N  ? ? A DHA 2 A DAL 3 1_555 ? ? ? ? ? ? ? 1.339 ? ? 
covale3 covale both ? A DAL 3 C  ? ? ? 1_555 A LEU 4 N  ? ? A DAL 3 A LEU 4 1_555 ? ? ? ? ? ? ? 1.330 ? ? 
covale4 covale none ? A DAL 3 CB ? ? ? 1_555 A CYS 7 SG ? ? A DAL 3 A CYS 7 1_555 ? ? ? ? ? ? ? 1.813 ? ? 
covale5 covale both ? A LEU 4 C  ? ? ? 1_555 A DHA 5 N  ? ? A LEU 4 A DHA 5 1_555 ? ? ? ? ? ? ? 1.345 ? ? 
covale6 covale both ? A DHA 5 C  ? ? ? 1_555 A LEU 6 N  ? ? A DHA 5 A LEU 6 1_555 ? ? ? ? ? ? ? 1.331 ? ? 
# 
_struct_conn_type.id          covale 
_struct_conn_type.criteria    ? 
_struct_conn_type.reference   ? 
# 
_atom_sites.entry_id                    6QYU 
_atom_sites.fract_transf_matrix[1][1]   1.000000 
_atom_sites.fract_transf_matrix[1][2]   0.000000 
_atom_sites.fract_transf_matrix[1][3]   0.000000 
_atom_sites.fract_transf_matrix[2][1]   0.000000 
_atom_sites.fract_transf_matrix[2][2]   1.000000 
_atom_sites.fract_transf_matrix[2][3]   0.000000 
_atom_sites.fract_transf_matrix[3][1]   0.000000 
_atom_sites.fract_transf_matrix[3][2]   0.000000 
_atom_sites.fract_transf_matrix[3][3]   1.000000 
_atom_sites.fract_transf_vector[1]      0.00000 
_atom_sites.fract_transf_vector[2]      0.00000 
_atom_sites.fract_transf_vector[3]      0.00000 
# 
loop_
_atom_type.symbol 
C 
H 
N 
O 
S 
# 
loop_
_atom_site.group_PDB 
_atom_site.id 
_atom_site.type_symbol 
_atom_site.label_atom_id 
_atom_site.label_alt_id 
_atom_site.label_comp_id 
_atom_site.label_asym_id 
_atom_site.label_entity_id 
_atom_site.label_seq_id 
_atom_site.pdbx_PDB_ins_code 
_atom_site.Cartn_x 
_atom_site.Cartn_y 
_atom_site.Cartn_z 
_atom_site.occupancy 
_atom_site.B_iso_or_equiv 
_atom_site.pdbx_formal_charge 
_atom_site.auth_seq_id 
_atom_site.auth_comp_id 
_atom_site.auth_asym_id 
_atom_site.auth_atom_id 
_atom_site.pdbx_PDB_model_num 
ATOM   1    N N    . PHE A 1 1 ? 5.935  3.267  -0.700  1.00 0.00 1 1 PHE A N    1  
ATOM   2    C CA   . PHE A 1 1 ? 5.233  3.369  -2.011  1.00 0.00 ? 1 PHE A CA   1  
ATOM   3    C C    . PHE A 1 1 ? 3.873  4.031  -1.810  1.00 0.00 ? 1 PHE A C    1  
ATOM   4    O O    . PHE A 1 1 ? 3.786  5.157  -1.319  1.00 0.00 ? 1 PHE A O    1  
ATOM   5    C CB   . PHE A 1 1 ? 5.048  1.970  -2.597  1.00 0.00 ? 1 PHE A CB   1  
ATOM   6    C CG   . PHE A 1 1 ? 6.397  1.385  -2.938  1.00 0.00 ? 1 PHE A CG   1  
ATOM   7    C CD1  . PHE A 1 1 ? 7.052  0.555  -2.022  1.00 0.00 ? 1 PHE A CD1  1  
ATOM   8    C CD2  . PHE A 1 1 ? 6.991  1.672  -4.173  1.00 0.00 ? 1 PHE A CD2  1  
ATOM   9    C CE1  . PHE A 1 1 ? 8.303  0.013  -2.339  1.00 0.00 ? 1 PHE A CE1  1  
ATOM   10   C CE2  . PHE A 1 1 ? 8.243  1.129  -4.490  1.00 0.00 ? 1 PHE A CE2  1  
ATOM   11   C CZ   . PHE A 1 1 ? 8.898  0.299  -3.573  1.00 0.00 ? 1 PHE A CZ   1  
ATOM   12   H H1   . PHE A 1 1 ? 5.464  3.879  -0.005  1.00 0.00 ? 1 PHE A H1   1  
ATOM   13   H H2   . PHE A 1 1 ? 6.925  3.567  -0.814  1.00 0.00 ? 1 PHE A H2   1  
ATOM   14   H H3   . PHE A 1 1 ? 5.907  2.282  -0.368  1.00 0.00 ? 1 PHE A H3   1  
ATOM   15   H HA   . PHE A 1 1 ? 5.826  3.967  -2.688  1.00 0.00 ? 1 PHE A HA   1  
ATOM   16   H HB2  . PHE A 1 1 ? 4.554  1.340  -1.874  1.00 0.00 ? 1 PHE A HB2  1  
ATOM   17   H HB3  . PHE A 1 1 ? 4.447  2.034  -3.491  1.00 0.00 ? 1 PHE A HB3  1  
ATOM   18   H HD1  . PHE A 1 1 ? 6.593  0.334  -1.069  1.00 0.00 ? 1 PHE A HD1  1  
ATOM   19   H HD2  . PHE A 1 1 ? 6.485  2.312  -4.879  1.00 0.00 ? 1 PHE A HD2  1  
ATOM   20   H HE1  . PHE A 1 1 ? 8.809  -0.629 -1.631  1.00 0.00 ? 1 PHE A HE1  1  
ATOM   21   H HE2  . PHE A 1 1 ? 8.701  1.350  -5.442  1.00 0.00 ? 1 PHE A HE2  1  
ATOM   22   H HZ   . PHE A 1 1 ? 9.863  -0.119 -3.818  1.00 0.00 ? 1 PHE A HZ   1  
HETATM 23   N N    . DHA A 1 2 ? 2.792  3.324  -2.194  1.00 0.00 ? 2 DHA A N    1  
HETATM 24   C CA   . DHA A 1 2 ? 1.522  3.867  -2.040  1.00 0.00 ? 2 DHA A CA   1  
HETATM 25   C CB   . DHA A 1 2 ? 1.080  5.081  -2.353  1.00 0.00 ? 2 DHA A CB   1  
HETATM 26   C C    . DHA A 1 2 ? 0.588  2.907  -1.445  1.00 0.00 ? 2 DHA A C    1  
HETATM 27   O O    . DHA A 1 2 ? 0.764  2.418  -0.331  1.00 0.00 ? 2 DHA A O    1  
HETATM 28   H H    . DHA A 1 2 ? 2.850  2.427  -2.584  1.00 0.00 ? 2 DHA A H    1  
HETATM 29   H HB1  . DHA A 1 2 ? 1.733  5.781  -2.789  1.00 0.00 ? 2 DHA A HB1  1  
HETATM 30   H HB2  . DHA A 1 2 ? 0.053  5.359  -2.164  1.00 0.00 ? 2 DHA A HB2  1  
HETATM 31   N N    . DAL A 1 3 ? -0.489 2.637  -2.194  1.00 0.00 ? 3 DAL A N    1  
HETATM 32   C CA   . DAL A 1 3 ? -1.483 1.737  -1.671  1.00 0.00 ? 3 DAL A CA   1  
HETATM 33   C CB   . DAL A 1 3 ? -1.664 2.051  -0.186  1.00 0.00 ? 3 DAL A CB   1  
HETATM 34   C C    . DAL A 1 3 ? -1.074 0.277  -1.893  1.00 0.00 ? 3 DAL A C    1  
HETATM 35   O O    . DAL A 1 3 ? -1.906 -0.627 -1.827  1.00 0.00 ? 3 DAL A O    1  
HETATM 36   H H    . DAL A 1 3 ? -0.632 3.051  -3.072  1.00 0.00 ? 3 DAL A H    1  
HETATM 37   H HA   . DAL A 1 3 ? -2.410 1.919  -2.174  1.00 0.00 ? 3 DAL A HA   1  
HETATM 38   H HB1  . DAL A 1 3 ? -1.389 3.082  -0.009  1.00 0.00 ? 3 DAL A HB1  1  
HETATM 39   H HB2  . DAL A 1 3 ? -1.023 1.416  0.392   1.00 0.00 ? 3 DAL A HB2  1  
ATOM   40   N N    . LEU A 1 4 ? 0.201  0.054  -2.198  1.00 0.00 ? 4 LEU A N    1  
ATOM   41   C CA   . LEU A 1 4 ? 0.679  -1.307 -2.456  1.00 0.00 ? 4 LEU A CA   1  
ATOM   42   C C    . LEU A 1 4 ? 1.312  -1.948 -1.219  1.00 0.00 ? 4 LEU A C    1  
ATOM   43   O O    . LEU A 1 4 ? 1.547  -3.157 -1.197  1.00 0.00 ? 4 LEU A O    1  
ATOM   44   C CB   . LEU A 1 4 ? 1.695  -1.297 -3.594  1.00 0.00 ? 4 LEU A CB   1  
ATOM   45   C CG   . LEU A 1 4 ? 2.461  0.024  -3.597  1.00 0.00 ? 4 LEU A CG   1  
ATOM   46   C CD1  . LEU A 1 4 ? 3.750  -0.140 -4.408  1.00 0.00 ? 4 LEU A CD1  1  
ATOM   47   C CD2  . LEU A 1 4 ? 1.596  1.113  -4.234  1.00 0.00 ? 4 LEU A CD2  1  
ATOM   48   H H    . LEU A 1 4 ? 0.821  0.810  -2.281  1.00 0.00 ? 4 LEU A H    1  
ATOM   49   H HA   . LEU A 1 4 ? -0.164 -1.911 -2.758  1.00 0.00 ? 4 LEU A HA   1  
ATOM   50   H HB2  . LEU A 1 4 ? 2.386  -2.116 -3.466  1.00 0.00 ? 4 LEU A HB2  1  
ATOM   51   H HB3  . LEU A 1 4 ? 1.176  -1.407 -4.529  1.00 0.00 ? 4 LEU A HB3  1  
ATOM   52   H HG   . LEU A 1 4 ? 2.707  0.301  -2.583  1.00 0.00 ? 4 LEU A HG   1  
ATOM   53   H HD11 . LEU A 1 4 ? 4.599  -0.142 -3.740  1.00 0.00 ? 4 LEU A HD11 1  
ATOM   54   H HD12 . LEU A 1 4 ? 3.842  0.678  -5.108  1.00 0.00 ? 4 LEU A HD12 1  
ATOM   55   H HD13 . LEU A 1 4 ? 3.717  -1.074 -4.950  1.00 0.00 ? 4 LEU A HD13 1  
ATOM   56   H HD21 . LEU A 1 4 ? 0.593  0.739  -4.378  1.00 0.00 ? 4 LEU A HD21 1  
ATOM   57   H HD22 . LEU A 1 4 ? 2.014  1.396  -5.189  1.00 0.00 ? 4 LEU A HD22 1  
ATOM   58   H HD23 . LEU A 1 4 ? 1.567  1.976  -3.585  1.00 0.00 ? 4 LEU A HD23 1  
HETATM 59   N N    . DHA A 1 5 ? 1.594  -1.150 -0.175  1.00 0.00 ? 5 DHA A N    1  
HETATM 60   C CA   . DHA A 1 5 ? 2.171  -1.694 0.972   1.00 0.00 ? 5 DHA A CA   1  
HETATM 61   C CB   . DHA A 1 5 ? 3.032  -2.671 1.090   1.00 0.00 ? 5 DHA A CB   1  
HETATM 62   C C    . DHA A 1 5 ? 1.675  -1.067 2.175   1.00 0.00 ? 5 DHA A C    1  
HETATM 63   O O    . DHA A 1 5 ? 2.273  -0.158 2.722   1.00 0.00 ? 5 DHA A O    1  
HETATM 64   H H    . DHA A 1 5 ? 1.411  -0.192 -0.171  1.00 0.00 ? 5 DHA A H    1  
HETATM 65   H HB1  . DHA A 1 5 ? 3.386  -3.137 0.234   1.00 0.00 ? 5 DHA A HB1  1  
HETATM 66   H HB2  . DHA A 1 5 ? 3.385  -2.981 2.064   1.00 0.00 ? 5 DHA A HB2  1  
ATOM   67   N N    . LEU A 1 6 ? 0.545  -1.609 2.621   1.00 0.00 ? 6 LEU A N    1  
ATOM   68   C CA   . LEU A 1 6 ? -0.099 -1.120 3.834   1.00 0.00 ? 6 LEU A CA   1  
ATOM   69   C C    . LEU A 1 6 ? -1.597 -1.037 3.611   1.00 0.00 ? 6 LEU A C    1  
ATOM   70   O O    . LEU A 1 6 ? -2.400 -1.511 4.412   1.00 0.00 ? 6 LEU A O    1  
ATOM   71   C CB   . LEU A 1 6 ? 0.427  0.265  4.217   1.00 0.00 ? 6 LEU A CB   1  
ATOM   72   C CG   . LEU A 1 6 ? 0.268  1.244  3.035   1.00 0.00 ? 6 LEU A CG   1  
ATOM   73   C CD1  . LEU A 1 6 ? -0.893 2.196  3.329   1.00 0.00 ? 6 LEU A CD1  1  
ATOM   74   C CD2  . LEU A 1 6 ? 1.548  2.070  2.808   1.00 0.00 ? 6 LEU A CD2  1  
ATOM   75   H H    . LEU A 1 6 ? 0.142  -2.367 2.141   1.00 0.00 ? 6 LEU A H    1  
ATOM   76   H HA   . LEU A 1 6 ? 0.105  -1.810 4.631   1.00 0.00 ? 6 LEU A HA   1  
ATOM   77   H HB2  . LEU A 1 6 ? -0.142 0.633  5.058   1.00 0.00 ? 6 LEU A HB2  1  
ATOM   78   H HB3  . LEU A 1 6 ? 1.460  0.179  4.494   1.00 0.00 ? 6 LEU A HB3  1  
ATOM   79   H HG   . LEU A 1 6 ? 0.046  0.687  2.142   1.00 0.00 ? 6 LEU A HG   1  
ATOM   80   H HD11 . LEU A 1 6 ? -0.636 2.827  4.168   1.00 0.00 ? 6 LEU A HD11 1  
ATOM   81   H HD12 . LEU A 1 6 ? -1.777 1.622  3.569   1.00 0.00 ? 6 LEU A HD12 1  
ATOM   82   H HD13 . LEU A 1 6 ? -1.088 2.810  2.462   1.00 0.00 ? 6 LEU A HD13 1  
ATOM   83   H HD21 . LEU A 1 6 ? 1.303  3.118  2.804   1.00 0.00 ? 6 LEU A HD21 1  
ATOM   84   H HD22 . LEU A 1 6 ? 1.979  1.803  1.851   1.00 0.00 ? 6 LEU A HD22 1  
ATOM   85   H HD23 . LEU A 1 6 ? 2.266  1.870  3.588   1.00 0.00 ? 6 LEU A HD23 1  
ATOM   86   N N    . CYS A 1 7 ? -1.940 -0.436 2.492   1.00 0.00 ? 7 CYS A N    1  
ATOM   87   C CA   . CYS A 1 7 ? -3.314 -0.265 2.080   1.00 0.00 ? 7 CYS A CA   1  
ATOM   88   C C    . CYS A 1 7 ? -4.129 -1.520 2.359   1.00 0.00 ? 7 CYS A C    1  
ATOM   89   O O    . CYS A 1 7 ? -5.357 -1.505 2.288   1.00 0.00 ? 7 CYS A O    1  
ATOM   90   C CB   . CYS A 1 7 ? -3.285 0.027  0.592   1.00 0.00 ? 7 CYS A CB   1  
ATOM   91   S SG   . CYS A 1 7 ? -3.393 1.805  0.303   1.00 0.00 ? 7 CYS A SG   1  
ATOM   92   H H    . CYS A 1 7 ? -1.234 -0.101 1.908   1.00 0.00 ? 7 CYS A H    1  
ATOM   93   H HA   . CYS A 1 7 ? -3.748 0.566  2.602   1.00 0.00 ? 7 CYS A HA   1  
ATOM   94   H HB2  . CYS A 1 7 ? -2.345 -0.333 0.209   1.00 0.00 ? 7 CYS A HB2  1  
ATOM   95   H HB3  . CYS A 1 7 ? -4.101 -0.474 0.093   1.00 0.00 ? 7 CYS A HB3  1  
ATOM   96   N N    . ALA A 1 8 ? -3.433 -2.601 2.678   1.00 0.00 ? 8 ALA A N    1  
ATOM   97   C CA   . ALA A 1 8 ? -4.088 -3.863 2.975   1.00 0.00 ? 8 ALA A CA   1  
ATOM   98   C C    . ALA A 1 8 ? -5.503 -3.631 3.499   1.00 0.00 ? 8 ALA A C    1  
ATOM   99   O O    . ALA A 1 8 ? -5.667 -2.753 4.330   1.00 0.00 ? 8 ALA A O    1  
ATOM   100  C CB   . ALA A 1 8 ? -3.272 -4.613 4.020   1.00 0.00 ? 8 ALA A CB   1  
ATOM   101  O OXT  . ALA A 1 8 ? -6.397 -4.335 3.062   1.00 0.00 ? 8 ALA A OXT  1  
ATOM   102  H H    . ALA A 1 8 ? -2.457 -2.548 2.720   1.00 0.00 ? 8 ALA A H    1  
ATOM   103  H HA   . ALA A 1 8 ? -4.137 -4.457 2.076   1.00 0.00 ? 8 ALA A HA   1  
ATOM   104  H HB1  . ALA A 1 8 ? -2.472 -5.149 3.533   1.00 0.00 ? 8 ALA A HB1  1  
ATOM   105  H HB2  . ALA A 1 8 ? -3.909 -5.307 4.543   1.00 0.00 ? 8 ALA A HB2  1  
ATOM   106  H HB3  . ALA A 1 8 ? -2.857 -3.904 4.722   1.00 0.00 ? 8 ALA A HB3  1  
ATOM   107  N N    . PHE A 1 1 ? 3.878  0.974  -5.324  1.00 0.00 1 1 PHE A N    2  
ATOM   108  C CA   . PHE A 1 1 ? 4.182  2.133  -4.436  1.00 0.00 ? 1 PHE A CA   2  
ATOM   109  C C    . PHE A 1 1 ? 2.878  2.801  -4.011  1.00 0.00 ? 1 PHE A C    2  
ATOM   110  O O    . PHE A 1 1 ? 2.019  3.094  -4.843  1.00 0.00 ? 1 PHE A O    2  
ATOM   111  C CB   . PHE A 1 1 ? 5.061  3.133  -5.192  1.00 0.00 ? 1 PHE A CB   2  
ATOM   112  C CG   . PHE A 1 1 ? 6.496  2.662  -5.166  1.00 0.00 ? 1 PHE A CG   2  
ATOM   113  C CD1  . PHE A 1 1 ? 7.480  3.450  -4.556  1.00 0.00 ? 1 PHE A CD1  2  
ATOM   114  C CD2  . PHE A 1 1 ? 6.842  1.440  -5.753  1.00 0.00 ? 1 PHE A CD2  2  
ATOM   115  C CE1  . PHE A 1 1 ? 8.811  3.014  -4.533  1.00 0.00 ? 1 PHE A CE1  2  
ATOM   116  C CE2  . PHE A 1 1 ? 8.173  1.004  -5.731  1.00 0.00 ? 1 PHE A CE2  2  
ATOM   117  C CZ   . PHE A 1 1 ? 9.157  1.792  -5.120  1.00 0.00 ? 1 PHE A CZ   2  
ATOM   118  H H1   . PHE A 1 1 ? 3.013  0.502  -4.993  1.00 0.00 ? 1 PHE A H1   2  
ATOM   119  H H2   . PHE A 1 1 ? 4.672  0.302  -5.298  1.00 0.00 ? 1 PHE A H2   2  
ATOM   120  H H3   . PHE A 1 1 ? 3.738  1.309  -6.298  1.00 0.00 ? 1 PHE A H3   2  
ATOM   121  H HA   . PHE A 1 1 ? 4.709  1.784  -3.560  1.00 0.00 ? 1 PHE A HA   2  
ATOM   122  H HB2  . PHE A 1 1 ? 4.724  3.207  -6.215  1.00 0.00 ? 1 PHE A HB2  2  
ATOM   123  H HB3  . PHE A 1 1 ? 4.992  4.102  -4.718  1.00 0.00 ? 1 PHE A HB3  2  
ATOM   124  H HD1  . PHE A 1 1 ? 7.214  4.393  -4.102  1.00 0.00 ? 1 PHE A HD1  2  
ATOM   125  H HD2  . PHE A 1 1 ? 6.083  0.832  -6.225  1.00 0.00 ? 1 PHE A HD2  2  
ATOM   126  H HE1  . PHE A 1 1 ? 9.571  3.620  -4.062  1.00 0.00 ? 1 PHE A HE1  2  
ATOM   127  H HE2  . PHE A 1 1 ? 8.441  0.062  -6.183  1.00 0.00 ? 1 PHE A HE2  2  
ATOM   128  H HZ   . PHE A 1 1 ? 10.183 1.455  -5.103  1.00 0.00 ? 1 PHE A HZ   2  
HETATM 129  N N    . DHA A 1 2 ? 2.729  3.047  -2.698  1.00 0.00 ? 2 DHA A N    2  
HETATM 130  C CA   . DHA A 1 2 ? 1.569  3.655  -2.231  1.00 0.00 ? 2 DHA A CA   2  
HETATM 131  C CB   . DHA A 1 2 ? 1.202  4.932  -2.280  1.00 0.00 ? 2 DHA A CB   2  
HETATM 132  C C    . DHA A 1 2 ? 0.659  2.682  -1.621  1.00 0.00 ? 2 DHA A C    2  
HETATM 133  O O    . DHA A 1 2 ? 0.958  2.018  -0.628  1.00 0.00 ? 2 DHA A O    2  
HETATM 134  H H    . DHA A 1 2 ? 3.409  2.817  -2.032  1.00 0.00 ? 2 DHA A H    2  
HETATM 135  H HB1  . DHA A 1 2 ? 1.837  5.644  -2.723  1.00 0.00 ? 2 DHA A HB1  2  
HETATM 136  H HB2  . DHA A 1 2 ? 0.257  5.247  -1.861  1.00 0.00 ? 2 DHA A HB2  2  
HETATM 137  N N    . DAL A 1 3 ? -0.534 2.601  -2.213  1.00 0.00 ? 3 DAL A N    2  
HETATM 138  C CA   . DAL A 1 3 ? -1.509 1.698  -1.667  1.00 0.00 ? 3 DAL A CA   2  
HETATM 139  C CB   . DAL A 1 3 ? -1.675 2.017  -0.183  1.00 0.00 ? 3 DAL A CB   2  
HETATM 140  C C    . DAL A 1 3 ? -1.073 0.249  -1.888  1.00 0.00 ? 3 DAL A C    2  
HETATM 141  O O    . DAL A 1 3 ? -1.885 -0.672 -1.821  1.00 0.00 ? 3 DAL A O    2  
HETATM 142  H H    . DAL A 1 3 ? -0.767 3.148  -2.992  1.00 0.00 ? 3 DAL A H    2  
HETATM 143  H HA   . DAL A 1 3 ? -2.441 1.863  -2.162  1.00 0.00 ? 3 DAL A HA   2  
HETATM 144  H HB1  . DAL A 1 3 ? -1.376 3.040  -0.005  1.00 0.00 ? 3 DAL A HB1  2  
HETATM 145  H HB2  . DAL A 1 3 ? -1.049 1.367  0.394   1.00 0.00 ? 3 DAL A HB2  2  
ATOM   146  N N    . LEU A 1 4 ? 0.207  0.062  -2.202  1.00 0.00 ? 4 LEU A N    2  
ATOM   147  C CA   . LEU A 1 4 ? 0.730  -1.277 -2.475  1.00 0.00 ? 4 LEU A CA   2  
ATOM   148  C C    . LEU A 1 4 ? 1.362  -1.931 -1.240  1.00 0.00 ? 4 LEU A C    2  
ATOM   149  O O    . LEU A 1 4 ? 1.627  -3.133 -1.246  1.00 0.00 ? 4 LEU A O    2  
ATOM   150  C CB   . LEU A 1 4 ? 1.770  -1.206 -3.594  1.00 0.00 ? 4 LEU A CB   2  
ATOM   151  C CG   . LEU A 1 4 ? 1.570  -2.382 -4.551  1.00 0.00 ? 4 LEU A CG   2  
ATOM   152  C CD1  . LEU A 1 4 ? 2.465  -2.201 -5.777  1.00 0.00 ? 4 LEU A CD1  2  
ATOM   153  C CD2  . LEU A 1 4 ? 1.941  -3.686 -3.839  1.00 0.00 ? 4 LEU A CD2  2  
ATOM   154  H H    . LEU A 1 4 ? 0.801  0.840  -2.284  1.00 0.00 ? 4 LEU A H    2  
ATOM   155  H HA   . LEU A 1 4 ? -0.086 -1.899 -2.810  1.00 0.00 ? 4 LEU A HA   2  
ATOM   156  H HB2  . LEU A 1 4 ? 1.654  -0.277 -4.133  1.00 0.00 ? 4 LEU A HB2  2  
ATOM   157  H HB3  . LEU A 1 4 ? 2.760  -1.253 -3.169  1.00 0.00 ? 4 LEU A HB3  2  
ATOM   158  H HG   . LEU A 1 4 ? 0.535  -2.421 -4.862  1.00 0.00 ? 4 LEU A HG   2  
ATOM   159  H HD11 . LEU A 1 4 ? 3.497  -2.338 -5.494  1.00 0.00 ? 4 LEU A HD11 2  
ATOM   160  H HD12 . LEU A 1 4 ? 2.331  -1.205 -6.177  1.00 0.00 ? 4 LEU A HD12 2  
ATOM   161  H HD13 . LEU A 1 4 ? 2.198  -2.928 -6.529  1.00 0.00 ? 4 LEU A HD13 2  
ATOM   162  H HD21 . LEU A 1 4 ? 2.178  -4.443 -4.574  1.00 0.00 ? 4 LEU A HD21 2  
ATOM   163  H HD22 . LEU A 1 4 ? 1.109  -4.018 -3.237  1.00 0.00 ? 4 LEU A HD22 2  
ATOM   164  H HD23 . LEU A 1 4 ? 2.800  -3.518 -3.206  1.00 0.00 ? 4 LEU A HD23 2  
HETATM 165  N N    . DHA A 1 5 ? 1.607  -1.156 -0.165  1.00 0.00 ? 5 DHA A N    2  
HETATM 166  C CA   . DHA A 1 5 ? 2.180  -1.726 0.971   1.00 0.00 ? 5 DHA A CA   2  
HETATM 167  C CB   . DHA A 1 5 ? 3.025  -2.720 1.071   1.00 0.00 ? 5 DHA A CB   2  
HETATM 168  C C    . DHA A 1 5 ? 1.697  -1.108 2.184   1.00 0.00 ? 5 DHA A C    2  
HETATM 169  O O    . DHA A 1 5 ? 2.332  -0.248 2.772   1.00 0.00 ? 5 DHA A O    2  
HETATM 170  H H    . DHA A 1 5 ? 1.403  -0.199 -0.132  1.00 0.00 ? 5 DHA A H    2  
HETATM 171  H HB1  . DHA A 1 5 ? 3.368  -3.181 0.206   1.00 0.00 ? 5 DHA A HB1  2  
HETATM 172  H HB2  . DHA A 1 5 ? 3.376  -3.051 2.038   1.00 0.00 ? 5 DHA A HB2  2  
ATOM   173  N N    . LEU A 1 6 ? 0.533  -1.604 2.594   1.00 0.00 ? 6 LEU A N    2  
ATOM   174  C CA   . LEU A 1 6 ? -0.100 -1.117 3.811   1.00 0.00 ? 6 LEU A CA   2  
ATOM   175  C C    . LEU A 1 6 ? -1.603 -1.042 3.607   1.00 0.00 ? 6 LEU A C    2  
ATOM   176  O O    . LEU A 1 6 ? -2.394 -1.556 4.398   1.00 0.00 ? 6 LEU A O    2  
ATOM   177  C CB   . LEU A 1 6 ? 0.430  0.270  4.181   1.00 0.00 ? 6 LEU A CB   2  
ATOM   178  C CG   . LEU A 1 6 ? 0.323  1.225  2.975   1.00 0.00 ? 6 LEU A CG   2  
ATOM   179  C CD1  . LEU A 1 6 ? -0.811 2.222  3.221   1.00 0.00 ? 6 LEU A CD1  2  
ATOM   180  C CD2  . LEU A 1 6 ? 1.635  2.006  2.757   1.00 0.00 ? 6 LEU A CD2  2  
ATOM   181  H H    . LEU A 1 6 ? 0.099  -2.324 2.086   1.00 0.00 ? 6 LEU A H    2  
ATOM   182  H HA   . LEU A 1 6 ? 0.117  -1.804 4.607   1.00 0.00 ? 6 LEU A HA   2  
ATOM   183  H HB2  . LEU A 1 6 ? -0.162 0.663  4.996   1.00 0.00 ? 6 LEU A HB2  2  
ATOM   184  H HB3  . LEU A 1 6 ? 1.452  0.175  4.492   1.00 0.00 ? 6 LEU A HB3  2  
ATOM   185  H HG   . LEU A 1 6 ? 0.100  0.658  2.090   1.00 0.00 ? 6 LEU A HG   2  
ATOM   186  H HD11 . LEU A 1 6 ? -1.091 2.686  2.289   1.00 0.00 ? 6 LEU A HD11 2  
ATOM   187  H HD12 . LEU A 1 6 ? -0.478 2.981  3.916   1.00 0.00 ? 6 LEU A HD12 2  
ATOM   188  H HD13 . LEU A 1 6 ? -1.662 1.703  3.636   1.00 0.00 ? 6 LEU A HD13 2  
ATOM   189  H HD21 . LEU A 1 6 ? 2.321  1.818  3.565   1.00 0.00 ? 6 LEU A HD21 2  
ATOM   190  H HD22 . LEU A 1 6 ? 1.421  3.061  2.708   1.00 0.00 ? 6 LEU A HD22 2  
ATOM   191  H HD23 . LEU A 1 6 ? 2.085  1.693  1.824   1.00 0.00 ? 6 LEU A HD23 2  
ATOM   192  N N    . CYS A 1 7 ? -1.965 -0.402 2.516   1.00 0.00 ? 7 CYS A N    2  
ATOM   193  C CA   . CYS A 1 7 ? -3.347 -0.228 2.120   1.00 0.00 ? 7 CYS A CA   2  
ATOM   194  C C    . CYS A 1 7 ? -4.171 -1.468 2.433   1.00 0.00 ? 7 CYS A C    2  
ATOM   195  O O    . CYS A 1 7 ? -5.390 -1.394 2.587   1.00 0.00 ? 7 CYS A O    2  
ATOM   196  C CB   . CYS A 1 7 ? -3.341 0.036  0.624   1.00 0.00 ? 7 CYS A CB   2  
ATOM   197  S SG   . CYS A 1 7 ? -3.408 1.811  0.309   1.00 0.00 ? 7 CYS A SG   2  
ATOM   198  H H    . CYS A 1 7 ? -1.268 -0.037 1.940   1.00 0.00 ? 7 CYS A H    2  
ATOM   199  H HA   . CYS A 1 7 ? -3.767 0.619  2.626   1.00 0.00 ? 7 CYS A HA   2  
ATOM   200  H HB2  . CYS A 1 7 ? -2.419 -0.356 0.224   1.00 0.00 ? 7 CYS A HB2  2  
ATOM   201  H HB3  . CYS A 1 7 ? -4.180 -0.451 0.152   1.00 0.00 ? 7 CYS A HB3  2  
ATOM   202  N N    . ALA A 1 8 ? -3.499 -2.605 2.520   1.00 0.00 ? 8 ALA A N    2  
ATOM   203  C CA   . ALA A 1 8 ? -4.178 -3.859 2.811   1.00 0.00 ? 8 ALA A CA   2  
ATOM   204  C C    . ALA A 1 8 ? -3.282 -4.781 3.629   1.00 0.00 ? 8 ALA A C    2  
ATOM   205  O O    . ALA A 1 8 ? -2.093 -4.520 3.688   1.00 0.00 ? 8 ALA A O    2  
ATOM   206  C CB   . ALA A 1 8 ? -4.570 -4.541 1.500   1.00 0.00 ? 8 ALA A CB   2  
ATOM   207  O OXT  . ALA A 1 8 ? -3.799 -5.737 4.186   1.00 0.00 ? 8 ALA A OXT  2  
ATOM   208  H H    . ALA A 1 8 ? -2.529 -2.600 2.385   1.00 0.00 ? 8 ALA A H    2  
ATOM   209  H HA   . ALA A 1 8 ? -5.076 -3.649 3.373   1.00 0.00 ? 8 ALA A HA   2  
ATOM   210  H HB1  . ALA A 1 8 ? -5.238 -5.361 1.708   1.00 0.00 ? 8 ALA A HB1  2  
ATOM   211  H HB2  . ALA A 1 8 ? -3.681 -4.912 1.011   1.00 0.00 ? 8 ALA A HB2  2  
ATOM   212  H HB3  . ALA A 1 8 ? -5.063 -3.826 0.859   1.00 0.00 ? 8 ALA A HB3  2  
ATOM   213  N N    . PHE A 1 1 ? 4.701  1.494  -2.948  1.00 0.00 1 1 PHE A N    3  
ATOM   214  C CA   . PHE A 1 1 ? 4.465  2.604  -3.915  1.00 0.00 ? 1 PHE A CA   3  
ATOM   215  C C    . PHE A 1 1 ? 3.089  3.209  -3.665  1.00 0.00 ? 1 PHE A C    3  
ATOM   216  O O    . PHE A 1 1 ? 2.396  3.610  -4.601  1.00 0.00 ? 1 PHE A O    3  
ATOM   217  C CB   . PHE A 1 1 ? 4.544  2.060  -5.342  1.00 0.00 ? 1 PHE A CB   3  
ATOM   218  C CG   . PHE A 1 1 ? 4.466  3.205  -6.323  1.00 0.00 ? 1 PHE A CG   3  
ATOM   219  C CD1  . PHE A 1 1 ? 3.279  3.451  -7.021  1.00 0.00 ? 1 PHE A CD1  3  
ATOM   220  C CD2  . PHE A 1 1 ? 5.584  4.023  -6.532  1.00 0.00 ? 1 PHE A CD2  3  
ATOM   221  C CE1  . PHE A 1 1 ? 3.207  4.514  -7.929  1.00 0.00 ? 1 PHE A CE1  3  
ATOM   222  C CE2  . PHE A 1 1 ? 5.512  5.087  -7.441  1.00 0.00 ? 1 PHE A CE2  3  
ATOM   223  C CZ   . PHE A 1 1 ? 4.324  5.332  -8.139  1.00 0.00 ? 1 PHE A CZ   3  
ATOM   224  H H1   . PHE A 1 1 ? 3.905  1.440  -2.282  1.00 0.00 ? 1 PHE A H1   3  
ATOM   225  H H2   . PHE A 1 1 ? 5.582  1.672  -2.425  1.00 0.00 ? 1 PHE A H2   3  
ATOM   226  H H3   . PHE A 1 1 ? 4.780  0.595  -3.465  1.00 0.00 ? 1 PHE A H3   3  
ATOM   227  H HA   . PHE A 1 1 ? 5.220  3.364  -3.779  1.00 0.00 ? 1 PHE A HA   3  
ATOM   228  H HB2  . PHE A 1 1 ? 5.478  1.533  -5.477  1.00 0.00 ? 1 PHE A HB2  3  
ATOM   229  H HB3  . PHE A 1 1 ? 3.720  1.384  -5.517  1.00 0.00 ? 1 PHE A HB3  3  
ATOM   230  H HD1  . PHE A 1 1 ? 2.416  2.821  -6.859  1.00 0.00 ? 1 PHE A HD1  3  
ATOM   231  H HD2  . PHE A 1 1 ? 6.500  3.834  -5.995  1.00 0.00 ? 1 PHE A HD2  3  
ATOM   232  H HE1  . PHE A 1 1 ? 2.289  4.704  -8.467  1.00 0.00 ? 1 PHE A HE1  3  
ATOM   233  H HE2  . PHE A 1 1 ? 6.373  5.717  -7.603  1.00 0.00 ? 1 PHE A HE2  3  
ATOM   234  H HZ   . PHE A 1 1 ? 4.268  6.152  -8.841  1.00 0.00 ? 1 PHE A HZ   3  
HETATM 235  N N    . DHA A 1 2 ? 2.685  3.282  -2.385  1.00 0.00 ? 2 DHA A N    3  
HETATM 236  C CA   . DHA A 1 2 ? 1.444  3.825  -2.078  1.00 0.00 ? 2 DHA A CA   3  
HETATM 237  C CB   . DHA A 1 2 ? 0.996  5.062  -2.256  1.00 0.00 ? 2 DHA A CB   3  
HETATM 238  C C    . DHA A 1 2 ? 0.548  2.831  -1.485  1.00 0.00 ? 2 DHA A C    3  
HETATM 239  O O    . DHA A 1 2 ? 0.783  2.275  -0.412  1.00 0.00 ? 2 DHA A O    3  
HETATM 240  H H    . DHA A 1 2 ? 3.233  2.968  -1.635  1.00 0.00 ? 2 DHA A H    3  
HETATM 241  H HB1  . DHA A 1 2 ? 1.620  5.790  -2.687  1.00 0.00 ? 2 DHA A HB1  3  
HETATM 242  H HB2  . DHA A 1 2 ? -0.007 5.329  -1.955  1.00 0.00 ? 2 DHA A HB2  3  
HETATM 243  N N    . DAL A 1 3 ? -0.563 2.604  -2.186  1.00 0.00 ? 3 DAL A N    3  
HETATM 244  C CA   . DAL A 1 3 ? -1.523 1.673  -1.659  1.00 0.00 ? 3 DAL A CA   3  
HETATM 245  C CB   . DAL A 1 3 ? -1.702 1.981  -0.177  1.00 0.00 ? 3 DAL A CB   3  
HETATM 246  C C    . DAL A 1 3 ? -1.059 0.233  -1.886  1.00 0.00 ? 3 DAL A C    3  
HETATM 247  O O    . DAL A 1 3 ? -1.851 -0.704 -1.811  1.00 0.00 ? 3 DAL A O    3  
HETATM 248  H H    . DAL A 1 3 ? -0.755 3.070  -3.028  1.00 0.00 ? 3 DAL A H    3  
HETATM 249  H HA   . DAL A 1 3 ? -2.458 1.823  -2.156  1.00 0.00 ? 3 DAL A HA   3  
HETATM 250  H HB1  . DAL A 1 3 ? -1.401 3.001  0.010   1.00 0.00 ? 3 DAL A HB1  3  
HETATM 251  H HB2  . DAL A 1 3 ? -1.084 1.325  0.398   1.00 0.00 ? 3 DAL A HB2  3  
ATOM   252  N N    . LEU A 1 4 ? 0.223  0.070  -2.211  1.00 0.00 ? 4 LEU A N    3  
ATOM   253  C CA   . LEU A 1 4 ? 0.767  -1.261 -2.491  1.00 0.00 ? 4 LEU A CA   3  
ATOM   254  C C    . LEU A 1 4 ? 1.383  -1.924 -1.256  1.00 0.00 ? 4 LEU A C    3  
ATOM   255  O O    . LEU A 1 4 ? 1.656  -3.124 -1.273  1.00 0.00 ? 4 LEU A O    3  
ATOM   256  C CB   . LEU A 1 4 ? 1.828  -1.162 -3.590  1.00 0.00 ? 4 LEU A CB   3  
ATOM   257  C CG   . LEU A 1 4 ? 2.164  -2.564 -4.104  1.00 0.00 ? 4 LEU A CG   3  
ATOM   258  C CD1  . LEU A 1 4 ? 1.677  -2.711 -5.547  1.00 0.00 ? 4 LEU A CD1  3  
ATOM   259  C CD2  . LEU A 1 4 ? 3.680  -2.776 -4.058  1.00 0.00 ? 4 LEU A CD2  3  
ATOM   260  H H    . LEU A 1 4 ? 0.802  0.858  -2.297  1.00 0.00 ? 4 LEU A H    3  
ATOM   261  H HA   . LEU A 1 4 ? -0.033 -1.888 -2.849  1.00 0.00 ? 4 LEU A HA   3  
ATOM   262  H HB2  . LEU A 1 4 ? 1.450  -0.559 -4.402  1.00 0.00 ? 4 LEU A HB2  3  
ATOM   263  H HB3  . LEU A 1 4 ? 2.720  -0.706 -3.186  1.00 0.00 ? 4 LEU A HB3  3  
ATOM   264  H HG   . LEU A 1 4 ? 1.678  -3.303 -3.483  1.00 0.00 ? 4 LEU A HG   3  
ATOM   265  H HD11 . LEU A 1 4 ? 1.587  -3.758 -5.793  1.00 0.00 ? 4 LEU A HD11 3  
ATOM   266  H HD12 . LEU A 1 4 ? 2.385  -2.242 -6.215  1.00 0.00 ? 4 LEU A HD12 3  
ATOM   267  H HD13 . LEU A 1 4 ? 0.714  -2.232 -5.651  1.00 0.00 ? 4 LEU A HD13 3  
ATOM   268  H HD21 . LEU A 1 4 ? 4.173  -1.960 -4.568  1.00 0.00 ? 4 LEU A HD21 3  
ATOM   269  H HD22 . LEU A 1 4 ? 3.928  -3.707 -4.545  1.00 0.00 ? 4 LEU A HD22 3  
ATOM   270  H HD23 . LEU A 1 4 ? 4.009  -2.808 -3.030  1.00 0.00 ? 4 LEU A HD23 3  
HETATM 271  N N    . DHA A 1 5 ? 1.610  -1.161 -0.173  1.00 0.00 ? 5 DHA A N    3  
HETATM 272  C CA   . DHA A 1 5 ? 2.169  -1.744 0.964   1.00 0.00 ? 5 DHA A CA   3  
HETATM 273  C CB   . DHA A 1 5 ? 2.997  -2.752 1.062   1.00 0.00 ? 5 DHA A CB   3  
HETATM 274  C C    . DHA A 1 5 ? 1.694  -1.120 2.177   1.00 0.00 ? 5 DHA A C    3  
HETATM 275  O O    . DHA A 1 5 ? 2.340  -0.269 2.766   1.00 0.00 ? 5 DHA A O    3  
HETATM 276  H H    . DHA A 1 5 ? 1.400  -0.205 -0.130  1.00 0.00 ? 5 DHA A H    3  
HETATM 277  H HB1  . DHA A 1 5 ? 3.332  -3.218 0.197   1.00 0.00 ? 5 DHA A HB1  3  
HETATM 278  H HB2  . DHA A 1 5 ? 3.339  -3.091 2.029   1.00 0.00 ? 5 DHA A HB2  3  
ATOM   279  N N    . LEU A 1 6 ? 0.524  -1.603 2.586   1.00 0.00 ? 6 LEU A N    3  
ATOM   280  C CA   . LEU A 1 6 ? -0.102 -1.111 3.807   1.00 0.00 ? 6 LEU A CA   3  
ATOM   281  C C    . LEU A 1 6 ? -1.605 -1.024 3.614   1.00 0.00 ? 6 LEU A C    3  
ATOM   282  O O    . LEU A 1 6 ? -2.392 -1.520 4.420   1.00 0.00 ? 6 LEU A O    3  
ATOM   283  C CB   . LEU A 1 6 ? 0.437  0.273  4.172   1.00 0.00 ? 6 LEU A CB   3  
ATOM   284  C CG   . LEU A 1 6 ? 0.329  1.228  2.965   1.00 0.00 ? 6 LEU A CG   3  
ATOM   285  C CD1  . LEU A 1 6 ? -0.789 2.238  3.226   1.00 0.00 ? 6 LEU A CD1  3  
ATOM   286  C CD2  . LEU A 1 6 ? 1.646  1.991  2.728   1.00 0.00 ? 6 LEU A CD2  3  
ATOM   287  H H    . LEU A 1 6 ? 0.082  -2.318 2.075   1.00 0.00 ? 6 LEU A H    3  
ATOM   288  H HA   . LEU A 1 6 ? 0.116  -1.796 4.603   1.00 0.00 ? 6 LEU A HA   3  
ATOM   289  H HB2  . LEU A 1 6 ? -0.147 0.669  4.989   1.00 0.00 ? 6 LEU A HB2  3  
ATOM   290  H HB3  . LEU A 1 6 ? 1.460  0.173  4.476   1.00 0.00 ? 6 LEU A HB3  3  
ATOM   291  H HG   . LEU A 1 6 ? 0.089  0.659  2.085   1.00 0.00 ? 6 LEU A HG   3  
ATOM   292  H HD11 . LEU A 1 6 ? -0.606 2.743  4.163   1.00 0.00 ? 6 LEU A HD11 3  
ATOM   293  H HD12 . LEU A 1 6 ? -1.738 1.724  3.273   1.00 0.00 ? 6 LEU A HD12 3  
ATOM   294  H HD13 . LEU A 1 6 ? -0.813 2.964  2.426   1.00 0.00 ? 6 LEU A HD13 3  
ATOM   295  H HD21 . LEU A 1 6 ? 1.443  3.047  2.667   1.00 0.00 ? 6 LEU A HD21 3  
ATOM   296  H HD22 . LEU A 1 6 ? 2.088  1.660  1.797   1.00 0.00 ? 6 LEU A HD22 3  
ATOM   297  H HD23 . LEU A 1 6 ? 2.337  1.805  3.536   1.00 0.00 ? 6 LEU A HD23 3  
ATOM   298  N N    . CYS A 1 7 ? -1.973 -0.392 2.520   1.00 0.00 ? 7 CYS A N    3  
ATOM   299  C CA   . CYS A 1 7 ? -3.357 -0.210 2.141   1.00 0.00 ? 7 CYS A CA   3  
ATOM   300  C C    . CYS A 1 7 ? -4.194 -1.428 2.507   1.00 0.00 ? 7 CYS A C    3  
ATOM   301  O O    . CYS A 1 7 ? -5.289 -1.304 3.054   1.00 0.00 ? 7 CYS A O    3  
ATOM   302  C CB   . CYS A 1 7 ? -3.371 0.013  0.638   1.00 0.00 ? 7 CYS A CB   3  
ATOM   303  S SG   . CYS A 1 7 ? -3.441 1.781  0.288   1.00 0.00 ? 7 CYS A SG   3  
ATOM   304  H H    . CYS A 1 7 ? -1.280 -0.039 1.933   1.00 0.00 ? 7 CYS A H    3  
ATOM   305  H HA   . CYS A 1 7 ? -3.755 0.657  2.629   1.00 0.00 ? 7 CYS A HA   3  
ATOM   306  H HB2  . CYS A 1 7 ? -2.455 -0.390 0.234   1.00 0.00 ? 7 CYS A HB2  3  
ATOM   307  H HB3  . CYS A 1 7 ? -4.217 -0.481 0.190   1.00 0.00 ? 7 CYS A HB3  3  
ATOM   308  N N    . ALA A 1 8 ? -3.665 -2.599 2.199   1.00 0.00 ? 8 ALA A N    3  
ATOM   309  C CA   . ALA A 1 8 ? -4.361 -3.844 2.496   1.00 0.00 ? 8 ALA A CA   3  
ATOM   310  C C    . ALA A 1 8 ? -3.365 -4.947 2.838   1.00 0.00 ? 8 ALA A C    3  
ATOM   311  O O    . ALA A 1 8 ? -2.914 -5.614 1.923   1.00 0.00 ? 8 ALA A O    3  
ATOM   312  C CB   . ALA A 1 8 ? -5.201 -4.267 1.291   1.00 0.00 ? 8 ALA A CB   3  
ATOM   313  O OXT  . ALA A 1 8 ? -3.066 -5.104 4.010   1.00 0.00 ? 8 ALA A OXT  3  
ATOM   314  H H    . ALA A 1 8 ? -2.789 -2.625 1.766   1.00 0.00 ? 8 ALA A H    3  
ATOM   315  H HA   . ALA A 1 8 ? -5.016 -3.688 3.339   1.00 0.00 ? 8 ALA A HA   3  
ATOM   316  H HB1  . ALA A 1 8 ? -5.929 -5.003 1.600   1.00 0.00 ? 8 ALA A HB1  3  
ATOM   317  H HB2  . ALA A 1 8 ? -4.558 -4.693 0.535   1.00 0.00 ? 8 ALA A HB2  3  
ATOM   318  H HB3  . ALA A 1 8 ? -5.712 -3.406 0.886   1.00 0.00 ? 8 ALA A HB3  3  
ATOM   319  N N    . PHE A 1 1 ? 4.920  2.695  -4.539  1.00 0.00 1 1 PHE A N    4  
ATOM   320  C CA   . PHE A 1 1 ? 5.140  2.922  -3.082  1.00 0.00 ? 1 PHE A CA   4  
ATOM   321  C C    . PHE A 1 1 ? 3.930  3.639  -2.493  1.00 0.00 ? 1 PHE A C    4  
ATOM   322  O O    . PHE A 1 1 ? 4.065  4.677  -1.845  1.00 0.00 ? 1 PHE A O    4  
ATOM   323  C CB   . PHE A 1 1 ? 6.396  3.775  -2.887  1.00 0.00 ? 1 PHE A CB   4  
ATOM   324  C CG   . PHE A 1 1 ? 6.262  5.056  -3.673  1.00 0.00 ? 1 PHE A CG   4  
ATOM   325  C CD1  . PHE A 1 1 ? 6.378  5.036  -5.068  1.00 0.00 ? 1 PHE A CD1  4  
ATOM   326  C CD2  . PHE A 1 1 ? 6.018  6.264  -3.009  1.00 0.00 ? 1 PHE A CD2  4  
ATOM   327  C CE1  . PHE A 1 1 ? 6.253  6.225  -5.799  1.00 0.00 ? 1 PHE A CE1  4  
ATOM   328  C CE2  . PHE A 1 1 ? 5.892  7.451  -3.739  1.00 0.00 ? 1 PHE A CE2  4  
ATOM   329  C CZ   . PHE A 1 1 ? 6.009  7.431  -5.133  1.00 0.00 ? 1 PHE A CZ   4  
ATOM   330  H H1   . PHE A 1 1 ? 5.830  2.498  -5.000  1.00 0.00 ? 1 PHE A H1   4  
ATOM   331  H H2   . PHE A 1 1 ? 4.492  3.544  -4.961  1.00 0.00 ? 1 PHE A H2   4  
ATOM   332  H H3   . PHE A 1 1 ? 4.283  1.885  -4.671  1.00 0.00 ? 1 PHE A H3   4  
ATOM   333  H HA   . PHE A 1 1 ? 5.271  1.971  -2.587  1.00 0.00 ? 1 PHE A HA   4  
ATOM   334  H HB2  . PHE A 1 1 ? 6.515  4.005  -1.838  1.00 0.00 ? 1 PHE A HB2  4  
ATOM   335  H HB3  . PHE A 1 1 ? 7.261  3.229  -3.236  1.00 0.00 ? 1 PHE A HB3  4  
ATOM   336  H HD1  . PHE A 1 1 ? 6.565  4.105  -5.581  1.00 0.00 ? 1 PHE A HD1  4  
ATOM   337  H HD2  . PHE A 1 1 ? 5.927  6.279  -1.932  1.00 0.00 ? 1 PHE A HD2  4  
ATOM   338  H HE1  . PHE A 1 1 ? 6.342  6.209  -6.874  1.00 0.00 ? 1 PHE A HE1  4  
ATOM   339  H HE2  . PHE A 1 1 ? 5.704  8.384  -3.226  1.00 0.00 ? 1 PHE A HE2  4  
ATOM   340  H HZ   . PHE A 1 1 ? 5.911  8.348  -5.697  1.00 0.00 ? 1 PHE A HZ   4  
HETATM 341  N N    . DHA A 1 2 ? 2.729  3.079  -2.723  1.00 0.00 ? 2 DHA A N    4  
HETATM 342  C CA   . DHA A 1 2 ? 1.579  3.675  -2.217  1.00 0.00 ? 2 DHA A CA   4  
HETATM 343  C CB   . DHA A 1 2 ? 1.215  4.955  -2.228  1.00 0.00 ? 2 DHA A CB   4  
HETATM 344  C C    . DHA A 1 2 ? 0.677  2.692  -1.616  1.00 0.00 ? 2 DHA A C    4  
HETATM 345  O O    . DHA A 1 2 ? 0.983  2.012  -0.636  1.00 0.00 ? 2 DHA A O    4  
HETATM 346  H H    . DHA A 1 2 ? 2.613  2.254  -3.238  1.00 0.00 ? 2 DHA A H    4  
HETATM 347  H HB1  . DHA A 1 2 ? 1.845  5.676  -2.665  1.00 0.00 ? 2 DHA A HB1  4  
HETATM 348  H HB2  . DHA A 1 2 ? 0.279  5.262  -1.785  1.00 0.00 ? 2 DHA A HB2  4  
HETATM 349  N N    . DAL A 1 3 ? -0.523 2.622  -2.198  1.00 0.00 ? 3 DAL A N    4  
HETATM 350  C CA   . DAL A 1 3 ? -1.498 1.715  -1.660  1.00 0.00 ? 3 DAL A CA   4  
HETATM 351  C CB   . DAL A 1 3 ? -1.661 2.021  -0.173  1.00 0.00 ? 3 DAL A CB   4  
HETATM 352  C C    . DAL A 1 3 ? -1.073 0.264  -1.892  1.00 0.00 ? 3 DAL A C    4  
HETATM 353  O O    . DAL A 1 3 ? -1.895 -0.652 -1.843  1.00 0.00 ? 3 DAL A O    4  
HETATM 354  H H    . DAL A 1 3 ? -0.762 3.186  -2.963  1.00 0.00 ? 3 DAL A H    4  
HETATM 355  H HA   . DAL A 1 3 ? -2.431 1.888  -2.150  1.00 0.00 ? 3 DAL A HA   4  
HETATM 356  H HB1  . DAL A 1 3 ? -1.360 3.043  0.012   1.00 0.00 ? 3 DAL A HB1  4  
HETATM 357  H HB2  . DAL A 1 3 ? -1.035 1.364  0.394   1.00 0.00 ? 3 DAL A HB2  4  
ATOM   358  N N    . LEU A 1 4 ? 0.207  0.062  -2.194  1.00 0.00 ? 4 LEU A N    4  
ATOM   359  C CA   . LEU A 1 4 ? 0.713  -1.283 -2.473  1.00 0.00 ? 4 LEU A CA   4  
ATOM   360  C C    . LEU A 1 4 ? 1.333  -1.939 -1.233  1.00 0.00 ? 4 LEU A C    4  
ATOM   361  O O    . LEU A 1 4 ? 1.563  -3.148 -1.222  1.00 0.00 ? 4 LEU A O    4  
ATOM   362  C CB   . LEU A 1 4 ? 1.753  -1.206 -3.603  1.00 0.00 ? 4 LEU A CB   4  
ATOM   363  C CG   . LEU A 1 4 ? 2.199  -2.609 -4.062  1.00 0.00 ? 4 LEU A CG   4  
ATOM   364  C CD1  . LEU A 1 4 ? 3.252  -3.169 -3.101  1.00 0.00 ? 4 LEU A CD1  4  
ATOM   365  C CD2  . LEU A 1 4 ? 1.002  -3.564 -4.123  1.00 0.00 ? 4 LEU A CD2  4  
ATOM   366  H H    . LEU A 1 4 ? 0.812  0.833  -2.264  1.00 0.00 ? 4 LEU A H    4  
ATOM   367  H HA   . LEU A 1 4 ? -0.113 -1.887 -2.800  1.00 0.00 ? 4 LEU A HA   4  
ATOM   368  H HB2  . LEU A 1 4 ? 1.321  -0.683 -4.443  1.00 0.00 ? 4 LEU A HB2  4  
ATOM   369  H HB3  . LEU A 1 4 ? 2.615  -0.658 -3.252  1.00 0.00 ? 4 LEU A HB3  4  
ATOM   370  H HG   . LEU A 1 4 ? 2.637  -2.527 -5.047  1.00 0.00 ? 4 LEU A HG   4  
ATOM   371  H HD11 . LEU A 1 4 ? 3.439  -2.457 -2.312  1.00 0.00 ? 4 LEU A HD11 4  
ATOM   372  H HD12 . LEU A 1 4 ? 4.168  -3.352 -3.642  1.00 0.00 ? 4 LEU A HD12 4  
ATOM   373  H HD13 . LEU A 1 4 ? 2.897  -4.096 -2.676  1.00 0.00 ? 4 LEU A HD13 4  
ATOM   374  H HD21 . LEU A 1 4 ? 0.168  -3.069 -4.598  1.00 0.00 ? 4 LEU A HD21 4  
ATOM   375  H HD22 . LEU A 1 4 ? 0.725  -3.864 -3.124  1.00 0.00 ? 4 LEU A HD22 4  
ATOM   376  H HD23 . LEU A 1 4 ? 1.273  -4.438 -4.697  1.00 0.00 ? 4 LEU A HD23 4  
HETATM 377  N N    . DHA A 1 5 ? 1.609  -1.159 -0.171  1.00 0.00 ? 5 DHA A N    4  
HETATM 378  C CA   . DHA A 1 5 ? 2.170  -1.730 0.971   1.00 0.00 ? 5 DHA A CA   4  
HETATM 379  C CB   . DHA A 1 5 ? 3.005  -2.732 1.080   1.00 0.00 ? 5 DHA A CB   4  
HETATM 380  C C    . DHA A 1 5 ? 1.689  -1.097 2.177   1.00 0.00 ? 5 DHA A C    4  
HETATM 381  O O    . DHA A 1 5 ? 2.316  -0.214 2.737   1.00 0.00 ? 5 DHA A O    4  
HETATM 382  H H    . DHA A 1 5 ? 1.429  -0.198 -0.148  1.00 0.00 ? 5 DHA A H    4  
HETATM 383  H HB1  . DHA A 1 5 ? 3.344  -3.203 0.220   1.00 0.00 ? 5 DHA A HB1  4  
HETATM 384  H HB2  . DHA A 1 5 ? 3.347  -3.060 2.050   1.00 0.00 ? 5 DHA A HB2  4  
ATOM   385  N N    . LEU A 1 6 ? 0.537  -1.603 2.608   1.00 0.00 ? 6 LEU A N    4  
ATOM   386  C CA   . LEU A 1 6 ? -0.094 -1.099 3.823   1.00 0.00 ? 6 LEU A CA   4  
ATOM   387  C C    . LEU A 1 6 ? -1.597 -1.012 3.620   1.00 0.00 ? 6 LEU A C    4  
ATOM   388  O O    . LEU A 1 6 ? -2.390 -1.462 4.445   1.00 0.00 ? 6 LEU A O    4  
ATOM   389  C CB   . LEU A 1 6 ? 0.442  0.288  4.181   1.00 0.00 ? 6 LEU A CB   4  
ATOM   390  C CG   . LEU A 1 6 ? 0.308  1.239  2.975   1.00 0.00 ? 6 LEU A CG   4  
ATOM   391  C CD1  . LEU A 1 6 ? -0.829 2.227  3.237   1.00 0.00 ? 6 LEU A CD1  4  
ATOM   392  C CD2  . LEU A 1 6 ? 1.610  2.030  2.731   1.00 0.00 ? 6 LEU A CD2  4  
ATOM   393  H H    . LEU A 1 6 ? 0.110  -2.341 2.119   1.00 0.00 ? 6 LEU A H    4  
ATOM   394  H HA   . LEU A 1 6 ? 0.119  -1.779 4.626   1.00 0.00 ? 6 LEU A HA   4  
ATOM   395  H HB2  . LEU A 1 6 ? -0.133 0.682  5.006   1.00 0.00 ? 6 LEU A HB2  4  
ATOM   396  H HB3  . LEU A 1 6 ? 1.469  0.196  4.470   1.00 0.00 ? 6 LEU A HB3  4  
ATOM   397  H HG   . LEU A 1 6 ? 0.076  0.665  2.095   1.00 0.00 ? 6 LEU A HG   4  
ATOM   398  H HD11 . LEU A 1 6 ? -0.701 2.673  4.212   1.00 0.00 ? 6 LEU A HD11 4  
ATOM   399  H HD12 . LEU A 1 6 ? -1.774 1.705  3.202   1.00 0.00 ? 6 LEU A HD12 4  
ATOM   400  H HD13 . LEU A 1 6 ? -0.817 3.000  2.482   1.00 0.00 ? 6 LEU A HD13 4  
ATOM   401  H HD21 . LEU A 1 6 ? 2.314  1.845  3.526   1.00 0.00 ? 6 LEU A HD21 4  
ATOM   402  H HD22 . LEU A 1 6 ? 1.387  3.083  2.689   1.00 0.00 ? 6 LEU A HD22 4  
ATOM   403  H HD23 . LEU A 1 6 ? 2.044  1.721  1.788   1.00 0.00 ? 6 LEU A HD23 4  
ATOM   404  N N    . CYS A 1 7 ? -1.955 -0.430 2.495   1.00 0.00 ? 7 CYS A N    4  
ATOM   405  C CA   . CYS A 1 7 ? -3.335 -0.253 2.099   1.00 0.00 ? 7 CYS A CA   4  
ATOM   406  C C    . CYS A 1 7 ? -4.164 -1.498 2.395   1.00 0.00 ? 7 CYS A C    4  
ATOM   407  O O    . CYS A 1 7 ? -5.388 -1.484 2.269   1.00 0.00 ? 7 CYS A O    4  
ATOM   408  C CB   . CYS A 1 7 ? -3.327 0.033  0.608   1.00 0.00 ? 7 CYS A CB   4  
ATOM   409  S SG   . CYS A 1 7 ? -3.393 1.812  0.320   1.00 0.00 ? 7 CYS A SG   4  
ATOM   410  H H    . CYS A 1 7 ? -1.257 -0.108 1.894   1.00 0.00 ? 7 CYS A H    4  
ATOM   411  H HA   . CYS A 1 7 ? -3.755 0.586  2.622   1.00 0.00 ? 7 CYS A HA   4  
ATOM   412  H HB2  . CYS A 1 7 ? -2.403 -0.350 0.207   1.00 0.00 ? 7 CYS A HB2  4  
ATOM   413  H HB3  . CYS A 1 7 ? -4.164 -0.447 0.127   1.00 0.00 ? 7 CYS A HB3  4  
ATOM   414  N N    . ALA A 1 8 ? -3.487 -2.567 2.791   1.00 0.00 ? 8 ALA A N    4  
ATOM   415  C CA   . ALA A 1 8 ? -4.161 -3.817 3.109   1.00 0.00 ? 8 ALA A CA   4  
ATOM   416  C C    . ALA A 1 8 ? -5.601 -3.559 3.541   1.00 0.00 ? 8 ALA A C    4  
ATOM   417  O O    . ALA A 1 8 ? -5.840 -3.506 4.736   1.00 0.00 ? 8 ALA A O    4  
ATOM   418  C CB   . ALA A 1 8 ? -3.411 -4.521 4.235   1.00 0.00 ? 8 ALA A CB   4  
ATOM   419  O OXT  . ALA A 1 8 ? -6.445 -3.419 2.669   1.00 0.00 ? 8 ALA A OXT  4  
ATOM   420  H H    . ALA A 1 8 ? -2.514 -2.517 2.874   1.00 0.00 ? 8 ALA A H    4  
ATOM   421  H HA   . ALA A 1 8 ? -4.161 -4.453 2.237   1.00 0.00 ? 8 ALA A HA   4  
ATOM   422  H HB1  . ALA A 1 8 ? -3.565 -5.585 4.159   1.00 0.00 ? 8 ALA A HB1  4  
ATOM   423  H HB2  . ALA A 1 8 ? -3.780 -4.167 5.187   1.00 0.00 ? 8 ALA A HB2  4  
ATOM   424  H HB3  . ALA A 1 8 ? -2.356 -4.300 4.154   1.00 0.00 ? 8 ALA A HB3  4  
ATOM   425  N N    . PHE A 1 1 ? 6.383  3.939  -2.610  1.00 0.00 1 1 PHE A N    5  
ATOM   426  C CA   . PHE A 1 1 ? 5.208  3.038  -2.773  1.00 0.00 ? 1 PHE A CA   5  
ATOM   427  C C    . PHE A 1 1 ? 3.939  3.785  -2.377  1.00 0.00 ? 1 PHE A C    5  
ATOM   428  O O    . PHE A 1 1 ? 3.992  4.943  -1.966  1.00 0.00 ? 1 PHE A O    5  
ATOM   429  C CB   . PHE A 1 1 ? 5.386  1.804  -1.887  1.00 0.00 ? 1 PHE A CB   5  
ATOM   430  C CG   . PHE A 1 1 ? 6.566  0.999  -2.376  1.00 0.00 ? 1 PHE A CG   5  
ATOM   431  C CD1  . PHE A 1 1 ? 6.516  0.375  -3.629  1.00 0.00 ? 1 PHE A CD1  5  
ATOM   432  C CD2  . PHE A 1 1 ? 7.709  0.876  -1.577  1.00 0.00 ? 1 PHE A CD2  5  
ATOM   433  C CE1  . PHE A 1 1 ? 7.610  -0.373 -4.081  1.00 0.00 ? 1 PHE A CE1  5  
ATOM   434  C CE2  . PHE A 1 1 ? 8.803  0.129  -2.031  1.00 0.00 ? 1 PHE A CE2  5  
ATOM   435  C CZ   . PHE A 1 1 ? 8.754  -0.496 -3.284  1.00 0.00 ? 1 PHE A CZ   5  
ATOM   436  H H1   . PHE A 1 1 ? 6.681  4.295  -3.540  1.00 0.00 ? 1 PHE A H1   5  
ATOM   437  H H2   . PHE A 1 1 ? 7.166  3.410  -2.173  1.00 0.00 ? 1 PHE A H2   5  
ATOM   438  H H3   . PHE A 1 1 ? 6.124  4.741  -2.002  1.00 0.00 ? 1 PHE A H3   5  
ATOM   439  H HA   . PHE A 1 1 ? 5.134  2.731  -3.806  1.00 0.00 ? 1 PHE A HA   5  
ATOM   440  H HB2  . PHE A 1 1 ? 5.562  2.116  -0.867  1.00 0.00 ? 1 PHE A HB2  5  
ATOM   441  H HB3  . PHE A 1 1 ? 4.495  1.197  -1.930  1.00 0.00 ? 1 PHE A HB3  5  
ATOM   442  H HD1  . PHE A 1 1 ? 5.635  0.471  -4.245  1.00 0.00 ? 1 PHE A HD1  5  
ATOM   443  H HD2  . PHE A 1 1 ? 7.747  1.356  -0.611  1.00 0.00 ? 1 PHE A HD2  5  
ATOM   444  H HE1  . PHE A 1 1 ? 7.571  -0.853 -5.049  1.00 0.00 ? 1 PHE A HE1  5  
ATOM   445  H HE2  . PHE A 1 1 ? 9.685  0.032  -1.414  1.00 0.00 ? 1 PHE A HE2  5  
ATOM   446  H HZ   . PHE A 1 1 ? 9.596  -1.071 -3.634  1.00 0.00 ? 1 PHE A HZ   5  
HETATM 447  N N    . DHA A 1 2 ? 2.781  3.112  -2.501  1.00 0.00 ? 2 DHA A N    5  
HETATM 448  C CA   . DHA A 1 2 ? 1.583  3.726  -2.157  1.00 0.00 ? 2 DHA A CA   5  
HETATM 449  C CB   . DHA A 1 2 ? 1.203  4.988  -2.321  1.00 0.00 ? 2 DHA A CB   5  
HETATM 450  C C    . DHA A 1 2 ? 0.648  2.779  -1.546  1.00 0.00 ? 2 DHA A C    5  
HETATM 451  O O    . DHA A 1 2 ? 0.886  2.195  -0.488  1.00 0.00 ? 2 DHA A O    5  
HETATM 452  H H    . DHA A 1 2 ? 2.732  2.189  -2.825  1.00 0.00 ? 2 DHA A H    5  
HETATM 453  H HB1  . DHA A 1 2 ? 1.858  5.682  -2.768  1.00 0.00 ? 2 DHA A HB1  5  
HETATM 454  H HB2  . DHA A 1 2 ? 0.226  5.313  -1.992  1.00 0.00 ? 2 DHA A HB2  5  
HETATM 455  N N    . DAL A 1 3 ? -0.496 2.625  -2.214  1.00 0.00 ? 3 DAL A N    5  
HETATM 456  C CA   . DAL A 1 3 ? -1.491 1.741  -1.674  1.00 0.00 ? 3 DAL A CA   5  
HETATM 457  C CB   . DAL A 1 3 ? -1.654 2.061  -0.188  1.00 0.00 ? 3 DAL A CB   5  
HETATM 458  C C    . DAL A 1 3 ? -1.086 0.281  -1.898  1.00 0.00 ? 3 DAL A C    5  
HETATM 459  O O    . DAL A 1 3 ? -1.920 -0.623 -1.850  1.00 0.00 ? 3 DAL A O    5  
HETATM 460  H H    . DAL A 1 3 ? -0.682 3.111  -3.045  1.00 0.00 ? 3 DAL A H    5  
HETATM 461  H HA   . DAL A 1 3 ? -2.418 1.927  -2.172  1.00 0.00 ? 3 DAL A HA   5  
HETATM 462  H HB1  . DAL A 1 3 ? -1.376 3.091  -0.019  1.00 0.00 ? 3 DAL A HB1  5  
HETATM 463  H HB2  . DAL A 1 3 ? -1.008 1.428  0.384   1.00 0.00 ? 3 DAL A HB2  5  
ATOM   464  N N    . LEU A 1 4 ? 0.196  0.063  -2.190  1.00 0.00 ? 4 LEU A N    5  
ATOM   465  C CA   . LEU A 1 4 ? 0.687  -1.291 -2.459  1.00 0.00 ? 4 LEU A CA   5  
ATOM   466  C C    . LEU A 1 4 ? 1.324  -1.943 -1.226  1.00 0.00 ? 4 LEU A C    5  
ATOM   467  O O    . LEU A 1 4 ? 1.578  -3.149 -1.226  1.00 0.00 ? 4 LEU A O    5  
ATOM   468  C CB   . LEU A 1 4 ? 1.710  -1.253 -3.596  1.00 0.00 ? 4 LEU A CB   5  
ATOM   469  C CG   . LEU A 1 4 ? 1.000  -1.487 -4.930  1.00 0.00 ? 4 LEU A CG   5  
ATOM   470  C CD1  . LEU A 1 4 ? 0.561  -2.949 -5.027  1.00 0.00 ? 4 LEU A CD1  5  
ATOM   471  C CD2  . LEU A 1 4 ? -0.228 -0.578 -5.018  1.00 0.00 ? 4 LEU A CD2  5  
ATOM   472  H H    . LEU A 1 4 ? 0.810  0.825  -2.260  1.00 0.00 ? 4 LEU A H    5  
ATOM   473  H HA   . LEU A 1 4 ? -0.146 -1.901 -2.771  1.00 0.00 ? 4 LEU A HA   5  
ATOM   474  H HB2  . LEU A 1 4 ? 2.196  -0.288 -3.610  1.00 0.00 ? 4 LEU A HB2  5  
ATOM   475  H HB3  . LEU A 1 4 ? 2.448  -2.026 -3.442  1.00 0.00 ? 4 LEU A HB3  5  
ATOM   476  H HG   . LEU A 1 4 ? 1.677  -1.260 -5.742  1.00 0.00 ? 4 LEU A HG   5  
ATOM   477  H HD11 . LEU A 1 4 ? -0.442 -3.049 -4.638  1.00 0.00 ? 4 LEU A HD11 5  
ATOM   478  H HD12 . LEU A 1 4 ? 1.233  -3.566 -4.448  1.00 0.00 ? 4 LEU A HD12 5  
ATOM   479  H HD13 . LEU A 1 4 ? 0.580  -3.263 -6.059  1.00 0.00 ? 4 LEU A HD13 5  
ATOM   480  H HD21 . LEU A 1 4 ? -0.430 -0.344 -6.053  1.00 0.00 ? 4 LEU A HD21 5  
ATOM   481  H HD22 . LEU A 1 4 ? -0.040 0.336  -4.472  1.00 0.00 ? 4 LEU A HD22 5  
ATOM   482  H HD23 . LEU A 1 4 ? -1.081 -1.084 -4.589  1.00 0.00 ? 4 LEU A HD23 5  
HETATM 483  N N    . DHA A 1 5 ? 1.588  -1.163 -0.163  1.00 0.00 ? 5 DHA A N    5  
HETATM 484  C CA   . DHA A 1 5 ? 2.161  -1.725 0.975   1.00 0.00 ? 5 DHA A CA   5  
HETATM 485  C CB   . DHA A 1 5 ? 3.006  -2.717 1.084   1.00 0.00 ? 5 DHA A CB   5  
HETATM 486  C C    . DHA A 1 5 ? 1.682  -1.085 2.177   1.00 0.00 ? 5 DHA A C    5  
HETATM 487  O O    . DHA A 1 5 ? 2.295  -0.181 2.712   1.00 0.00 ? 5 DHA A O    5  
HETATM 488  H H    . DHA A 1 5 ? 1.390  -0.205 -0.135  1.00 0.00 ? 5 DHA A H    5  
HETATM 489  H HB1  . DHA A 1 5 ? 3.343  -3.190 0.225   1.00 0.00 ? 5 DHA A HB1  5  
HETATM 490  H HB2  . DHA A 1 5 ? 3.356  -3.038 2.054   1.00 0.00 ? 5 DHA A HB2  5  
ATOM   491  N N    . LEU A 1 6 ? 0.545  -1.610 2.631   1.00 0.00 ? 6 LEU A N    5  
ATOM   492  C CA   . LEU A 1 6 ? -0.085 -1.098 3.845   1.00 0.00 ? 6 LEU A CA   5  
ATOM   493  C C    . LEU A 1 6 ? -1.587 -0.989 3.641   1.00 0.00 ? 6 LEU A C    5  
ATOM   494  O O    . LEU A 1 6 ? -2.387 -1.361 4.500   1.00 0.00 ? 6 LEU A O    5  
ATOM   495  C CB   . LEU A 1 6 ? 0.460  0.286  4.201   1.00 0.00 ? 6 LEU A CB   5  
ATOM   496  C CG   . LEU A 1 6 ? 0.290  1.241  3.001   1.00 0.00 ? 6 LEU A CG   5  
ATOM   497  C CD1  . LEU A 1 6 ? -0.857 2.211  3.292   1.00 0.00 ? 6 LEU A CD1  5  
ATOM   498  C CD2  . LEU A 1 6 ? 1.573  2.051  2.736   1.00 0.00 ? 6 LEU A CD2  5  
ATOM   499  H H    . LEU A 1 6 ? 0.129  -2.366 2.158   1.00 0.00 ? 6 LEU A H    5  
ATOM   500  H HA   . LEU A 1 6 ? 0.120  -1.778 4.650   1.00 0.00 ? 6 LEU A HA   5  
ATOM   501  H HB2  . LEU A 1 6 ? -0.097 0.673  5.041   1.00 0.00 ? 6 LEU A HB2  5  
ATOM   502  H HB3  . LEU A 1 6 ? 1.494  0.196  4.463   1.00 0.00 ? 6 LEU A HB3  5  
ATOM   503  H HG   . LEU A 1 6 ? 0.046  0.667  2.124   1.00 0.00 ? 6 LEU A HG   5  
ATOM   504  H HD11 . LEU A 1 6 ? -1.642 1.691  3.825   1.00 0.00 ? 6 LEU A HD11 5  
ATOM   505  H HD12 . LEU A 1 6 ? -1.247 2.597  2.362   1.00 0.00 ? 6 LEU A HD12 5  
ATOM   506  H HD13 . LEU A 1 6 ? -0.493 3.028  3.896   1.00 0.00 ? 6 LEU A HD13 5  
ATOM   507  H HD21 . LEU A 1 6 ? 1.990  1.754  1.781   1.00 0.00 ? 6 LEU A HD21 5  
ATOM   508  H HD22 . LEU A 1 6 ? 2.299  1.869  3.514   1.00 0.00 ? 6 LEU A HD22 5  
ATOM   509  H HD23 . LEU A 1 6 ? 1.337  3.101  2.707   1.00 0.00 ? 6 LEU A HD23 5  
ATOM   510  N N    . CYS A 1 7 ? -1.938 -0.472 2.481   1.00 0.00 ? 7 CYS A N    5  
ATOM   511  C CA   . CYS A 1 7 ? -3.317 -0.277 2.074   1.00 0.00 ? 7 CYS A CA   5  
ATOM   512  C C    . CYS A 1 7 ? -4.176 -1.511 2.327   1.00 0.00 ? 7 CYS A C    5  
ATOM   513  O O    . CYS A 1 7 ? -5.345 -1.548 1.947   1.00 0.00 ? 7 CYS A O    5  
ATOM   514  C CB   . CYS A 1 7 ? -3.283 0.039  0.588   1.00 0.00 ? 7 CYS A CB   5  
ATOM   515  S SG   . CYS A 1 7 ? -3.378 1.820  0.324   1.00 0.00 ? 7 CYS A SG   5  
ATOM   516  H H    . CYS A 1 7 ? -1.236 -0.204 1.861   1.00 0.00 ? 7 CYS A H    5  
ATOM   517  H HA   . CYS A 1 7 ? -3.733 0.556  2.605   1.00 0.00 ? 7 CYS A HA   5  
ATOM   518  H HB2  . CYS A 1 7 ? -2.342 -0.320 0.203   1.00 0.00 ? 7 CYS A HB2  5  
ATOM   519  H HB3  . CYS A 1 7 ? -4.099 -0.452 0.082   1.00 0.00 ? 7 CYS A HB3  5  
ATOM   520  N N    . ALA A 1 8 ? -3.595 -2.511 2.968   1.00 0.00 ? 8 ALA A N    5  
ATOM   521  C CA   . ALA A 1 8 ? -4.314 -3.736 3.271   1.00 0.00 ? 8 ALA A CA   5  
ATOM   522  C C    . ALA A 1 8 ? -5.598 -3.438 4.042   1.00 0.00 ? 8 ALA A C    5  
ATOM   523  O O    . ALA A 1 8 ? -6.369 -2.614 3.579   1.00 0.00 ? 8 ALA A O    5  
ATOM   524  C CB   . ALA A 1 8 ? -3.417 -4.640 4.106   1.00 0.00 ? 8 ALA A CB   5  
ATOM   525  O OXT  . ALA A 1 8 ? -5.792 -4.041 5.085   1.00 0.00 ? 8 ALA A OXT  5  
ATOM   526  H H    . ALA A 1 8 ? -2.663 -2.428 3.245   1.00 0.00 ? 8 ALA A H    5  
ATOM   527  H HA   . ALA A 1 8 ? -4.561 -4.241 2.350   1.00 0.00 ? 8 ALA A HA   5  
ATOM   528  H HB1  . ALA A 1 8 ? -2.820 -4.032 4.769   1.00 0.00 ? 8 ALA A HB1  5  
ATOM   529  H HB2  . ALA A 1 8 ? -2.770 -5.203 3.451   1.00 0.00 ? 8 ALA A HB2  5  
ATOM   530  H HB3  . ALA A 1 8 ? -4.027 -5.314 4.684   1.00 0.00 ? 8 ALA A HB3  5  
ATOM   531  N N    . PHE A 1 1 ? 4.709  3.570  -5.813  1.00 0.00 1 1 PHE A N    6  
ATOM   532  C CA   . PHE A 1 1 ? 4.042  2.617  -4.881  1.00 0.00 ? 1 PHE A CA   6  
ATOM   533  C C    . PHE A 1 1 ? 2.794  3.269  -4.298  1.00 0.00 ? 1 PHE A C    6  
ATOM   534  O O    . PHE A 1 1 ? 2.015  3.897  -5.017  1.00 0.00 ? 1 PHE A O    6  
ATOM   535  C CB   . PHE A 1 1 ? 5.011  2.246  -3.757  1.00 0.00 ? 1 PHE A CB   6  
ATOM   536  C CG   . PHE A 1 1 ? 6.292  1.710  -4.351  1.00 0.00 ? 1 PHE A CG   6  
ATOM   537  C CD1  . PHE A 1 1 ? 6.541  0.333  -4.349  1.00 0.00 ? 1 PHE A CD1  6  
ATOM   538  C CD2  . PHE A 1 1 ? 7.232  2.591  -4.903  1.00 0.00 ? 1 PHE A CD2  6  
ATOM   539  C CE1  . PHE A 1 1 ? 7.729  -0.165 -4.899  1.00 0.00 ? 1 PHE A CE1  6  
ATOM   540  C CE2  . PHE A 1 1 ? 8.418  2.093  -5.452  1.00 0.00 ? 1 PHE A CE2  6  
ATOM   541  C CZ   . PHE A 1 1 ? 8.667  0.716  -5.450  1.00 0.00 ? 1 PHE A CZ   6  
ATOM   542  H H1   . PHE A 1 1 ? 3.992  4.175  -6.261  1.00 0.00 ? 1 PHE A H1   6  
ATOM   543  H H2   . PHE A 1 1 ? 5.220  3.037  -6.545  1.00 0.00 ? 1 PHE A H2   6  
ATOM   544  H H3   . PHE A 1 1 ? 5.377  4.164  -5.284  1.00 0.00 ? 1 PHE A H3   6  
ATOM   545  H HA   . PHE A 1 1 ? 3.762  1.725  -5.422  1.00 0.00 ? 1 PHE A HA   6  
ATOM   546  H HB2  . PHE A 1 1 ? 5.227  3.123  -3.165  1.00 0.00 ? 1 PHE A HB2  6  
ATOM   547  H HB3  . PHE A 1 1 ? 4.563  1.490  -3.129  1.00 0.00 ? 1 PHE A HB3  6  
ATOM   548  H HD1  . PHE A 1 1 ? 5.818  -0.345 -3.925  1.00 0.00 ? 1 PHE A HD1  6  
ATOM   549  H HD2  . PHE A 1 1 ? 7.039  3.654  -4.904  1.00 0.00 ? 1 PHE A HD2  6  
ATOM   550  H HE1  . PHE A 1 1 ? 7.921  -1.227 -4.897  1.00 0.00 ? 1 PHE A HE1  6  
ATOM   551  H HE2  . PHE A 1 1 ? 9.142  2.773  -5.879  1.00 0.00 ? 1 PHE A HE2  6  
ATOM   552  H HZ   . PHE A 1 1 ? 9.583  0.332  -5.875  1.00 0.00 ? 1 PHE A HZ   6  
HETATM 553  N N    . DHA A 1 2 ? 2.599  3.121  -2.976  1.00 0.00 ? 2 DHA A N    6  
HETATM 554  C CA   . DHA A 1 2 ? 1.482  3.690  -2.373  1.00 0.00 ? 2 DHA A CA   6  
HETATM 555  C CB   . DHA A 1 2 ? 1.103  4.962  -2.321  1.00 0.00 ? 2 DHA A CB   6  
HETATM 556  C C    . DHA A 1 2 ? 0.633  2.679  -1.736  1.00 0.00 ? 2 DHA A C    6  
HETATM 557  O O    . DHA A 1 2 ? 1.009  1.988  -0.791  1.00 0.00 ? 2 DHA A O    6  
HETATM 558  H H    . DHA A 1 2 ? 3.212  2.624  -2.397  1.00 0.00 ? 2 DHA A H    6  
HETATM 559  H HB1  . DHA A 1 2 ? 1.689  5.705  -2.780  1.00 0.00 ? 2 DHA A HB1  6  
HETATM 560  H HB2  . DHA A 1 2 ? 0.198  5.243  -1.803  1.00 0.00 ? 2 DHA A HB2  6  
HETATM 561  N N    . DAL A 1 3 ? -0.595 2.602  -2.247  1.00 0.00 ? 3 DAL A N    6  
HETATM 562  C CA   . DAL A 1 3 ? -1.526 1.672  -1.671  1.00 0.00 ? 3 DAL A CA   6  
HETATM 563  C CB   . DAL A 1 3 ? -1.674 2.000  -0.187  1.00 0.00 ? 3 DAL A CB   6  
HETATM 564  C C    . DAL A 1 3 ? -1.059 0.229  -1.887  1.00 0.00 ? 3 DAL A C    6  
HETATM 565  O O    . DAL A 1 3 ? -1.849 -0.709 -1.795  1.00 0.00 ? 3 DAL A O    6  
HETATM 566  H H    . DAL A 1 3 ? -0.887 3.180  -2.985  1.00 0.00 ? 3 DAL A H    6  
HETATM 567  H HA   . DAL A 1 3 ? -2.474 1.806  -2.147  1.00 0.00 ? 3 DAL A HA   6  
HETATM 568  H HB1  . DAL A 1 3 ? -1.360 3.021  -0.019  1.00 0.00 ? 3 DAL A HB1  6  
HETATM 569  H HB2  . DAL A 1 3 ? -1.051 1.345  0.386   1.00 0.00 ? 3 DAL A HB2  6  
ATOM   570  N N    . LEU A 1 4 ? 0.220  0.064  -2.220  1.00 0.00 ? 4 LEU A N    6  
ATOM   571  C CA   . LEU A 1 4 ? 0.764  -1.268 -2.489  1.00 0.00 ? 4 LEU A CA   6  
ATOM   572  C C    . LEU A 1 4 ? 1.378  -1.921 -1.247  1.00 0.00 ? 4 LEU A C    6  
ATOM   573  O O    . LEU A 1 4 ? 1.644  -3.124 -1.251  1.00 0.00 ? 4 LEU A O    6  
ATOM   574  C CB   . LEU A 1 4 ? 1.824  -1.179 -3.588  1.00 0.00 ? 4 LEU A CB   6  
ATOM   575  C CG   . LEU A 1 4 ? 1.217  -1.609 -4.923  1.00 0.00 ? 4 LEU A CG   6  
ATOM   576  C CD1  . LEU A 1 4 ? 0.965  -3.118 -4.909  1.00 0.00 ? 4 LEU A CD1  6  
ATOM   577  C CD2  . LEU A 1 4 ? -0.109 -0.876 -5.139  1.00 0.00 ? 4 LEU A CD2  6  
ATOM   578  H H    . LEU A 1 4 ? 0.798  0.849  -2.320  1.00 0.00 ? 4 LEU A H    6  
ATOM   579  H HA   . LEU A 1 4 ? -0.038 -1.899 -2.842  1.00 0.00 ? 4 LEU A HA   6  
ATOM   580  H HB2  . LEU A 1 4 ? 2.177  -0.161 -3.663  1.00 0.00 ? 4 LEU A HB2  6  
ATOM   581  H HB3  . LEU A 1 4 ? 2.651  -1.830 -3.344  1.00 0.00 ? 4 LEU A HB3  6  
ATOM   582  H HG   . LEU A 1 4 ? 1.900  -1.367 -5.724  1.00 0.00 ? 4 LEU A HG   6  
ATOM   583  H HD11 . LEU A 1 4 ? 1.600  -3.581 -4.168  1.00 0.00 ? 4 LEU A HD11 6  
ATOM   584  H HD12 . LEU A 1 4 ? 1.189  -3.530 -5.882  1.00 0.00 ? 4 LEU A HD12 6  
ATOM   585  H HD13 . LEU A 1 4 ? -0.068 -3.309 -4.666  1.00 0.00 ? 4 LEU A HD13 6  
ATOM   586  H HD21 . LEU A 1 4 ? -0.158 -0.511 -6.155  1.00 0.00 ? 4 LEU A HD21 6  
ATOM   587  H HD22 . LEU A 1 4 ? -0.175 -0.043 -4.455  1.00 0.00 ? 4 LEU A HD22 6  
ATOM   588  H HD23 . LEU A 1 4 ? -0.930 -1.555 -4.961  1.00 0.00 ? 4 LEU A HD23 6  
HETATM 589  N N    . DHA A 1 5 ? 1.618  -1.146 -0.172  1.00 0.00 ? 5 DHA A N    6  
HETATM 590  C CA   . DHA A 1 5 ? 2.181  -1.722 0.966   1.00 0.00 ? 5 DHA A CA   6  
HETATM 591  C CB   . DHA A 1 5 ? 3.027  -2.716 1.065   1.00 0.00 ? 5 DHA A CB   6  
HETATM 592  C C    . DHA A 1 5 ? 1.690  -1.114 2.182   1.00 0.00 ? 5 DHA A C    6  
HETATM 593  O O    . DHA A 1 5 ? 2.325  -0.260 2.780   1.00 0.00 ? 5 DHA A O    6  
HETATM 594  H H    . DHA A 1 5 ? 1.417  -0.189 -0.141  1.00 0.00 ? 5 DHA A H    6  
HETATM 595  H HB1  . DHA A 1 5 ? 3.375  -3.171 0.199   1.00 0.00 ? 5 DHA A HB1  6  
HETATM 596  H HB2  . DHA A 1 5 ? 3.370  -3.053 2.032   1.00 0.00 ? 5 DHA A HB2  6  
ATOM   597  N N    . LEU A 1 6 ? 0.524  -1.616 2.585   1.00 0.00 ? 6 LEU A N    6  
ATOM   598  C CA   . LEU A 1 6 ? -0.109 -1.140 3.808   1.00 0.00 ? 6 LEU A CA   6  
ATOM   599  C C    . LEU A 1 6 ? -1.612 -1.047 3.608   1.00 0.00 ? 6 LEU A C    6  
ATOM   600  O O    . LEU A 1 6 ? -2.405 -1.561 4.399   1.00 0.00 ? 6 LEU A O    6  
ATOM   601  C CB   . LEU A 1 6 ? 0.427  0.235  4.199   1.00 0.00 ? 6 LEU A CB   6  
ATOM   602  C CG   . LEU A 1 6 ? 0.318  1.213  3.009   1.00 0.00 ? 6 LEU A CG   6  
ATOM   603  C CD1  . LEU A 1 6 ? -0.814 2.204  3.281   1.00 0.00 ? 6 LEU A CD1  6  
ATOM   604  C CD2  . LEU A 1 6 ? 1.630  1.996  2.801   1.00 0.00 ? 6 LEU A CD2  6  
ATOM   605  H H    . LEU A 1 6 ? 0.094  -2.332 2.069   1.00 0.00 ? 6 LEU A H    6  
ATOM   606  H HA   . LEU A 1 6 ? 0.102  -1.839 4.595   1.00 0.00 ? 6 LEU A HA   6  
ATOM   607  H HB2  . LEU A 1 6 ? -0.159 0.616  5.022   1.00 0.00 ? 6 LEU A HB2  6  
ATOM   608  H HB3  . LEU A 1 6 ? 1.449  0.132  4.505   1.00 0.00 ? 6 LEU A HB3  6  
ATOM   609  H HG   . LEU A 1 6 ? 0.092  0.660  2.115   1.00 0.00 ? 6 LEU A HG   6  
ATOM   610  H HD11 . LEU A 1 6 ? -0.936 2.853  2.425   1.00 0.00 ? 6 LEU A HD11 6  
ATOM   611  H HD12 . LEU A 1 6 ? -0.573 2.797  4.151   1.00 0.00 ? 6 LEU A HD12 6  
ATOM   612  H HD13 . LEU A 1 6 ? -1.731 1.663  3.455   1.00 0.00 ? 6 LEU A HD13 6  
ATOM   613  H HD21 . LEU A 1 6 ? 2.077  1.699  1.862   1.00 0.00 ? 6 LEU A HD21 6  
ATOM   614  H HD22 . LEU A 1 6 ? 2.319  1.790  3.604   1.00 0.00 ? 6 LEU A HD22 6  
ATOM   615  H HD23 . LEU A 1 6 ? 1.417  3.052  2.774   1.00 0.00 ? 6 LEU A HD23 6  
ATOM   616  N N    . CYS A 1 7 ? -1.971 -0.388 2.530   1.00 0.00 ? 7 CYS A N    6  
ATOM   617  C CA   . CYS A 1 7 ? -3.354 -0.192 2.146   1.00 0.00 ? 7 CYS A CA   6  
ATOM   618  C C    . CYS A 1 7 ? -4.203 -1.406 2.496   1.00 0.00 ? 7 CYS A C    6  
ATOM   619  O O    . CYS A 1 7 ? -5.425 -1.309 2.612   1.00 0.00 ? 7 CYS A O    6  
ATOM   620  C CB   . CYS A 1 7 ? -3.364 0.049  0.648   1.00 0.00 ? 7 CYS A CB   6  
ATOM   621  S SG   . CYS A 1 7 ? -3.407 1.822  0.314   1.00 0.00 ? 7 CYS A SG   6  
ATOM   622  H H    . CYS A 1 7 ? -1.275 -0.024 1.956   1.00 0.00 ? 7 CYS A H    6  
ATOM   623  H HA   . CYS A 1 7 ? -3.748 0.673  2.646   1.00 0.00 ? 7 CYS A HA   6  
ATOM   624  H HB2  . CYS A 1 7 ? -2.453 -0.363 0.241   1.00 0.00 ? 7 CYS A HB2  6  
ATOM   625  H HB3  . CYS A 1 7 ? -4.218 -0.430 0.197   1.00 0.00 ? 7 CYS A HB3  6  
ATOM   626  N N    . ALA A 1 8 ? -3.549 -2.545 2.659   1.00 0.00 ? 8 ALA A N    6  
ATOM   627  C CA   . ALA A 1 8 ? -4.256 -3.772 2.993   1.00 0.00 ? 8 ALA A CA   6  
ATOM   628  C C    . ALA A 1 8 ? -3.394 -4.667 3.878   1.00 0.00 ? 8 ALA A C    6  
ATOM   629  O O    . ALA A 1 8 ? -2.238 -4.332 4.077   1.00 0.00 ? 8 ALA A O    6  
ATOM   630  C CB   . ALA A 1 8 ? -4.627 -4.513 1.709   1.00 0.00 ? 8 ALA A CB   6  
ATOM   631  O OXT  . ALA A 1 8 ? -3.904 -5.673 4.343   1.00 0.00 ? 8 ALA A OXT  6  
ATOM   632  H H    . ALA A 1 8 ? -2.576 -2.560 2.553   1.00 0.00 ? 8 ALA A H    6  
ATOM   633  H HA   . ALA A 1 8 ? -5.161 -3.521 3.523   1.00 0.00 ? 8 ALA A HA   6  
ATOM   634  H HB1  . ALA A 1 8 ? -4.274 -5.530 1.765   1.00 0.00 ? 8 ALA A HB1  6  
ATOM   635  H HB2  . ALA A 1 8 ? -4.167 -4.018 0.865   1.00 0.00 ? 8 ALA A HB2  6  
ATOM   636  H HB3  . ALA A 1 8 ? -5.699 -4.506 1.589   1.00 0.00 ? 8 ALA A HB3  6  
ATOM   637  N N    . PHE A 1 1 ? 5.007  1.777  -2.125  1.00 0.00 1 1 PHE A N    7  
ATOM   638  C CA   . PHE A 1 1 ? 4.781  2.540  -3.385  1.00 0.00 ? 1 PHE A CA   7  
ATOM   639  C C    . PHE A 1 1 ? 3.393  3.172  -3.348  1.00 0.00 ? 1 PHE A C    7  
ATOM   640  O O    . PHE A 1 1 ? 2.854  3.575  -4.380  1.00 0.00 ? 1 PHE A O    7  
ATOM   641  C CB   . PHE A 1 1 ? 4.894  1.592  -4.580  1.00 0.00 ? 1 PHE A CB   7  
ATOM   642  C CG   . PHE A 1 1 ? 6.327  1.541  -5.054  1.00 0.00 ? 1 PHE A CG   7  
ATOM   643  C CD1  . PHE A 1 1 ? 6.627  1.782  -6.400  1.00 0.00 ? 1 PHE A CD1  7  
ATOM   644  C CD2  . PHE A 1 1 ? 7.356  1.251  -4.148  1.00 0.00 ? 1 PHE A CD2  7  
ATOM   645  C CE1  . PHE A 1 1 ? 7.954  1.732  -6.841  1.00 0.00 ? 1 PHE A CE1  7  
ATOM   646  C CE2  . PHE A 1 1 ? 8.683  1.203  -4.590  1.00 0.00 ? 1 PHE A CE2  7  
ATOM   647  C CZ   . PHE A 1 1 ? 8.982  1.443  -5.936  1.00 0.00 ? 1 PHE A CZ   7  
ATOM   648  H H1   . PHE A 1 1 ? 4.097  1.430  -1.761  1.00 0.00 ? 1 PHE A H1   7  
ATOM   649  H H2   . PHE A 1 1 ? 5.450  2.400  -1.418  1.00 0.00 ? 1 PHE A H2   7  
ATOM   650  H H3   . PHE A 1 1 ? 5.633  0.969  -2.317  1.00 0.00 ? 1 PHE A H3   7  
ATOM   651  H HA   . PHE A 1 1 ? 5.525  3.317  -3.472  1.00 0.00 ? 1 PHE A HA   7  
ATOM   652  H HB2  . PHE A 1 1 ? 4.577  0.602  -4.283  1.00 0.00 ? 1 PHE A HB2  7  
ATOM   653  H HB3  . PHE A 1 1 ? 4.262  1.944  -5.381  1.00 0.00 ? 1 PHE A HB3  7  
ATOM   654  H HD1  . PHE A 1 1 ? 5.834  2.006  -7.099  1.00 0.00 ? 1 PHE A HD1  7  
ATOM   655  H HD2  . PHE A 1 1 ? 7.125  1.067  -3.109  1.00 0.00 ? 1 PHE A HD2  7  
ATOM   656  H HE1  . PHE A 1 1 ? 8.186  1.919  -7.878  1.00 0.00 ? 1 PHE A HE1  7  
ATOM   657  H HE2  . PHE A 1 1 ? 9.477  0.980  -3.891  1.00 0.00 ? 1 PHE A HE2  7  
ATOM   658  H HZ   . PHE A 1 1 ? 10.007 1.405  -6.277  1.00 0.00 ? 1 PHE A HZ   7  
HETATM 659  N N    . DHA A 1 2 ? 2.805  3.260  -2.141  1.00 0.00 ? 2 DHA A N    7  
HETATM 660  C CA   . DHA A 1 2 ? 1.541  3.825  -2.018  1.00 0.00 ? 2 DHA A CA   7  
HETATM 661  C CB   . DHA A 1 2 ? 1.123  5.043  -2.351  1.00 0.00 ? 2 DHA A CB   7  
HETATM 662  C C    . DHA A 1 2 ? 0.586  2.881  -1.429  1.00 0.00 ? 2 DHA A C    7  
HETATM 663  O O    . DHA A 1 2 ? 0.752  2.386  -0.316  1.00 0.00 ? 2 DHA A O    7  
HETATM 664  H H    . DHA A 1 2 ? 3.232  2.942  -1.318  1.00 0.00 ? 2 DHA A H    7  
HETATM 665  H HB1  . DHA A 1 2 ? 1.795  5.726  -2.781  1.00 0.00 ? 2 DHA A HB1  7  
HETATM 666  H HB2  . DHA A 1 2 ? 0.097  5.337  -2.183  1.00 0.00 ? 2 DHA A HB2  7  
HETATM 667  N N    . DAL A 1 3 ? -0.487 2.626  -2.186  1.00 0.00 ? 3 DAL A N    7  
HETATM 668  C CA   . DAL A 1 3 ? -1.491 1.734  -1.668  1.00 0.00 ? 3 DAL A CA   7  
HETATM 669  C CB   . DAL A 1 3 ? -1.683 2.043  -0.184  1.00 0.00 ? 3 DAL A CB   7  
HETATM 670  C C    . DAL A 1 3 ? -1.083 0.275  -1.895  1.00 0.00 ? 3 DAL A C    7  
HETATM 671  O O    . DAL A 1 3 ? -1.917 -0.628 -1.849  1.00 0.00 ? 3 DAL A O    7  
HETATM 672  H H    . DAL A 1 3 ? -0.620 3.040  -3.065  1.00 0.00 ? 3 DAL A H    7  
HETATM 673  H HA   . DAL A 1 3 ? -2.412 1.921  -2.178  1.00 0.00 ? 3 DAL A HA   7  
HETATM 674  H HB1  . DAL A 1 3 ? -1.411 3.073  -0.002  1.00 0.00 ? 3 DAL A HB1  7  
HETATM 675  H HB2  . DAL A 1 3 ? -1.049 1.408  0.396   1.00 0.00 ? 3 DAL A HB2  7  
ATOM   676  N N    . LEU A 1 4 ? 0.198  0.056  -2.187  1.00 0.00 ? 4 LEU A N    7  
ATOM   677  C CA   . LEU A 1 4 ? 0.686  -1.297 -2.457  1.00 0.00 ? 4 LEU A CA   7  
ATOM   678  C C    . LEU A 1 4 ? 1.346  -1.942 -1.230  1.00 0.00 ? 4 LEU A C    7  
ATOM   679  O O    . LEU A 1 4 ? 1.634  -3.139 -1.241  1.00 0.00 ? 4 LEU A O    7  
ATOM   680  C CB   . LEU A 1 4 ? 1.690  -1.260 -3.609  1.00 0.00 ? 4 LEU A CB   7  
ATOM   681  C CG   . LEU A 1 4 ? 1.337  -2.339 -4.635  1.00 0.00 ? 4 LEU A CG   7  
ATOM   682  C CD1  . LEU A 1 4 ? 2.169  -2.134 -5.901  1.00 0.00 ? 4 LEU A CD1  7  
ATOM   683  C CD2  . LEU A 1 4 ? 1.636  -3.720 -4.047  1.00 0.00 ? 4 LEU A CD2  7  
ATOM   684  H H    . LEU A 1 4 ? 0.815  0.815  -2.256  1.00 0.00 ? 4 LEU A H    7  
ATOM   685  H HA   . LEU A 1 4 ? -0.152 -1.909 -2.755  1.00 0.00 ? 4 LEU A HA   7  
ATOM   686  H HB2  . LEU A 1 4 ? 1.659  -0.290 -4.083  1.00 0.00 ? 4 LEU A HB2  7  
ATOM   687  H HB3  . LEU A 1 4 ? 2.682  -1.443 -3.227  1.00 0.00 ? 4 LEU A HB3  7  
ATOM   688  H HG   . LEU A 1 4 ? 0.287  -2.270 -4.881  1.00 0.00 ? 4 LEU A HG   7  
ATOM   689  H HD11 . LEU A 1 4 ? 2.665  -1.175 -5.853  1.00 0.00 ? 4 LEU A HD11 7  
ATOM   690  H HD12 . LEU A 1 4 ? 1.523  -2.161 -6.765  1.00 0.00 ? 4 LEU A HD12 7  
ATOM   691  H HD13 . LEU A 1 4 ? 2.907  -2.918 -5.978  1.00 0.00 ? 4 LEU A HD13 7  
ATOM   692  H HD21 . LEU A 1 4 ? 1.758  -4.434 -4.847  1.00 0.00 ? 4 LEU A HD21 7  
ATOM   693  H HD22 . LEU A 1 4 ? 0.816  -4.028 -3.414  1.00 0.00 ? 4 LEU A HD22 7  
ATOM   694  H HD23 . LEU A 1 4 ? 2.543  -3.674 -3.462  1.00 0.00 ? 4 LEU A HD23 7  
HETATM 695  N N    . DHA A 1 5 ? 1.587  -1.163 -0.158  1.00 0.00 ? 5 DHA A N    7  
HETATM 696  C CA   . DHA A 1 5 ? 2.180  -1.714 0.978   1.00 0.00 ? 5 DHA A CA   7  
HETATM 697  C CB   . DHA A 1 5 ? 3.044  -2.688 1.081   1.00 0.00 ? 5 DHA A CB   7  
HETATM 698  C C    . DHA A 1 5 ? 1.694  -1.086 2.185   1.00 0.00 ? 5 DHA A C    7  
HETATM 699  O O    . DHA A 1 5 ? 2.309  -0.193 2.742   1.00 0.00 ? 5 DHA A O    7  
HETATM 700  H H    . DHA A 1 5 ? 1.362  -0.212 -0.122  1.00 0.00 ? 5 DHA A H    7  
HETATM 701  H HB1  . DHA A 1 5 ? 3.387  -3.154 0.220   1.00 0.00 ? 5 DHA A HB1  7  
HETATM 702  H HB2  . DHA A 1 5 ? 3.408  -3.003 2.048   1.00 0.00 ? 5 DHA A HB2  7  
ATOM   703  N N    . LEU A 1 6 ? 0.548  -1.607 2.615   1.00 0.00 ? 6 LEU A N    7  
ATOM   704  C CA   . LEU A 1 6 ? -0.094 -1.111 3.825   1.00 0.00 ? 6 LEU A CA   7  
ATOM   705  C C    . LEU A 1 6 ? -1.595 -1.038 3.608   1.00 0.00 ? 6 LEU A C    7  
ATOM   706  O O    . LEU A 1 6 ? -2.393 -1.529 4.406   1.00 0.00 ? 6 LEU A O    7  
ATOM   707  C CB   . LEU A 1 6 ? 0.428  0.280  4.187   1.00 0.00 ? 6 LEU A CB   7  
ATOM   708  C CG   . LEU A 1 6 ? 0.293  1.232  2.981   1.00 0.00 ? 6 LEU A CG   7  
ATOM   709  C CD1  . LEU A 1 6 ? -0.868 2.196  3.233   1.00 0.00 ? 6 LEU A CD1  7  
ATOM   710  C CD2  . LEU A 1 6 ? 1.581  2.047  2.757   1.00 0.00 ? 6 LEU A CD2  7  
ATOM   711  H H    . LEU A 1 6 ? 0.130  -2.347 2.126   1.00 0.00 ? 6 LEU A H    7  
ATOM   712  H HA   . LEU A 1 6 ? 0.119  -1.790 4.629   1.00 0.00 ? 6 LEU A HA   7  
ATOM   713  H HB2  . LEU A 1 6 ? -0.153 0.668  5.011   1.00 0.00 ? 6 LEU A HB2  7  
ATOM   714  H HB3  . LEU A 1 6 ? 1.456  0.196  4.482   1.00 0.00 ? 6 LEU A HB3  7  
ATOM   715  H HG   . LEU A 1 6 ? 0.080  0.658  2.097   1.00 0.00 ? 6 LEU A HG   7  
ATOM   716  H HD11 . LEU A 1 6 ? -1.751 1.634  3.496   1.00 0.00 ? 6 LEU A HD11 7  
ATOM   717  H HD12 . LEU A 1 6 ? -1.059 2.770  2.338   1.00 0.00 ? 6 LEU A HD12 7  
ATOM   718  H HD13 . LEU A 1 6 ? -0.612 2.865  4.043   1.00 0.00 ? 6 LEU A HD13 7  
ATOM   719  H HD21 . LEU A 1 6 ? 1.343  3.095  2.725   1.00 0.00 ? 6 LEU A HD21 7  
ATOM   720  H HD22 . LEU A 1 6 ? 2.027  1.755  1.814   1.00 0.00 ? 6 LEU A HD22 7  
ATOM   721  H HD23 . LEU A 1 6 ? 2.285  1.859  3.553   1.00 0.00 ? 6 LEU A HD23 7  
ATOM   722  N N    . CYS A 1 7 ? -1.948 -0.426 2.495   1.00 0.00 ? 7 CYS A N    7  
ATOM   723  C CA   . CYS A 1 7 ? -3.326 -0.262 2.083   1.00 0.00 ? 7 CYS A CA   7  
ATOM   724  C C    . CYS A 1 7 ? -4.135 -1.518 2.372   1.00 0.00 ? 7 CYS A C    7  
ATOM   725  O O    . CYS A 1 7 ? -5.273 -1.449 2.835   1.00 0.00 ? 7 CYS A O    7  
ATOM   726  C CB   . CYS A 1 7 ? -3.304 0.018  0.589   1.00 0.00 ? 7 CYS A CB   7  
ATOM   727  S SG   . CYS A 1 7 ? -3.415 1.794  0.288   1.00 0.00 ? 7 CYS A SG   7  
ATOM   728  H H    . CYS A 1 7 ? -1.246 -0.081 1.914   1.00 0.00 ? 7 CYS A H    7  
ATOM   729  H HA   . CYS A 1 7 ? -3.762 0.572  2.595   1.00 0.00 ? 7 CYS A HA   7  
ATOM   730  H HB2  . CYS A 1 7 ? -2.366 -0.343 0.203   1.00 0.00 ? 7 CYS A HB2  7  
ATOM   731  H HB3  . CYS A 1 7 ? -4.120 -0.487 0.098   1.00 0.00 ? 7 CYS A HB3  7  
ATOM   732  N N    . ALA A 1 8 ? -3.532 -2.661 2.090   1.00 0.00 ? 8 ALA A N    7  
ATOM   733  C CA   . ALA A 1 8 ? -4.190 -3.940 2.316   1.00 0.00 ? 8 ALA A CA   7  
ATOM   734  C C    . ALA A 1 8 ? -3.174 -5.005 2.715   1.00 0.00 ? 8 ALA A C    7  
ATOM   735  O O    . ALA A 1 8 ? -2.474 -5.486 1.838   1.00 0.00 ? 8 ALA A O    7  
ATOM   736  C CB   . ALA A 1 8 ? -4.919 -4.377 1.045   1.00 0.00 ? 8 ALA A CB   7  
ATOM   737  O OXT  . ALA A 1 8 ? -3.108 -5.323 3.890   1.00 0.00 ? 8 ALA A OXT  7  
ATOM   738  H H    . ALA A 1 8 ? -2.626 -2.641 1.724   1.00 0.00 ? 8 ALA A H    7  
ATOM   739  H HA   . ALA A 1 8 ? -4.912 -3.829 3.110   1.00 0.00 ? 8 ALA A HA   7  
ATOM   740  H HB1  . ALA A 1 8 ? -4.381 -4.017 0.181   1.00 0.00 ? 8 ALA A HB1  7  
ATOM   741  H HB2  . ALA A 1 8 ? -5.918 -3.964 1.044   1.00 0.00 ? 8 ALA A HB2  7  
ATOM   742  H HB3  . ALA A 1 8 ? -4.973 -5.454 1.012   1.00 0.00 ? 8 ALA A HB3  7  
ATOM   743  N N    . PHE A 1 1 ? 4.053  0.887  -5.003  1.00 0.00 1 1 PHE A N    8  
ATOM   744  C CA   . PHE A 1 1 ? 4.167  1.769  -3.805  1.00 0.00 ? 1 PHE A CA   8  
ATOM   745  C C    . PHE A 1 1 ? 2.801  2.365  -3.486  1.00 0.00 ? 1 PHE A C    8  
ATOM   746  O O    . PHE A 1 1 ? 1.828  2.131  -4.202  1.00 0.00 ? 1 PHE A O    8  
ATOM   747  C CB   . PHE A 1 1 ? 5.172  2.886  -4.093  1.00 0.00 ? 1 PHE A CB   8  
ATOM   748  C CG   . PHE A 1 1 ? 5.197  3.855  -2.933  1.00 0.00 ? 1 PHE A CG   8  
ATOM   749  C CD1  . PHE A 1 1 ? 4.357  4.976  -2.940  1.00 0.00 ? 1 PHE A CD1  8  
ATOM   750  C CD2  . PHE A 1 1 ? 6.057  3.632  -1.851  1.00 0.00 ? 1 PHE A CD2  8  
ATOM   751  C CE1  . PHE A 1 1 ? 4.378  5.872  -1.866  1.00 0.00 ? 1 PHE A CE1  8  
ATOM   752  C CE2  . PHE A 1 1 ? 6.078  4.531  -0.777  1.00 0.00 ? 1 PHE A CE2  8  
ATOM   753  C CZ   . PHE A 1 1 ? 5.239  5.650  -0.785  1.00 0.00 ? 1 PHE A CZ   8  
ATOM   754  H H1   . PHE A 1 1 ? 3.051  0.728  -5.223  1.00 0.00 ? 1 PHE A H1   8  
ATOM   755  H H2   . PHE A 1 1 ? 4.515  -0.025 -4.807  1.00 0.00 ? 1 PHE A H2   8  
ATOM   756  H H3   . PHE A 1 1 ? 4.517  1.343  -5.815  1.00 0.00 ? 1 PHE A H3   8  
ATOM   757  H HA   . PHE A 1 1 ? 4.511  1.185  -2.963  1.00 0.00 ? 1 PHE A HA   8  
ATOM   758  H HB2  . PHE A 1 1 ? 6.157  2.460  -4.226  1.00 0.00 ? 1 PHE A HB2  8  
ATOM   759  H HB3  . PHE A 1 1 ? 4.882  3.409  -4.992  1.00 0.00 ? 1 PHE A HB3  8  
ATOM   760  H HD1  . PHE A 1 1 ? 3.693  5.147  -3.775  1.00 0.00 ? 1 PHE A HD1  8  
ATOM   761  H HD2  . PHE A 1 1 ? 6.706  2.768  -1.846  1.00 0.00 ? 1 PHE A HD2  8  
ATOM   762  H HE1  . PHE A 1 1 ? 3.730  6.737  -1.872  1.00 0.00 ? 1 PHE A HE1  8  
ATOM   763  H HE2  . PHE A 1 1 ? 6.742  4.359  0.056   1.00 0.00 ? 1 PHE A HE2  8  
ATOM   764  H HZ   . PHE A 1 1 ? 5.255  6.343  0.045   1.00 0.00 ? 1 PHE A HZ   8  
HETATM 765  N N    . DHA A 1 2 ? 2.726  3.145  -2.392  1.00 0.00 ? 2 DHA A N    8  
HETATM 766  C CA   . DHA A 1 2 ? 1.514  3.722  -2.034  1.00 0.00 ? 2 DHA A CA   8  
HETATM 767  C CB   . DHA A 1 2 ? 1.108  4.982  -2.146  1.00 0.00 ? 2 DHA A CB   8  
HETATM 768  C C    . DHA A 1 2 ? 0.596  2.736  -1.466  1.00 0.00 ? 2 DHA A C    8  
HETATM 769  O O    . DHA A 1 2 ? 0.837  2.119  -0.429  1.00 0.00 ? 2 DHA A O    8  
HETATM 770  H H    . DHA A 1 2 ? 3.496  3.333  -1.818  1.00 0.00 ? 2 DHA A H    8  
HETATM 771  H HB1  . DHA A 1 2 ? 1.749  5.704  -2.560  1.00 0.00 ? 2 DHA A HB1  8  
HETATM 772  H HB2  . DHA A 1 2 ? 0.124  5.272  -1.811  1.00 0.00 ? 2 DHA A HB2  8  
HETATM 773  N N    . DAL A 1 3 ? -0.543 2.585  -2.146  1.00 0.00 ? 3 DAL A N    8  
HETATM 774  C CA   . DAL A 1 3 ? -1.515 1.662  -1.636  1.00 0.00 ? 3 DAL A CA   8  
HETATM 775  C CB   . DAL A 1 3 ? -1.700 1.957  -0.153  1.00 0.00 ? 3 DAL A CB   8  
HETATM 776  C C    . DAL A 1 3 ? -1.055 0.221  -1.872  1.00 0.00 ? 3 DAL A C    8  
HETATM 777  O O    . DAL A 1 3 ? -1.845 -0.718 -1.790  1.00 0.00 ? 3 DAL A O    8  
HETATM 778  H H    . DAL A 1 3 ? -0.738 3.097  -2.960  1.00 0.00 ? 3 DAL A H    8  
HETATM 779  H HA   . DAL A 1 3 ? -2.447 1.823  -2.138  1.00 0.00 ? 3 DAL A HA   8  
HETATM 780  H HB1  . DAL A 1 3 ? -1.376 2.969  0.047   1.00 0.00 ? 3 DAL A HB1  8  
HETATM 781  H HB2  . DAL A 1 3 ? -1.103 1.281  0.418   1.00 0.00 ? 3 DAL A HB2  8  
ATOM   782  N N    . LEU A 1 4 ? 0.224  0.063  -2.209  1.00 0.00 ? 4 LEU A N    8  
ATOM   783  C CA   . LEU A 1 4 ? 0.775  -1.261 -2.497  1.00 0.00 ? 4 LEU A CA   8  
ATOM   784  C C    . LEU A 1 4 ? 1.390  -1.926 -1.262  1.00 0.00 ? 4 LEU A C    8  
ATOM   785  O O    . LEU A 1 4 ? 1.661  -3.127 -1.276  1.00 0.00 ? 4 LEU A O    8  
ATOM   786  C CB   . LEU A 1 4 ? 1.840  -1.146 -3.590  1.00 0.00 ? 4 LEU A CB   8  
ATOM   787  C CG   . LEU A 1 4 ? 1.597  -2.211 -4.663  1.00 0.00 ? 4 LEU A CG   8  
ATOM   788  C CD1  . LEU A 1 4 ? 2.629  -2.054 -5.782  1.00 0.00 ? 4 LEU A CD1  8  
ATOM   789  C CD2  . LEU A 1 4 ? 1.730  -3.603 -4.042  1.00 0.00 ? 4 LEU A CD2  8  
ATOM   790  H H    . LEU A 1 4 ? 0.799  0.853  -2.297  1.00 0.00 ? 4 LEU A H    8  
ATOM   791  H HA   . LEU A 1 4 ? -0.021 -1.892 -2.862  1.00 0.00 ? 4 LEU A HA   8  
ATOM   792  H HB2  . LEU A 1 4 ? 1.789  -0.164 -4.038  1.00 0.00 ? 4 LEU A HB2  8  
ATOM   793  H HB3  . LEU A 1 4 ? 2.818  -1.292 -3.156  1.00 0.00 ? 4 LEU A HB3  8  
ATOM   794  H HG   . LEU A 1 4 ? 0.604  -2.089 -5.070  1.00 0.00 ? 4 LEU A HG   8  
ATOM   795  H HD11 . LEU A 1 4 ? 3.621  -2.189 -5.377  1.00 0.00 ? 4 LEU A HD11 8  
ATOM   796  H HD12 . LEU A 1 4 ? 2.546  -1.068 -6.212  1.00 0.00 ? 4 LEU A HD12 8  
ATOM   797  H HD13 . LEU A 1 4 ? 2.447  -2.797 -6.544  1.00 0.00 ? 4 LEU A HD13 8  
ATOM   798  H HD21 . LEU A 1 4 ? 2.521  -3.595 -3.306  1.00 0.00 ? 4 LEU A HD21 8  
ATOM   799  H HD22 . LEU A 1 4 ? 1.967  -4.320 -4.814  1.00 0.00 ? 4 LEU A HD22 8  
ATOM   800  H HD23 . LEU A 1 4 ? 0.799  -3.877 -3.568  1.00 0.00 ? 4 LEU A HD23 8  
HETATM 801  N N    . DHA A 1 5 ? 1.619  -1.162 -0.176  1.00 0.00 ? 5 DHA A N    8  
HETATM 802  C CA   . DHA A 1 5 ? 2.177  -1.747 0.959   1.00 0.00 ? 5 DHA A CA   8  
HETATM 803  C CB   . DHA A 1 5 ? 3.003  -2.758 1.057   1.00 0.00 ? 5 DHA A CB   8  
HETATM 804  C C    . DHA A 1 5 ? 1.702  -1.125 2.174   1.00 0.00 ? 5 DHA A C    8  
HETATM 805  O O    . DHA A 1 5 ? 2.357  -0.289 2.776   1.00 0.00 ? 5 DHA A O    8  
HETATM 806  H H    . DHA A 1 5 ? 1.411  -0.206 -0.134  1.00 0.00 ? 5 DHA A H    8  
HETATM 807  H HB1  . DHA A 1 5 ? 3.338  -3.222 0.190   1.00 0.00 ? 5 DHA A HB1  8  
HETATM 808  H HB2  . DHA A 1 5 ? 3.345  -3.099 2.023   1.00 0.00 ? 5 DHA A HB2  8  
ATOM   809  N N    . LEU A 1 6 ? 0.522  -1.591 2.567   1.00 0.00 ? 6 LEU A N    8  
ATOM   810  C CA   . LEU A 1 6 ? -0.105 -1.097 3.784   1.00 0.00 ? 6 LEU A CA   8  
ATOM   811  C C    . LEU A 1 6 ? -1.610 -1.031 3.594   1.00 0.00 ? 6 LEU A C    8  
ATOM   812  O O    . LEU A 1 6 ? -2.387 -1.574 4.379   1.00 0.00 ? 6 LEU A O    8  
ATOM   813  C CB   . LEU A 1 6 ? 0.427  0.291  4.143   1.00 0.00 ? 6 LEU A CB   8  
ATOM   814  C CG   . LEU A 1 6 ? 0.350  1.230  2.922   1.00 0.00 ? 6 LEU A CG   8  
ATOM   815  C CD1  . LEU A 1 6 ? -0.763 2.255  3.143   1.00 0.00 ? 6 LEU A CD1  8  
ATOM   816  C CD2  . LEU A 1 6 ? 1.679  1.979  2.699   1.00 0.00 ? 6 LEU A CD2  8  
ATOM   817  H H    . LEU A 1 6 ? 0.072  -2.293 2.049   1.00 0.00 ? 6 LEU A H    8  
ATOM   818  H HA   . LEU A 1 6 ? 0.121  -1.778 4.584   1.00 0.00 ? 6 LEU A HA   8  
ATOM   819  H HB2  . LEU A 1 6 ? -0.174 0.701  4.940   1.00 0.00 ? 6 LEU A HB2  8  
ATOM   820  H HB3  . LEU A 1 6 ? 1.442  0.193  4.472   1.00 0.00 ? 6 LEU A HB3  8  
ATOM   821  H HG   . LEU A 1 6 ? 0.121  0.649  2.045   1.00 0.00 ? 6 LEU A HG   8  
ATOM   822  H HD11 . LEU A 1 6 ? -0.557 2.824  4.038   1.00 0.00 ? 6 LEU A HD11 8  
ATOM   823  H HD12 . LEU A 1 6 ? -1.708 1.744  3.253   1.00 0.00 ? 6 LEU A HD12 8  
ATOM   824  H HD13 . LEU A 1 6 ? -0.812 2.922  2.295   1.00 0.00 ? 6 LEU A HD13 8  
ATOM   825  H HD21 . LEU A 1 6 ? 1.487  3.037  2.629   1.00 0.00 ? 6 LEU A HD21 8  
ATOM   826  H HD22 . LEU A 1 6 ? 2.130  1.639  1.776   1.00 0.00 ? 6 LEU A HD22 8  
ATOM   827  H HD23 . LEU A 1 6 ? 2.356  1.791  3.517   1.00 0.00 ? 6 LEU A HD23 8  
ATOM   828  N N    . CYS A 1 7 ? -1.988 -0.368 2.522   1.00 0.00 ? 7 CYS A N    8  
ATOM   829  C CA   . CYS A 1 7 ? -3.378 -0.207 2.150   1.00 0.00 ? 7 CYS A CA   8  
ATOM   830  C C    . CYS A 1 7 ? -4.187 -1.441 2.517   1.00 0.00 ? 7 CYS A C    8  
ATOM   831  O O    . CYS A 1 7 ? -5.338 -1.343 2.941   1.00 0.00 ? 7 CYS A O    8  
ATOM   832  C CB   . CYS A 1 7 ? -3.408 0.021  0.647   1.00 0.00 ? 7 CYS A CB   8  
ATOM   833  S SG   . CYS A 1 7 ? -3.445 1.790  0.300   1.00 0.00 ? 7 CYS A SG   8  
ATOM   834  H H    . CYS A 1 7 ? -1.303 0.016  1.946   1.00 0.00 ? 7 CYS A H    8  
ATOM   835  H HA   . CYS A 1 7 ? -3.790 0.650  2.646   1.00 0.00 ? 7 CYS A HA   8  
ATOM   836  H HB2  . CYS A 1 7 ? -2.507 -0.399 0.232   1.00 0.00 ? 7 CYS A HB2  8  
ATOM   837  H HB3  . CYS A 1 7 ? -4.270 -0.455 0.210   1.00 0.00 ? 7 CYS A HB3  8  
ATOM   838  N N    . ALA A 1 8 ? -3.570 -2.598 2.352   1.00 0.00 ? 8 ALA A N    8  
ATOM   839  C CA   . ALA A 1 8 ? -4.229 -3.857 2.668   1.00 0.00 ? 8 ALA A CA   8  
ATOM   840  C C    . ALA A 1 8 ? -3.216 -4.875 3.182   1.00 0.00 ? 8 ALA A C    8  
ATOM   841  O O    . ALA A 1 8 ? -3.485 -6.060 3.064   1.00 0.00 ? 8 ALA A O    8  
ATOM   842  C CB   . ALA A 1 8 ? -4.929 -4.402 1.423   1.00 0.00 ? 8 ALA A CB   8  
ATOM   843  O OXT  . ALA A 1 8 ? -2.186 -4.455 3.682   1.00 0.00 ? 8 ALA A OXT  8  
ATOM   844  H H    . ALA A 1 8 ? -2.653 -2.604 2.013   1.00 0.00 ? 8 ALA A H    8  
ATOM   845  H HA   . ALA A 1 8 ? -4.969 -3.681 3.434   1.00 0.00 ? 8 ALA A HA   8  
ATOM   846  H HB1  . ALA A 1 8 ? -4.361 -4.132 0.543   1.00 0.00 ? 8 ALA A HB1  8  
ATOM   847  H HB2  . ALA A 1 8 ? -5.920 -3.979 1.354   1.00 0.00 ? 8 ALA A HB2  8  
ATOM   848  H HB3  . ALA A 1 8 ? -4.999 -5.476 1.491   1.00 0.00 ? 8 ALA A HB3  8  
ATOM   849  N N    . PHE A 1 1 ? 6.036  4.141  -3.650  1.00 0.00 1 1 PHE A N    9  
ATOM   850  C CA   . PHE A 1 1 ? 5.090  3.104  -3.148  1.00 0.00 ? 1 PHE A CA   9  
ATOM   851  C C    . PHE A 1 1 ? 3.866  3.785  -2.547  1.00 0.00 ? 1 PHE A C    9  
ATOM   852  O O    . PHE A 1 1 ? 3.978  4.822  -1.894  1.00 0.00 ? 1 PHE A O    9  
ATOM   853  C CB   . PHE A 1 1 ? 5.792  2.250  -2.091  1.00 0.00 ? 1 PHE A CB   9  
ATOM   854  C CG   . PHE A 1 1 ? 6.824  1.378  -2.762  1.00 0.00 ? 1 PHE A CG   9  
ATOM   855  C CD1  . PHE A 1 1 ? 8.106  1.879  -3.021  1.00 0.00 ? 1 PHE A CD1  9  
ATOM   856  C CD2  . PHE A 1 1 ? 6.500  0.065  -3.128  1.00 0.00 ? 1 PHE A CD2  9  
ATOM   857  C CE1  . PHE A 1 1 ? 9.062  1.070  -3.646  1.00 0.00 ? 1 PHE A CE1  9  
ATOM   858  C CE2  . PHE A 1 1 ? 7.457  -0.744 -3.754  1.00 0.00 ? 1 PHE A CE2  9  
ATOM   859  C CZ   . PHE A 1 1 ? 8.738  -0.241 -4.011  1.00 0.00 ? 1 PHE A CZ   9  
ATOM   860  H H1   . PHE A 1 1 ? 6.210  3.991  -4.663  1.00 0.00 ? 1 PHE A H1   9  
ATOM   861  H H2   . PHE A 1 1 ? 6.935  4.071  -3.129  1.00 0.00 ? 1 PHE A H2   9  
ATOM   862  H H3   . PHE A 1 1 ? 5.624  5.085  -3.507  1.00 0.00 ? 1 PHE A H3   9  
ATOM   863  H HA   . PHE A 1 1 ? 4.781  2.475  -3.971  1.00 0.00 ? 1 PHE A HA   9  
ATOM   864  H HB2  . PHE A 1 1 ? 6.276  2.894  -1.370  1.00 0.00 ? 1 PHE A HB2  9  
ATOM   865  H HB3  . PHE A 1 1 ? 5.067  1.628  -1.589  1.00 0.00 ? 1 PHE A HB3  9  
ATOM   866  H HD1  . PHE A 1 1 ? 8.355  2.891  -2.738  1.00 0.00 ? 1 PHE A HD1  9  
ATOM   867  H HD2  . PHE A 1 1 ? 5.512  -0.323 -2.929  1.00 0.00 ? 1 PHE A HD2  9  
ATOM   868  H HE1  . PHE A 1 1 ? 10.049 1.459  -3.845  1.00 0.00 ? 1 PHE A HE1  9  
ATOM   869  H HE2  . PHE A 1 1 ? 7.206  -1.756 -4.035  1.00 0.00 ? 1 PHE A HE2  9  
ATOM   870  H HZ   . PHE A 1 1 ? 9.476  -0.865 -4.493  1.00 0.00 ? 1 PHE A HZ   9  
HETATM 871  N N    . DHA A 1 2 ? 2.677  3.196  -2.770  1.00 0.00 ? 2 DHA A N    9  
HETATM 872  C CA   . DHA A 1 2 ? 1.516  3.761  -2.258  1.00 0.00 ? 2 DHA A CA   9  
HETATM 873  C CB   . DHA A 1 2 ? 1.116  5.029  -2.269  1.00 0.00 ? 2 DHA A CB   9  
HETATM 874  C C    . DHA A 1 2 ? 0.645  2.754  -1.642  1.00 0.00 ? 2 DHA A C    9  
HETATM 875  O O    . DHA A 1 2 ? 0.972  2.100  -0.653  1.00 0.00 ? 2 DHA A O    9  
HETATM 876  H H    . DHA A 1 2 ? 2.579  2.371  -3.291  1.00 0.00 ? 2 DHA A H    9  
HETATM 877  H HB1  . DHA A 1 2 ? 1.720  5.767  -2.715  1.00 0.00 ? 2 DHA A HB1  9  
HETATM 878  H HB2  . DHA A 1 2 ? 0.176  5.311  -1.818  1.00 0.00 ? 2 DHA A HB2  9  
HETATM 879  N N    . DAL A 1 3 ? -0.552 2.645  -2.223  1.00 0.00 ? 3 DAL A N    9  
HETATM 880  C CA   . DAL A 1 3 ? -1.508 1.721  -1.675  1.00 0.00 ? 3 DAL A CA   9  
HETATM 881  C CB   . DAL A 1 3 ? -1.675 2.040  -0.189  1.00 0.00 ? 3 DAL A CB   9  
HETATM 882  C C    . DAL A 1 3 ? -1.068 0.269  -1.899  1.00 0.00 ? 3 DAL A C    9  
HETATM 883  O O    . DAL A 1 3 ? -1.884 -0.651 -1.840  1.00 0.00 ? 3 DAL A O    9  
HETATM 884  H H    . DAL A 1 3 ? -0.807 3.196  -2.994  1.00 0.00 ? 3 DAL A H    9  
HETATM 885  H HA   . DAL A 1 3 ? -2.446 1.878  -2.164  1.00 0.00 ? 3 DAL A HA   9  
HETATM 886  H HB1  . DAL A 1 3 ? -1.395 3.070  -0.017  1.00 0.00 ? 3 DAL A HB1  9  
HETATM 887  H HB2  . DAL A 1 3 ? -1.034 1.405  0.388   1.00 0.00 ? 3 DAL A HB2  9  
ATOM   888  N N    . LEU A 1 4 ? 0.215  0.069  -2.203  1.00 0.00 ? 4 LEU A N    9  
ATOM   889  C CA   . LEU A 1 4 ? 0.720  -1.280 -2.473  1.00 0.00 ? 4 LEU A CA   9  
ATOM   890  C C    . LEU A 1 4 ? 1.353  -1.936 -1.241  1.00 0.00 ? 4 LEU A C    9  
ATOM   891  O O    . LEU A 1 4 ? 1.627  -3.136 -1.250  1.00 0.00 ? 4 LEU A O    9  
ATOM   892  C CB   . LEU A 1 4 ? 1.749  -1.233 -3.603  1.00 0.00 ? 4 LEU A CB   9  
ATOM   893  C CG   . LEU A 1 4 ? 2.057  -2.658 -4.074  1.00 0.00 ? 4 LEU A CG   9  
ATOM   894  C CD1  . LEU A 1 4 ? 2.314  -2.655 -5.582  1.00 0.00 ? 4 LEU A CD1  9  
ATOM   895  C CD2  . LEU A 1 4 ? 3.301  -3.182 -3.348  1.00 0.00 ? 4 LEU A CD2  9  
ATOM   896  H H    . LEU A 1 4 ? 0.819  0.841  -2.281  1.00 0.00 ? 4 LEU A H    9  
ATOM   897  H HA   . LEU A 1 4 ? -0.107 -1.894 -2.793  1.00 0.00 ? 4 LEU A HA   9  
ATOM   898  H HB2  . LEU A 1 4 ? 1.351  -0.660 -4.428  1.00 0.00 ? 4 LEU A HB2  9  
ATOM   899  H HB3  . LEU A 1 4 ? 2.657  -0.769 -3.246  1.00 0.00 ? 4 LEU A HB3  9  
ATOM   900  H HG   . LEU A 1 4 ? 1.214  -3.298 -3.854  1.00 0.00 ? 4 LEU A HG   9  
ATOM   901  H HD11 . LEU A 1 4 ? 1.493  -2.166 -6.085  1.00 0.00 ? 4 LEU A HD11 9  
ATOM   902  H HD12 . LEU A 1 4 ? 2.395  -3.673 -5.935  1.00 0.00 ? 4 LEU A HD12 9  
ATOM   903  H HD13 . LEU A 1 4 ? 3.231  -2.127 -5.791  1.00 0.00 ? 4 LEU A HD13 9  
ATOM   904  H HD21 . LEU A 1 4 ? 4.169  -3.040 -3.973  1.00 0.00 ? 4 LEU A HD21 9  
ATOM   905  H HD22 . LEU A 1 4 ? 3.177  -4.233 -3.136  1.00 0.00 ? 4 LEU A HD22 9  
ATOM   906  H HD23 . LEU A 1 4 ? 3.432  -2.642 -2.422  1.00 0.00 ? 4 LEU A HD23 9  
HETATM 907  N N    . DHA A 1 5 ? 1.587  -1.165 -0.165  1.00 0.00 ? 5 DHA A N    9  
HETATM 908  C CA   . DHA A 1 5 ? 2.156  -1.733 0.971   1.00 0.00 ? 5 DHA A CA   9  
HETATM 909  C CB   . DHA A 1 5 ? 2.997  -2.731 1.077   1.00 0.00 ? 5 DHA A CB   9  
HETATM 910  C C    . DHA A 1 5 ? 1.678  -1.097 2.175   1.00 0.00 ? 5 DHA A C    9  
HETATM 911  O O    . DHA A 1 5 ? 2.300  -0.204 2.718   1.00 0.00 ? 5 DHA A O    9  
HETATM 912  H H    . DHA A 1 5 ? 1.373  -0.211 -0.128  1.00 0.00 ? 5 DHA A H    9  
HETATM 913  H HB1  . DHA A 1 5 ? 3.335  -3.202 0.216   1.00 0.00 ? 5 DHA A HB1  9  
HETATM 914  H HB2  . DHA A 1 5 ? 3.347  -3.057 2.046   1.00 0.00 ? 5 DHA A HB2  9  
ATOM   915  N N    . LEU A 1 6 ? 0.536  -1.614 2.624   1.00 0.00 ? 6 LEU A N    9  
ATOM   916  C CA   . LEU A 1 6 ? -0.089 -1.104 3.841   1.00 0.00 ? 6 LEU A CA   9  
ATOM   917  C C    . LEU A 1 6 ? -1.591 -0.993 3.642   1.00 0.00 ? 6 LEU A C    9  
ATOM   918  O O    . LEU A 1 6 ? -2.388 -1.383 4.497   1.00 0.00 ? 6 LEU A O    9  
ATOM   919  C CB   . LEU A 1 6 ? 0.460  0.278  4.200   1.00 0.00 ? 6 LEU A CB   9  
ATOM   920  C CG   . LEU A 1 6 ? 0.302  1.238  3.002   1.00 0.00 ? 6 LEU A CG   9  
ATOM   921  C CD1  . LEU A 1 6 ? -0.833 2.221  3.293   1.00 0.00 ? 6 LEU A CD1  9  
ATOM   922  C CD2  . LEU A 1 6 ? 1.595  2.034  2.736   1.00 0.00 ? 6 LEU A CD2  9  
ATOM   923  H H    . LEU A 1 6 ? 0.115  -2.363 2.144   1.00 0.00 ? 6 LEU A H    9  
ATOM   924  H HA   . LEU A 1 6 ? 0.117  -1.787 4.641   1.00 0.00 ? 6 LEU A HA   9  
ATOM   925  H HB2  . LEU A 1 6 ? -0.098 0.667  5.039   1.00 0.00 ? 6 LEU A HB2  9  
ATOM   926  H HB3  . LEU A 1 6 ? 1.493  0.183  4.469   1.00 0.00 ? 6 LEU A HB3  9  
ATOM   927  H HG   . LEU A 1 6 ? 0.052  0.667  2.124   1.00 0.00 ? 6 LEU A HG   9  
ATOM   928  H HD11 . LEU A 1 6 ? -0.693 2.656  4.272   1.00 0.00 ? 6 LEU A HD11 9  
ATOM   929  H HD12 . LEU A 1 6 ? -1.778 1.699  3.264   1.00 0.00 ? 6 LEU A HD12 9  
ATOM   930  H HD13 . LEU A 1 6 ? -0.832 3.003  2.547   1.00 0.00 ? 6 LEU A HD13 9  
ATOM   931  H HD21 . LEU A 1 6 ? 2.001  1.740  1.775   1.00 0.00 ? 6 LEU A HD21 9  
ATOM   932  H HD22 . LEU A 1 6 ? 2.324  1.833  3.506   1.00 0.00 ? 6 LEU A HD22 9  
ATOM   933  H HD23 . LEU A 1 6 ? 1.373  3.087  2.719   1.00 0.00 ? 6 LEU A HD23 9  
ATOM   934  N N    . CYS A 1 7 ? -1.946 -0.453 2.496   1.00 0.00 ? 7 CYS A N    9  
ATOM   935  C CA   . CYS A 1 7 ? -3.325 -0.254 2.096   1.00 0.00 ? 7 CYS A CA   9  
ATOM   936  C C    . CYS A 1 7 ? -4.189 -1.479 2.389   1.00 0.00 ? 7 CYS A C    9  
ATOM   937  O O    . CYS A 1 7 ? -5.392 -1.472 2.123   1.00 0.00 ? 7 CYS A O    9  
ATOM   938  C CB   . CYS A 1 7 ? -3.305 0.029  0.604   1.00 0.00 ? 7 CYS A CB   9  
ATOM   939  S SG   . CYS A 1 7 ? -3.401 1.804  0.311   1.00 0.00 ? 7 CYS A SG   9  
ATOM   940  H H    . CYS A 1 7 ? -1.246 -0.174 1.878   1.00 0.00 ? 7 CYS A H    9  
ATOM   941  H HA   . CYS A 1 7 ? -3.729 0.599  2.612   1.00 0.00 ? 7 CYS A HA   9  
ATOM   942  H HB2  . CYS A 1 7 ? -2.369 -0.339 0.215   1.00 0.00 ? 7 CYS A HB2  9  
ATOM   943  H HB3  . CYS A 1 7 ? -4.128 -0.470 0.117   1.00 0.00 ? 7 CYS A HB3  9  
ATOM   944  N N    . ALA A 1 8 ? -3.574 -2.521 2.935   1.00 0.00 ? 8 ALA A N    9  
ATOM   945  C CA   . ALA A 1 8 ? -4.296 -3.744 3.259   1.00 0.00 ? 8 ALA A CA   9  
ATOM   946  C C    . ALA A 1 8 ? -5.776 -3.456 3.498   1.00 0.00 ? 8 ALA A C    9  
ATOM   947  O O    . ALA A 1 8 ? -6.098 -2.957 4.564   1.00 0.00 ? 8 ALA A O    9  
ATOM   948  C CB   . ALA A 1 8 ? -3.693 -4.372 4.516   1.00 0.00 ? 8 ALA A CB   9  
ATOM   949  O OXT  . ALA A 1 8 ? -6.564 -3.738 2.611   1.00 0.00 ? 8 ALA A OXT  9  
ATOM   950  H H    . ALA A 1 8 ? -2.617 -2.469 3.122   1.00 0.00 ? 8 ALA A H    9  
ATOM   951  H HA   . ALA A 1 8 ? -4.200 -4.439 2.440   1.00 0.00 ? 8 ALA A HA   9  
ATOM   952  H HB1  . ALA A 1 8 ? -4.004 -5.402 4.587   1.00 0.00 ? 8 ALA A HB1  9  
ATOM   953  H HB2  . ALA A 1 8 ? -4.037 -3.830 5.386   1.00 0.00 ? 8 ALA A HB2  9  
ATOM   954  H HB3  . ALA A 1 8 ? -2.617 -4.320 4.461   1.00 0.00 ? 8 ALA A HB3  9  
ATOM   955  N N    . PHE A 1 1 ? 5.539  2.950  -2.127  1.00 0.00 1 1 PHE A N    10 
ATOM   956  C CA   . PHE A 1 1 ? 4.842  2.905  -3.442  1.00 0.00 ? 1 PHE A CA   10 
ATOM   957  C C    . PHE A 1 1 ? 3.474  3.567  -3.311  1.00 0.00 ? 1 PHE A C    10 
ATOM   958  O O    . PHE A 1 1 ? 3.067  4.351  -4.166  1.00 0.00 ? 1 PHE A O    10 
ATOM   959  C CB   . PHE A 1 1 ? 4.679  1.446  -3.878  1.00 0.00 ? 1 PHE A CB   10 
ATOM   960  C CG   . PHE A 1 1 ? 5.929  0.989  -4.593  1.00 0.00 ? 1 PHE A CG   10 
ATOM   961  C CD1  . PHE A 1 1 ? 6.765  0.035  -3.999  1.00 0.00 ? 1 PHE A CD1  10 
ATOM   962  C CD2  . PHE A 1 1 ? 6.251  1.520  -5.847  1.00 0.00 ? 1 PHE A CD2  10 
ATOM   963  C CE1  . PHE A 1 1 ? 7.924  -0.387 -4.663  1.00 0.00 ? 1 PHE A CE1  10 
ATOM   964  C CE2  . PHE A 1 1 ? 7.410  1.098  -6.509  1.00 0.00 ? 1 PHE A CE2  10 
ATOM   965  C CZ   . PHE A 1 1 ? 8.246  0.144  -5.917  1.00 0.00 ? 1 PHE A CZ   10 
ATOM   966  H H1   . PHE A 1 1 ? 5.519  3.922  -1.758  1.00 0.00 ? 1 PHE A H1   10 
ATOM   967  H H2   . PHE A 1 1 ? 6.526  2.645  -2.246  1.00 0.00 ? 1 PHE A H2   10 
ATOM   968  H H3   . PHE A 1 1 ? 5.057  2.318  -1.458  1.00 0.00 ? 1 PHE A H3   10 
ATOM   969  H HA   . PHE A 1 1 ? 5.428  3.436  -4.178  1.00 0.00 ? 1 PHE A HA   10 
ATOM   970  H HB2  . PHE A 1 1 ? 4.514  0.828  -3.008  1.00 0.00 ? 1 PHE A HB2  10 
ATOM   971  H HB3  . PHE A 1 1 ? 3.833  1.362  -4.544  1.00 0.00 ? 1 PHE A HB3  10 
ATOM   972  H HD1  . PHE A 1 1 ? 6.516  -0.374 -3.032  1.00 0.00 ? 1 PHE A HD1  10 
ATOM   973  H HD2  . PHE A 1 1 ? 5.606  2.257  -6.304  1.00 0.00 ? 1 PHE A HD2  10 
ATOM   974  H HE1  . PHE A 1 1 ? 8.569  -1.123 -4.206  1.00 0.00 ? 1 PHE A HE1  10 
ATOM   975  H HE2  . PHE A 1 1 ? 7.659  1.506  -7.477  1.00 0.00 ? 1 PHE A HE2  10 
ATOM   976  H HZ   . PHE A 1 1 ? 9.140  -0.182 -6.427  1.00 0.00 ? 1 PHE A HZ   10 
HETATM 977  N N    . DHA A 1 2 ? 2.758  3.248  -2.218  1.00 0.00 ? 2 DHA A N    10 
HETATM 978  C CA   . DHA A 1 2 ? 1.501  3.811  -2.019  1.00 0.00 ? 2 DHA A CA   10 
HETATM 979  C CB   . DHA A 1 2 ? 1.073  5.041  -2.283  1.00 0.00 ? 2 DHA A CB   10 
HETATM 980  C C    . DHA A 1 2 ? 0.568  2.844  -1.436  1.00 0.00 ? 2 DHA A C    10 
HETATM 981  O O    . DHA A 1 2 ? 0.759  2.313  -0.342  1.00 0.00 ? 2 DHA A O    10 
HETATM 982  H H    . DHA A 1 2 ? 3.080  2.626  -1.532  1.00 0.00 ? 2 DHA A H    10 
HETATM 983  H HB1  . DHA A 1 2 ? 1.728  5.742  -2.710  1.00 0.00 ? 2 DHA A HB1  10 
HETATM 984  H HB2  . DHA A 1 2 ? 0.054  5.326  -2.060  1.00 0.00 ? 2 DHA A HB2  10 
HETATM 985  N N    . DAL A 1 3 ? -0.520 2.610  -2.171  1.00 0.00 ? 3 DAL A N    10 
HETATM 986  C CA   . DAL A 1 3 ? -1.505 1.697  -1.657  1.00 0.00 ? 3 DAL A CA   10 
HETATM 987  C CB   . DAL A 1 3 ? -1.696 2.003  -0.174  1.00 0.00 ? 3 DAL A CB   10 
HETATM 988  C C    . DAL A 1 3 ? -1.068 0.249  -1.885  1.00 0.00 ? 3 DAL A C    10 
HETATM 989  O O    . DAL A 1 3 ? -1.880 -0.674 -1.818  1.00 0.00 ? 3 DAL A O    10 
HETATM 990  H H    . DAL A 1 3 ? -0.676 3.051  -3.034  1.00 0.00 ? 3 DAL A H    10 
HETATM 991  H HA   . DAL A 1 3 ? -2.432 1.868  -2.164  1.00 0.00 ? 3 DAL A HA   10 
HETATM 992  H HB1  . DAL A 1 3 ? -1.409 3.028  0.015   1.00 0.00 ? 3 DAL A HB1  10 
HETATM 993  H HB2  . DAL A 1 3 ? -1.073 1.355  0.406   1.00 0.00 ? 3 DAL A HB2  10 
ATOM   994  N N    . LEU A 1 4 ? 0.213  0.059  -2.203  1.00 0.00 ? 4 LEU A N    10 
ATOM   995  C CA   . LEU A 1 4 ? 0.732  -1.281 -2.482  1.00 0.00 ? 4 LEU A CA   10 
ATOM   996  C C    . LEU A 1 4 ? 1.376  -1.934 -1.250  1.00 0.00 ? 4 LEU A C    10 
ATOM   997  O O    . LEU A 1 4 ? 1.670  -3.128 -1.268  1.00 0.00 ? 4 LEU A O    10 
ATOM   998  C CB   . LEU A 1 4 ? 1.760  -1.208 -3.612  1.00 0.00 ? 4 LEU A CB   10 
ATOM   999  C CG   . LEU A 1 4 ? 2.222  -2.621 -3.980  1.00 0.00 ? 4 LEU A CG   10 
ATOM   1000 C CD1  . LEU A 1 4 ? 2.108  -2.820 -5.494  1.00 0.00 ? 4 LEU A CD1  10 
ATOM   1001 C CD2  . LEU A 1 4 ? 3.681  -2.808 -3.554  1.00 0.00 ? 4 LEU A CD2  10 
ATOM   1002 H H    . LEU A 1 4 ? 0.809  0.836  -2.284  1.00 0.00 ? 4 LEU A H    10 
ATOM   1003 H HA   . LEU A 1 4 ? -0.086 -1.903 -2.807  1.00 0.00 ? 4 LEU A HA   10 
ATOM   1004 H HB2  . LEU A 1 4 ? 1.311  -0.740 -4.477  1.00 0.00 ? 4 LEU A HB2  10 
ATOM   1005 H HB3  . LEU A 1 4 ? 2.610  -0.625 -3.289  1.00 0.00 ? 4 LEU A HB3  10 
ATOM   1006 H HG   . LEU A 1 4 ? 1.602  -3.347 -3.475  1.00 0.00 ? 4 LEU A HG   10 
ATOM   1007 H HD11 . LEU A 1 4 ? 2.471  -3.803 -5.755  1.00 0.00 ? 4 LEU A HD11 10 
ATOM   1008 H HD12 . LEU A 1 4 ? 2.698  -2.071 -6.002  1.00 0.00 ? 4 LEU A HD12 10 
ATOM   1009 H HD13 . LEU A 1 4 ? 1.075  -2.727 -5.792  1.00 0.00 ? 4 LEU A HD13 10 
ATOM   1010 H HD21 . LEU A 1 4 ? 3.818  -2.413 -2.557  1.00 0.00 ? 4 LEU A HD21 10 
ATOM   1011 H HD22 . LEU A 1 4 ? 4.327  -2.282 -4.240  1.00 0.00 ? 4 LEU A HD22 10 
ATOM   1012 H HD23 . LEU A 1 4 ? 3.928  -3.860 -3.561  1.00 0.00 ? 4 LEU A HD23 10 
HETATM 1013 N N    . DHA A 1 5 ? 1.598  -1.162 -0.168  1.00 0.00 ? 5 DHA A N    10 
HETATM 1014 C CA   . DHA A 1 5 ? 2.178  -1.725 0.969   1.00 0.00 ? 5 DHA A CA   10 
HETATM 1015 C CB   . DHA A 1 5 ? 3.030  -2.711 1.072   1.00 0.00 ? 5 DHA A CB   10 
HETATM 1016 C C    . DHA A 1 5 ? 1.694  -1.102 2.181   1.00 0.00 ? 5 DHA A C    10 
HETATM 1017 O O    . DHA A 1 5 ? 2.323  -0.231 2.757   1.00 0.00 ? 5 DHA A O    10 
HETATM 1018 H H    . DHA A 1 5 ? 1.369  -0.212 -0.125  1.00 0.00 ? 5 DHA A H    10 
HETATM 1019 H HB1  . DHA A 1 5 ? 3.373  -3.174 0.208   1.00 0.00 ? 5 DHA A HB1  10 
HETATM 1020 H HB2  . DHA A 1 5 ? 3.386  -3.035 2.038   1.00 0.00 ? 5 DHA A HB2  10 
ATOM   1021 N N    . LEU A 1 6 ? 0.534  -1.604 2.597   1.00 0.00 ? 6 LEU A N    10 
ATOM   1022 C CA   . LEU A 1 6 ? -0.101 -1.111 3.811   1.00 0.00 ? 6 LEU A CA   10 
ATOM   1023 C C    . LEU A 1 6 ? -1.606 -1.038 3.606   1.00 0.00 ? 6 LEU A C    10 
ATOM   1024 O O    . LEU A 1 6 ? -2.395 -1.552 4.399   1.00 0.00 ? 6 LEU A O    10 
ATOM   1025 C CB   . LEU A 1 6 ? 0.424  0.279  4.173   1.00 0.00 ? 6 LEU A CB   10 
ATOM   1026 C CG   . LEU A 1 6 ? 0.308  1.226  2.960   1.00 0.00 ? 6 LEU A CG   10 
ATOM   1027 C CD1  . LEU A 1 6 ? -0.840 2.207  3.200   1.00 0.00 ? 6 LEU A CD1  10 
ATOM   1028 C CD2  . LEU A 1 6 ? 1.610  2.022  2.742   1.00 0.00 ? 6 LEU A CD2  10 
ATOM   1029 H H    . LEU A 1 6 ? 0.104  -2.329 2.093   1.00 0.00 ? 6 LEU A H    10 
ATOM   1030 H HA   . LEU A 1 6 ? 0.117  -1.792 4.611   1.00 0.00 ? 6 LEU A HA   10 
ATOM   1031 H HB2  . LEU A 1 6 ? -0.165 0.674  4.986   1.00 0.00 ? 6 LEU A HB2  10 
ATOM   1032 H HB3  . LEU A 1 6 ? 1.448  0.190  4.478   1.00 0.00 ? 6 LEU A HB3  10 
ATOM   1033 H HG   . LEU A 1 6 ? 0.095  0.650  2.079   1.00 0.00 ? 6 LEU A HG   10 
ATOM   1034 H HD11 . LEU A 1 6 ? -1.741 1.658  3.428   1.00 0.00 ? 6 LEU A HD11 10 
ATOM   1035 H HD12 . LEU A 1 6 ? -0.997 2.802  2.312   1.00 0.00 ? 6 LEU A HD12 10 
ATOM   1036 H HD13 . LEU A 1 6 ? -0.593 2.856  4.029   1.00 0.00 ? 6 LEU A HD13 10 
ATOM   1037 H HD21 . LEU A 1 6 ? 2.299  1.843  3.552   1.00 0.00 ? 6 LEU A HD21 10 
ATOM   1038 H HD22 . LEU A 1 6 ? 1.384  3.074  2.690   1.00 0.00 ? 6 LEU A HD22 10 
ATOM   1039 H HD23 . LEU A 1 6 ? 2.065  1.710  1.811   1.00 0.00 ? 6 LEU A HD23 10 
ATOM   1040 N N    . CYS A 1 7 ? -1.966 -0.402 2.514   1.00 0.00 ? 7 CYS A N    10 
ATOM   1041 C CA   . CYS A 1 7 ? -3.349 -0.230 2.118   1.00 0.00 ? 7 CYS A CA   10 
ATOM   1042 C C    . CYS A 1 7 ? -4.177 -1.461 2.465   1.00 0.00 ? 7 CYS A C    10 
ATOM   1043 O O    . CYS A 1 7 ? -5.268 -1.354 3.025   1.00 0.00 ? 7 CYS A O    10 
ATOM   1044 C CB   . CYS A 1 7 ? -3.346 0.009  0.618   1.00 0.00 ? 7 CYS A CB   10 
ATOM   1045 S SG   . CYS A 1 7 ? -3.434 1.780  0.286   1.00 0.00 ? 7 CYS A SG   10 
ATOM   1046 H H    . CYS A 1 7 ? -1.271 -0.040 1.937   1.00 0.00 ? 7 CYS A H    10 
ATOM   1047 H HA   . CYS A 1 7 ? -3.761 0.626  2.612   1.00 0.00 ? 7 CYS A HA   10 
ATOM   1048 H HB2  . CYS A 1 7 ? -2.421 -0.376 0.224   1.00 0.00 ? 7 CYS A HB2  10 
ATOM   1049 H HB3  . CYS A 1 7 ? -4.179 -0.490 0.152   1.00 0.00 ? 7 CYS A HB3  10 
ATOM   1050 N N    . ALA A 1 8 ? -3.648 -2.624 2.128   1.00 0.00 ? 8 ALA A N    10 
ATOM   1051 C CA   . ALA A 1 8 ? -4.338 -3.879 2.406   1.00 0.00 ? 8 ALA A CA   10 
ATOM   1052 C C    . ALA A 1 8 ? -3.336 -4.988 2.711   1.00 0.00 ? 8 ALA A C    10 
ATOM   1053 O O    . ALA A 1 8 ? -3.587 -5.751 3.629   1.00 0.00 ? 8 ALA A O    10 
ATOM   1054 C CB   . ALA A 1 8 ? -5.199 -4.275 1.205   1.00 0.00 ? 8 ALA A CB   10 
ATOM   1055 O OXT  . ALA A 1 8 ? -2.332 -5.058 2.020   1.00 0.00 ? 8 ALA A OXT  10 
ATOM   1056 H H    . ALA A 1 8 ? -2.775 -2.639 1.688   1.00 0.00 ? 8 ALA A H    10 
ATOM   1057 H HA   . ALA A 1 8 ? -4.979 -3.742 3.263   1.00 0.00 ? 8 ALA A HA   10 
ATOM   1058 H HB1  . ALA A 1 8 ? -6.199 -4.507 1.540   1.00 0.00 ? 8 ALA A HB1  10 
ATOM   1059 H HB2  . ALA A 1 8 ? -4.769 -5.142 0.725   1.00 0.00 ? 8 ALA A HB2  10 
ATOM   1060 H HB3  . ALA A 1 8 ? -5.236 -3.456 0.502   1.00 0.00 ? 8 ALA A HB3  10 
ATOM   1061 N N    . PHE A 1 1 ? 5.081  1.449  -2.060  1.00 0.00 1 1 PHE A N    11 
ATOM   1062 C CA   . PHE A 1 1 ? 5.237  2.889  -2.410  1.00 0.00 ? 1 PHE A CA   11 
ATOM   1063 C C    . PHE A 1 1 ? 3.960  3.638  -2.041  1.00 0.00 ? 1 PHE A C    11 
ATOM   1064 O O    . PHE A 1 1 ? 4.008  4.692  -1.409  1.00 0.00 ? 1 PHE A O    11 
ATOM   1065 C CB   . PHE A 1 1 ? 5.504  3.020  -3.910  1.00 0.00 ? 1 PHE A CB   11 
ATOM   1066 C CG   . PHE A 1 1 ? 6.603  2.064  -4.310  1.00 0.00 ? 1 PHE A CG   11 
ATOM   1067 C CD1  . PHE A 1 1 ? 7.943  2.450  -4.187  1.00 0.00 ? 1 PHE A CD1  11 
ATOM   1068 C CD2  . PHE A 1 1 ? 6.282  0.794  -4.800  1.00 0.00 ? 1 PHE A CD2  11 
ATOM   1069 C CE1  . PHE A 1 1 ? 8.962  1.563  -4.555  1.00 0.00 ? 1 PHE A CE1  11 
ATOM   1070 C CE2  . PHE A 1 1 ? 7.300  -0.093 -5.169  1.00 0.00 ? 1 PHE A CE2  11 
ATOM   1071 C CZ   . PHE A 1 1 ? 8.642  0.292  -5.048  1.00 0.00 ? 1 PHE A CZ   11 
ATOM   1072 H H1   . PHE A 1 1 ? 4.956  0.893  -2.928  1.00 0.00 ? 1 PHE A H1   11 
ATOM   1073 H H2   . PHE A 1 1 ? 4.249  1.331  -1.446  1.00 0.00 ? 1 PHE A H2   11 
ATOM   1074 H H3   . PHE A 1 1 ? 5.931  1.120  -1.560  1.00 0.00 ? 1 PHE A H3   11 
ATOM   1075 H HA   . PHE A 1 1 ? 6.067  3.304  -1.859  1.00 0.00 ? 1 PHE A HA   11 
ATOM   1076 H HB2  . PHE A 1 1 ? 4.604  2.785  -4.459  1.00 0.00 ? 1 PHE A HB2  11 
ATOM   1077 H HB3  . PHE A 1 1 ? 5.809  4.032  -4.135  1.00 0.00 ? 1 PHE A HB3  11 
ATOM   1078 H HD1  . PHE A 1 1 ? 8.192  3.430  -3.809  1.00 0.00 ? 1 PHE A HD1  11 
ATOM   1079 H HD2  . PHE A 1 1 ? 5.247  0.497  -4.896  1.00 0.00 ? 1 PHE A HD2  11 
ATOM   1080 H HE1  . PHE A 1 1 ? 9.997  1.860  -4.462  1.00 0.00 ? 1 PHE A HE1  11 
ATOM   1081 H HE2  . PHE A 1 1 ? 7.052  -1.073 -5.549  1.00 0.00 ? 1 PHE A HE2  11 
ATOM   1082 H HZ   . PHE A 1 1 ? 9.427  -0.392 -5.332  1.00 0.00 ? 1 PHE A HZ   11 
HETATM 1083 N N    . DHA A 1 2 ? 2.802  3.083  -2.440  1.00 0.00 ? 2 DHA A N    11 
HETATM 1084 C CA   . DHA A 1 2 ? 1.595  3.704  -2.140  1.00 0.00 ? 2 DHA A CA   11 
HETATM 1085 C CB   . DHA A 1 2 ? 1.220  4.965  -2.336  1.00 0.00 ? 2 DHA A CB   11 
HETATM 1086 C C    . DHA A 1 2 ? 0.647  2.766  -1.532  1.00 0.00 ? 2 DHA A C    11 
HETATM 1087 O O    . DHA A 1 2 ? 0.869  2.189  -0.468  1.00 0.00 ? 2 DHA A O    11 
HETATM 1088 H H    . DHA A 1 2 ? 2.758  2.242  -2.942  1.00 0.00 ? 2 DHA A H    11 
HETATM 1089 H HB1  . DHA A 1 2 ? 1.887  5.646  -2.781  1.00 0.00 ? 2 DHA A HB1  11 
HETATM 1090 H HB2  . DHA A 1 2 ? 0.236  5.297  -2.039  1.00 0.00 ? 2 DHA A HB2  11 
HETATM 1091 N N    . DAL A 1 3 ? -0.489 2.612  -2.213  1.00 0.00 ? 3 DAL A N    11 
HETATM 1092 C CA   . DAL A 1 3 ? -1.493 1.732  -1.677  1.00 0.00 ? 3 DAL A CA   11 
HETATM 1093 C CB   . DAL A 1 3 ? -1.663 2.055  -0.192  1.00 0.00 ? 3 DAL A CB   11 
HETATM 1094 C C    . DAL A 1 3 ? -1.090 0.274  -1.896  1.00 0.00 ? 3 DAL A C    11 
HETATM 1095 O O    . DAL A 1 3 ? -1.924 -0.630 -1.842  1.00 0.00 ? 3 DAL A O    11 
HETATM 1096 H H    . DAL A 1 3 ? -0.665 3.087  -3.053  1.00 0.00 ? 3 DAL A H    11 
HETATM 1097 H HA   . DAL A 1 3 ? -2.417 1.921  -2.181  1.00 0.00 ? 3 DAL A HA   11 
HETATM 1098 H HB1  . DAL A 1 3 ? -1.389 3.087  -0.023  1.00 0.00 ? 3 DAL A HB1  11 
HETATM 1099 H HB2  . DAL A 1 3 ? -1.019 1.425  0.387   1.00 0.00 ? 3 DAL A HB2  11 
ATOM   1100 N N    . LEU A 1 4 ? 0.190  0.054  -2.192  1.00 0.00 ? 4 LEU A N    11 
ATOM   1101 C CA   . LEU A 1 4 ? 0.684  -1.298 -2.458  1.00 0.00 ? 4 LEU A CA   11 
ATOM   1102 C C    . LEU A 1 4 ? 1.333  -1.940 -1.225  1.00 0.00 ? 4 LEU A C    11 
ATOM   1103 O O    . LEU A 1 4 ? 1.601  -3.142 -1.223  1.00 0.00 ? 4 LEU A O    11 
ATOM   1104 C CB   . LEU A 1 4 ? 1.698  -1.263 -3.601  1.00 0.00 ? 4 LEU A CB   11 
ATOM   1105 C CG   . LEU A 1 4 ? 1.912  -2.681 -4.140  1.00 0.00 ? 4 LEU A CG   11 
ATOM   1106 C CD1  . LEU A 1 4 ? 1.461  -2.748 -5.601  1.00 0.00 ? 4 LEU A CD1  11 
ATOM   1107 C CD2  . LEU A 1 4 ? 3.397  -3.041 -4.051  1.00 0.00 ? 4 LEU A CD2  11 
ATOM   1108 H H    . LEU A 1 4 ? 0.804  0.818  -2.266  1.00 0.00 ? 4 LEU A H    11 
ATOM   1109 H HA   . LEU A 1 4 ? -0.149 -1.912 -2.761  1.00 0.00 ? 4 LEU A HA   11 
ATOM   1110 H HB2  . LEU A 1 4 ? 1.325  -0.628 -4.393  1.00 0.00 ? 4 LEU A HB2  11 
ATOM   1111 H HB3  . LEU A 1 4 ? 2.636  -0.872 -3.238  1.00 0.00 ? 4 LEU A HB3  11 
ATOM   1112 H HG   . LEU A 1 4 ? 1.334  -3.381 -3.554  1.00 0.00 ? 4 LEU A HG   11 
ATOM   1113 H HD11 . LEU A 1 4 ? 1.773  -3.690 -6.030  1.00 0.00 ? 4 LEU A HD11 11 
ATOM   1114 H HD12 . LEU A 1 4 ? 1.906  -1.936 -6.155  1.00 0.00 ? 4 LEU A HD12 11 
ATOM   1115 H HD13 . LEU A 1 4 ? 0.383  -2.670 -5.649  1.00 0.00 ? 4 LEU A HD13 11 
ATOM   1116 H HD21 . LEU A 1 4 ? 3.964  -2.398 -4.706  1.00 0.00 ? 4 LEU A HD21 11 
ATOM   1117 H HD22 . LEU A 1 4 ? 3.535  -4.070 -4.348  1.00 0.00 ? 4 LEU A HD22 11 
ATOM   1118 H HD23 . LEU A 1 4 ? 3.739  -2.911 -3.034  1.00 0.00 ? 4 LEU A HD23 11 
HETATM 1119 N N    . DHA A 1 5 ? 1.590  -1.153 -0.161  1.00 0.00 ? 5 DHA A N    11 
HETATM 1120 C CA   . DHA A 1 5 ? 2.176  -1.705 0.978   1.00 0.00 ? 5 DHA A CA   11 
HETATM 1121 C CB   . DHA A 1 5 ? 3.043  -2.679 1.086   1.00 0.00 ? 5 DHA A CB   11 
HETATM 1122 C C    . DHA A 1 5 ? 1.683  -1.082 2.183   1.00 0.00 ? 5 DHA A C    11 
HETATM 1123 O O    . DHA A 1 5 ? 2.290  -0.184 2.738   1.00 0.00 ? 5 DHA A O    11 
HETATM 1124 H H    . DHA A 1 5 ? 1.382  -0.199 -0.135  1.00 0.00 ? 5 DHA A H    11 
HETATM 1125 H HB1  . DHA A 1 5 ? 3.393  -3.142 0.227   1.00 0.00 ? 5 DHA A HB1  11 
HETATM 1126 H HB2  . DHA A 1 5 ? 3.400  -2.993 2.057   1.00 0.00 ? 5 DHA A HB2  11 
ATOM   1127 N N    . LEU A 1 6 ? 0.544  -1.615 2.619   1.00 0.00 ? 6 LEU A N    11 
ATOM   1128 C CA   . LEU A 1 6 ? -0.096 -1.123 3.835   1.00 0.00 ? 6 LEU A CA   11 
ATOM   1129 C C    . LEU A 1 6 ? -1.596 -1.030 3.620   1.00 0.00 ? 6 LEU A C    11 
ATOM   1130 O O    . LEU A 1 6 ? -2.399 -1.476 4.438   1.00 0.00 ? 6 LEU A O    11 
ATOM   1131 C CB   . LEU A 1 6 ? 0.435  0.260  4.216   1.00 0.00 ? 6 LEU A CB   11 
ATOM   1132 C CG   . LEU A 1 6 ? 0.293  1.237  3.029   1.00 0.00 ? 6 LEU A CG   11 
ATOM   1133 C CD1  . LEU A 1 6 ? -0.859 2.204  3.313   1.00 0.00 ? 6 LEU A CD1  11 
ATOM   1134 C CD2  . LEU A 1 6 ? 1.583  2.051  2.810   1.00 0.00 ? 6 LEU A CD2  11 
ATOM   1135 H H    . LEU A 1 6 ? 0.134  -2.365 2.133   1.00 0.00 ? 6 LEU A H    11 
ATOM   1136 H HA   . LEU A 1 6 ? 0.108  -1.814 4.630   1.00 0.00 ? 6 LEU A HA   11 
ATOM   1137 H HB2  . LEU A 1 6 ? -0.138 0.634  5.051   1.00 0.00 ? 6 LEU A HB2  11 
ATOM   1138 H HB3  . LEU A 1 6 ? 1.465  0.167  4.500   1.00 0.00 ? 6 LEU A HB3  11 
ATOM   1139 H HG   . LEU A 1 6 ? 0.069  0.682  2.135   1.00 0.00 ? 6 LEU A HG   11 
ATOM   1140 H HD11 . LEU A 1 6 ? -1.679 1.664  3.765   1.00 0.00 ? 6 LEU A HD11 11 
ATOM   1141 H HD12 . LEU A 1 6 ? -1.189 2.651  2.387   1.00 0.00 ? 6 LEU A HD12 11 
ATOM   1142 H HD13 . LEU A 1 6 ? -0.522 2.978  3.987   1.00 0.00 ? 6 LEU A HD13 11 
ATOM   1143 H HD21 . LEU A 1 6 ? 1.350  3.101  2.806   1.00 0.00 ? 6 LEU A HD21 11 
ATOM   1144 H HD22 . LEU A 1 6 ? 2.018  1.781  1.857   1.00 0.00 ? 6 LEU A HD22 11 
ATOM   1145 H HD23 . LEU A 1 6 ? 2.294  1.843  3.595   1.00 0.00 ? 6 LEU A HD23 11 
ATOM   1146 N N    . CYS A 1 7 ? -1.941 -0.444 2.492   1.00 0.00 ? 7 CYS A N    11 
ATOM   1147 C CA   . CYS A 1 7 ? -3.316 -0.257 2.083   1.00 0.00 ? 7 CYS A CA   11 
ATOM   1148 C C    . CYS A 1 7 ? -4.157 -1.496 2.365   1.00 0.00 ? 7 CYS A C    11 
ATOM   1149 O O    . CYS A 1 7 ? -5.381 -1.470 2.230   1.00 0.00 ? 7 CYS A O    11 
ATOM   1150 C CB   . CYS A 1 7 ? -3.287 0.034  0.593   1.00 0.00 ? 7 CYS A CB   11 
ATOM   1151 S SG   . CYS A 1 7 ? -3.390 1.812  0.307   1.00 0.00 ? 7 CYS A SG   11 
ATOM   1152 H H    . CYS A 1 7 ? -1.235 -0.127 1.900   1.00 0.00 ? 7 CYS A H    11 
ATOM   1153 H HA   . CYS A 1 7 ? -3.736 0.583  2.602   1.00 0.00 ? 7 CYS A HA   11 
ATOM   1154 H HB2  . CYS A 1 7 ? -2.349 -0.328 0.208   1.00 0.00 ? 7 CYS A HB2  11 
ATOM   1155 H HB3  . CYS A 1 7 ? -4.105 -0.465 0.096   1.00 0.00 ? 7 CYS A HB3  11 
ATOM   1156 N N    . ALA A 1 8 ? -3.494 -2.573 2.763   1.00 0.00 ? 8 ALA A N    11 
ATOM   1157 C CA   . ALA A 1 8 ? -4.183 -3.818 3.071   1.00 0.00 ? 8 ALA A CA   11 
ATOM   1158 C C    . ALA A 1 8 ? -5.624 -3.549 3.497   1.00 0.00 ? 8 ALA A C    11 
ATOM   1159 O O    . ALA A 1 8 ? -6.474 -3.478 2.627   1.00 0.00 ? 8 ALA A O    11 
ATOM   1160 C CB   . ALA A 1 8 ? -3.444 -4.533 4.198   1.00 0.00 ? 8 ALA A CB   11 
ATOM   1161 O OXT  . ALA A 1 8 ? -5.854 -3.417 4.688   1.00 0.00 ? 8 ALA A OXT  11 
ATOM   1162 H H    . ALA A 1 8 ? -2.520 -2.531 2.854   1.00 0.00 ? 8 ALA A H    11 
ATOM   1163 H HA   . ALA A 1 8 ? -4.184 -4.448 2.196   1.00 0.00 ? 8 ALA A HA   11 
ATOM   1164 H HB1  . ALA A 1 8 ? -4.023 -5.382 4.524   1.00 0.00 ? 8 ALA A HB1  11 
ATOM   1165 H HB2  . ALA A 1 8 ? -3.307 -3.850 5.023   1.00 0.00 ? 8 ALA A HB2  11 
ATOM   1166 H HB3  . ALA A 1 8 ? -2.482 -4.865 3.842   1.00 0.00 ? 8 ALA A HB3  11 
ATOM   1167 N N    . PHE A 1 1 ? 5.017  2.670  -3.626  1.00 0.00 1 1 PHE A N    12 
ATOM   1168 C CA   . PHE A 1 1 ? 4.135  3.157  -4.723  1.00 0.00 ? 1 PHE A CA   12 
ATOM   1169 C C    . PHE A 1 1 ? 2.853  3.732  -4.127  1.00 0.00 ? 1 PHE A C    12 
ATOM   1170 O O    . PHE A 1 1 ? 2.120  4.462  -4.795  1.00 0.00 ? 1 PHE A O    12 
ATOM   1171 C CB   . PHE A 1 1 ? 3.798  1.995  -5.659  1.00 0.00 ? 1 PHE A CB   12 
ATOM   1172 C CG   . PHE A 1 1 ? 3.625  2.515  -7.066  1.00 0.00 ? 1 PHE A CG   12 
ATOM   1173 C CD1  . PHE A 1 1 ? 4.724  2.563  -7.933  1.00 0.00 ? 1 PHE A CD1  12 
ATOM   1174 C CD2  . PHE A 1 1 ? 2.369  2.950  -7.504  1.00 0.00 ? 1 PHE A CD2  12 
ATOM   1175 C CE1  . PHE A 1 1 ? 4.566  3.046  -9.238  1.00 0.00 ? 1 PHE A CE1  12 
ATOM   1176 C CE2  . PHE A 1 1 ? 2.211  3.433  -8.809  1.00 0.00 ? 1 PHE A CE2  12 
ATOM   1177 C CZ   . PHE A 1 1 ? 3.308  3.481  -9.676  1.00 0.00 ? 1 PHE A CZ   12 
ATOM   1178 H H1   . PHE A 1 1 ? 4.701  3.071  -2.720  1.00 0.00 ? 1 PHE A H1   12 
ATOM   1179 H H2   . PHE A 1 1 ? 5.998  2.966  -3.812  1.00 0.00 ? 1 PHE A H2   12 
ATOM   1180 H H3   . PHE A 1 1 ? 4.971  1.633  -3.577  1.00 0.00 ? 1 PHE A H3   12 
ATOM   1181 H HA   . PHE A 1 1 ? 4.647  3.928  -5.279  1.00 0.00 ? 1 PHE A HA   12 
ATOM   1182 H HB2  . PHE A 1 1 ? 4.600  1.271  -5.637  1.00 0.00 ? 1 PHE A HB2  12 
ATOM   1183 H HB3  . PHE A 1 1 ? 2.881  1.524  -5.334  1.00 0.00 ? 1 PHE A HB3  12 
ATOM   1184 H HD1  . PHE A 1 1 ? 5.694  2.227  -7.596  1.00 0.00 ? 1 PHE A HD1  12 
ATOM   1185 H HD2  . PHE A 1 1 ? 1.522  2.913  -6.834  1.00 0.00 ? 1 PHE A HD2  12 
ATOM   1186 H HE1  . PHE A 1 1 ? 5.414  3.083  -9.906  1.00 0.00 ? 1 PHE A HE1  12 
ATOM   1187 H HE2  . PHE A 1 1 ? 1.241  3.768  -9.146  1.00 0.00 ? 1 PHE A HE2  12 
ATOM   1188 H HZ   . PHE A 1 1 ? 3.187  3.854  -10.683 1.00 0.00 ? 1 PHE A HZ   12 
HETATM 1189 N N    . DHA A 1 2 ? 2.578  3.400  -2.851  1.00 0.00 ? 2 DHA A N    12 
HETATM 1190 C CA   . DHA A 1 2 ? 1.426  3.890  -2.249  1.00 0.00 ? 2 DHA A CA   12 
HETATM 1191 C CB   . DHA A 1 2 ? 0.983  5.138  -2.172  1.00 0.00 ? 2 DHA A CB   12 
HETATM 1192 C C    . DHA A 1 2 ? 0.615  2.824  -1.645  1.00 0.00 ? 2 DHA A C    12 
HETATM 1193 O O    . DHA A 1 2 ? 0.982  2.168  -0.670  1.00 0.00 ? 2 DHA A O    12 
HETATM 1194 H H    . DHA A 1 2 ? 3.153  2.820  -2.311  1.00 0.00 ? 2 DHA A H    12 
HETATM 1195 H HB1  . DHA A 1 2 ? 1.537  5.922  -2.604  1.00 0.00 ? 2 DHA A HB1  12 
HETATM 1196 H HB2  . DHA A 1 2 ? 0.057  5.357  -1.660  1.00 0.00 ? 2 DHA A HB2  12 
HETATM 1197 N N    . DAL A 1 3 ? -0.585 2.681  -2.209  1.00 0.00 ? 3 DAL A N    12 
HETATM 1198 C CA   . DAL A 1 3 ? -1.505 1.717  -1.666  1.00 0.00 ? 3 DAL A CA   12 
HETATM 1199 C CB   . DAL A 1 3 ? -1.663 2.012  -0.177  1.00 0.00 ? 3 DAL A CB   12 
HETATM 1200 C C    . DAL A 1 3 ? -1.049 0.271  -1.904  1.00 0.00 ? 3 DAL A C    12 
HETATM 1201 O O    . DAL A 1 3 ? -1.858 -0.653 -1.839  1.00 0.00 ? 3 DAL A O    12 
HETATM 1202 H H    . DAL A 1 3 ? -0.872 3.245  -2.957  1.00 0.00 ? 3 DAL A H    12 
HETATM 1203 H HA   . DAL A 1 3 ? -2.453 1.859  -2.137  1.00 0.00 ? 3 DAL A HA   12 
HETATM 1204 H HB1  . DAL A 1 3 ? -1.355 3.030  0.015   1.00 0.00 ? 3 DAL A HB1  12 
HETATM 1205 H HB2  . DAL A 1 3 ? -1.041 1.349  0.385   1.00 0.00 ? 3 DAL A HB2  12 
ATOM   1206 N N    . LEU A 1 4 ? 0.232  0.070  -2.211  1.00 0.00 ? 4 LEU A N    12 
ATOM   1207 C CA   . LEU A 1 4 ? 0.720  -1.290 -2.474  1.00 0.00 ? 4 LEU A CA   12 
ATOM   1208 C C    . LEU A 1 4 ? 1.350  -1.939 -1.237  1.00 0.00 ? 4 LEU A C    12 
ATOM   1209 O O    . LEU A 1 4 ? 1.597  -3.147 -1.231  1.00 0.00 ? 4 LEU A O    12 
ATOM   1210 C CB   . LEU A 1 4 ? 1.723  -1.298 -3.641  1.00 0.00 ? 4 LEU A CB   12 
ATOM   1211 C CG   . LEU A 1 4 ? 3.065  -0.687 -3.218  1.00 0.00 ? 4 LEU A CG   12 
ATOM   1212 C CD1  . LEU A 1 4 ? 2.821  0.643  -2.514  1.00 0.00 ? 4 LEU A CD1  12 
ATOM   1213 C CD2  . LEU A 1 4 ? 3.808  -1.641 -2.278  1.00 0.00 ? 4 LEU A CD2  12 
ATOM   1214 H H    . LEU A 1 4 ? 0.840  0.833  -2.286  1.00 0.00 ? 4 LEU A H    12 
ATOM   1215 H HA   . LEU A 1 4 ? -0.128 -1.893 -2.765  1.00 0.00 ? 4 LEU A HA   12 
ATOM   1216 H HB2  . LEU A 1 4 ? 1.883  -2.315 -3.964  1.00 0.00 ? 4 LEU A HB2  12 
ATOM   1217 H HB3  . LEU A 1 4 ? 1.316  -0.726 -4.462  1.00 0.00 ? 4 LEU A HB3  12 
ATOM   1218 H HG   . LEU A 1 4 ? 3.665  -0.515 -4.100  1.00 0.00 ? 4 LEU A HG   12 
ATOM   1219 H HD11 . LEU A 1 4 ? 2.176  1.253  -3.125  1.00 0.00 ? 4 LEU A HD11 12 
ATOM   1220 H HD12 . LEU A 1 4 ? 3.764  1.151  -2.368  1.00 0.00 ? 4 LEU A HD12 12 
ATOM   1221 H HD13 . LEU A 1 4 ? 2.353  0.467  -1.557  1.00 0.00 ? 4 LEU A HD13 12 
ATOM   1222 H HD21 . LEU A 1 4 ? 3.399  -2.635 -2.377  1.00 0.00 ? 4 LEU A HD21 12 
ATOM   1223 H HD22 . LEU A 1 4 ? 3.694  -1.303 -1.258  1.00 0.00 ? 4 LEU A HD22 12 
ATOM   1224 H HD23 . LEU A 1 4 ? 4.856  -1.655 -2.537  1.00 0.00 ? 4 LEU A HD23 12 
HETATM 1225 N N    . DHA A 1 5 ? 1.612  -1.156 -0.170  1.00 0.00 ? 5 DHA A N    12 
HETATM 1226 C CA   . DHA A 1 5 ? 2.179  -1.723 0.973   1.00 0.00 ? 5 DHA A CA   12 
HETATM 1227 C CB   . DHA A 1 5 ? 3.026  -2.714 1.083   1.00 0.00 ? 5 DHA A CB   12 
HETATM 1228 C C    . DHA A 1 5 ? 1.690  -1.096 2.180   1.00 0.00 ? 5 DHA A C    12 
HETATM 1229 O O    . DHA A 1 5 ? 2.312  -0.213 2.746   1.00 0.00 ? 5 DHA A O    12 
HETATM 1230 H H    . DHA A 1 5 ? 1.417  -0.199 -0.143  1.00 0.00 ? 5 DHA A H    12 
HETATM 1231 H HB1  . DHA A 1 5 ? 3.373  -3.180 0.224   1.00 0.00 ? 5 DHA A HB1  12 
HETATM 1232 H HB2  . DHA A 1 5 ? 3.371  -3.037 2.054   1.00 0.00 ? 5 DHA A HB2  12 
ATOM   1233 N N    . LEU A 1 6 ? 0.538  -1.608 2.605   1.00 0.00 ? 6 LEU A N    12 
ATOM   1234 C CA   . LEU A 1 6 ? -0.100 -1.113 3.819   1.00 0.00 ? 6 LEU A CA   12 
ATOM   1235 C C    . LEU A 1 6 ? -1.600 -1.030 3.612   1.00 0.00 ? 6 LEU A C    12 
ATOM   1236 O O    . LEU A 1 6 ? -2.394 -1.510 4.421   1.00 0.00 ? 6 LEU A O    12 
ATOM   1237 C CB   . LEU A 1 6 ? 0.433  0.272  4.189   1.00 0.00 ? 6 LEU A CB   12 
ATOM   1238 C CG   . LEU A 1 6 ? 0.308  1.234  2.988   1.00 0.00 ? 6 LEU A CG   12 
ATOM   1239 C CD1  . LEU A 1 6 ? -0.837 2.211  3.250   1.00 0.00 ? 6 LEU A CD1  12 
ATOM   1240 C CD2  . LEU A 1 6 ? 1.608  2.033  2.771   1.00 0.00 ? 6 LEU A CD2  12 
ATOM   1241 H H    . LEU A 1 6 ? 0.117  -2.345 2.111   1.00 0.00 ? 6 LEU A H    12 
ATOM   1242 H HA   . LEU A 1 6 ? 0.112  -1.798 4.618   1.00 0.00 ? 6 LEU A HA   12 
ATOM   1243 H HB2  . LEU A 1 6 ? -0.148 0.659  5.011   1.00 0.00 ? 6 LEU A HB2  12 
ATOM   1244 H HB3  . LEU A 1 6 ? 1.458  0.178  4.485   1.00 0.00 ? 6 LEU A HB3  12 
ATOM   1245 H HG   . LEU A 1 6 ? 0.088  0.668  2.101   1.00 0.00 ? 6 LEU A HG   12 
ATOM   1246 H HD11 . LEU A 1 6 ? -0.971 2.846  2.388   1.00 0.00 ? 6 LEU A HD11 12 
ATOM   1247 H HD12 . LEU A 1 6 ? -0.600 2.818  4.112   1.00 0.00 ? 6 LEU A HD12 12 
ATOM   1248 H HD13 . LEU A 1 6 ? -1.747 1.660  3.436   1.00 0.00 ? 6 LEU A HD13 12 
ATOM   1249 H HD21 . LEU A 1 6 ? 1.381  3.085  2.740   1.00 0.00 ? 6 LEU A HD21 12 
ATOM   1250 H HD22 . LEU A 1 6 ? 2.054  1.740  1.828   1.00 0.00 ? 6 LEU A HD22 12 
ATOM   1251 H HD23 . LEU A 1 6 ? 2.305  1.837  3.569   1.00 0.00 ? 6 LEU A HD23 12 
ATOM   1252 N N    . CYS A 1 7 ? -1.958 -0.416 2.504   1.00 0.00 ? 7 CYS A N    12 
ATOM   1253 C CA   . CYS A 1 7 ? -3.340 -0.241 2.109   1.00 0.00 ? 7 CYS A CA   12 
ATOM   1254 C C    . CYS A 1 7 ? -4.162 -1.485 2.416   1.00 0.00 ? 7 CYS A C    12 
ATOM   1255 O O    . CYS A 1 7 ? -5.392 -1.460 2.363   1.00 0.00 ? 7 CYS A O    12 
ATOM   1256 C CB   . CYS A 1 7 ? -3.338 0.034  0.615   1.00 0.00 ? 7 CYS A CB   12 
ATOM   1257 S SG   . CYS A 1 7 ? -3.397 1.813  0.315   1.00 0.00 ? 7 CYS A SG   12 
ATOM   1258 H H    . CYS A 1 7 ? -1.260 -0.074 1.914   1.00 0.00 ? 7 CYS A H    12 
ATOM   1259 H HA   . CYS A 1 7 ? -3.761 0.599  2.629   1.00 0.00 ? 7 CYS A HA   12 
ATOM   1260 H HB2  . CYS A 1 7 ? -2.420 -0.359 0.211   1.00 0.00 ? 7 CYS A HB2  12 
ATOM   1261 H HB3  . CYS A 1 7 ? -4.182 -0.445 0.145   1.00 0.00 ? 7 CYS A HB3  12 
ATOM   1262 N N    . ALA A 1 8 ? -3.471 -2.568 2.739   1.00 0.00 ? 8 ALA A N    12 
ATOM   1263 C CA   . ALA A 1 8 ? -4.131 -3.822 3.061   1.00 0.00 ? 8 ALA A CA   12 
ATOM   1264 C C    . ALA A 1 8 ? -5.543 -3.574 3.582   1.00 0.00 ? 8 ALA A C    12 
ATOM   1265 O O    . ALA A 1 8 ? -5.665 -3.082 4.694   1.00 0.00 ? 8 ALA A O    12 
ATOM   1266 C CB   . ALA A 1 8 ? -3.317 -4.555 4.119   1.00 0.00 ? 8 ALA A CB   12 
ATOM   1267 O OXT  . ALA A 1 8 ? -6.481 -3.881 2.865   1.00 0.00 ? 8 ALA A OXT  12 
ATOM   1268 H H    . ALA A 1 8 ? -2.493 -2.522 2.766   1.00 0.00 ? 8 ALA A H    12 
ATOM   1269 H HA   . ALA A 1 8 ? -4.183 -4.434 2.173   1.00 0.00 ? 8 ALA A HA   12 
ATOM   1270 H HB1  . ALA A 1 8 ? -2.272 -4.533 3.847   1.00 0.00 ? 8 ALA A HB1  12 
ATOM   1271 H HB2  . ALA A 1 8 ? -3.654 -5.577 4.189   1.00 0.00 ? 8 ALA A HB2  12 
ATOM   1272 H HB3  . ALA A 1 8 ? -3.450 -4.064 5.074   1.00 0.00 ? 8 ALA A HB3  12 
ATOM   1273 N N    . PHE A 1 1 ? 5.539  3.229  -4.194  1.00 0.00 1 1 PHE A N    13 
ATOM   1274 C CA   . PHE A 1 1 ? 5.145  2.682  -2.866  1.00 0.00 ? 1 PHE A CA   13 
ATOM   1275 C C    . PHE A 1 1 ? 3.928  3.435  -2.346  1.00 0.00 ? 1 PHE A C    13 
ATOM   1276 O O    . PHE A 1 1 ? 4.057  4.388  -1.575  1.00 0.00 ? 1 PHE A O    13 
ATOM   1277 C CB   . PHE A 1 1 ? 6.308  2.840  -1.885  1.00 0.00 ? 1 PHE A CB   13 
ATOM   1278 C CG   . PHE A 1 1 ? 7.030  1.521  -1.744  1.00 0.00 ? 1 PHE A CG   13 
ATOM   1279 C CD1  . PHE A 1 1 ? 6.851  0.744  -0.592  1.00 0.00 ? 1 PHE A CD1  13 
ATOM   1280 C CD2  . PHE A 1 1 ? 7.879  1.076  -2.764  1.00 0.00 ? 1 PHE A CD2  13 
ATOM   1281 C CE1  . PHE A 1 1 ? 7.521  -0.478 -0.461  1.00 0.00 ? 1 PHE A CE1  13 
ATOM   1282 C CE2  . PHE A 1 1 ? 8.549  -0.147 -2.633  1.00 0.00 ? 1 PHE A CE2  13 
ATOM   1283 C CZ   . PHE A 1 1 ? 8.371  -0.924 -1.480  1.00 0.00 ? 1 PHE A CZ   13 
ATOM   1284 H H1   . PHE A 1 1 ? 4.701  3.300  -4.803  1.00 0.00 ? 1 PHE A H1   13 
ATOM   1285 H H2   . PHE A 1 1 ? 6.237  2.596  -4.637  1.00 0.00 ? 1 PHE A H2   13 
ATOM   1286 H H3   . PHE A 1 1 ? 5.957  4.173  -4.071  1.00 0.00 ? 1 PHE A H3   13 
ATOM   1287 H HA   . PHE A 1 1 ? 4.902  1.634  -2.967  1.00 0.00 ? 1 PHE A HA   13 
ATOM   1288 H HB2  . PHE A 1 1 ? 6.992  3.589  -2.255  1.00 0.00 ? 1 PHE A HB2  13 
ATOM   1289 H HB3  . PHE A 1 1 ? 5.926  3.146  -0.921  1.00 0.00 ? 1 PHE A HB3  13 
ATOM   1290 H HD1  . PHE A 1 1 ? 6.195  1.086  0.195   1.00 0.00 ? 1 PHE A HD1  13 
ATOM   1291 H HD2  . PHE A 1 1 ? 8.017  1.673  -3.652  1.00 0.00 ? 1 PHE A HD2  13 
ATOM   1292 H HE1  . PHE A 1 1 ? 7.383  -1.077 0.427   1.00 0.00 ? 1 PHE A HE1  13 
ATOM   1293 H HE2  . PHE A 1 1 ? 9.205  -0.491 -3.419  1.00 0.00 ? 1 PHE A HE2  13 
ATOM   1294 H HZ   . PHE A 1 1 ? 8.887  -1.867 -1.380  1.00 0.00 ? 1 PHE A HZ   13 
HETATM 1295 N N    . DHA A 1 2 ? 2.728  3.007  -2.769  1.00 0.00 ? 2 DHA A N    13 
HETATM 1296 C CA   . DHA A 1 2 ? 1.571  3.644  -2.337  1.00 0.00 ? 2 DHA A CA   13 
HETATM 1297 C CB   . DHA A 1 2 ? 1.213  4.920  -2.450  1.00 0.00 ? 2 DHA A CB   13 
HETATM 1298 C C    . DHA A 1 2 ? 0.653  2.705  -1.686  1.00 0.00 ? 2 DHA A C    13 
HETATM 1299 O O    . DHA A 1 2 ? 0.945  2.087  -0.661  1.00 0.00 ? 2 DHA A O    13 
HETATM 1300 H H    . DHA A 1 2 ? 2.617  2.250  -3.381  1.00 0.00 ? 2 DHA A H    13 
HETATM 1301 H HB1  . DHA A 1 2 ? 1.855  5.606  -2.925  1.00 0.00 ? 2 DHA A HB1  13 
HETATM 1302 H HB2  . DHA A 1 2 ? 0.268  5.262  -2.052  1.00 0.00 ? 2 DHA A HB2  13 
HETATM 1303 N N    . DAL A 1 3 ? -0.531 2.596  -2.284  1.00 0.00 ? 3 DAL A N    13 
HETATM 1304 C CA   . DAL A 1 3 ? -1.515 1.719  -1.712  1.00 0.00 ? 3 DAL A CA   13 
HETATM 1305 C CB   . DAL A 1 3 ? -1.678 2.078  -0.235  1.00 0.00 ? 3 DAL A CB   13 
HETATM 1306 C C    . DAL A 1 3 ? -1.096 0.260  -1.902  1.00 0.00 ? 3 DAL A C    13 
HETATM 1307 O O    . DAL A 1 3 ? -1.920 -0.650 -1.826  1.00 0.00 ? 3 DAL A O    13 
HETATM 1308 H H    . DAL A 1 3 ? -0.755 3.104  -3.092  1.00 0.00 ? 3 DAL A H    13 
HETATM 1309 H HA   . DAL A 1 3 ? -2.446 1.883  -2.211  1.00 0.00 ? 3 DAL A HA   13 
HETATM 1310 H HB1  . DAL A 1 3 ? -1.423 3.118  -0.095  1.00 0.00 ? 3 DAL A HB1  13 
HETATM 1311 H HB2  . DAL A 1 3 ? -1.020 1.475  0.358   1.00 0.00 ? 3 DAL A HB2  13 
ATOM   1312 N N    . LEU A 1 4 ? 0.184  0.051  -2.204  1.00 0.00 ? 4 LEU A N    13 
ATOM   1313 C CA   . LEU A 1 4 ? 0.694  -1.299 -2.454  1.00 0.00 ? 4 LEU A CA   13 
ATOM   1314 C C    . LEU A 1 4 ? 1.355  -1.924 -1.219  1.00 0.00 ? 4 LEU A C    13 
ATOM   1315 O O    . LEU A 1 4 ? 1.656  -3.118 -1.217  1.00 0.00 ? 4 LEU A O    13 
ATOM   1316 C CB   . LEU A 1 4 ? 1.703  -1.260 -3.601  1.00 0.00 ? 4 LEU A CB   13 
ATOM   1317 C CG   . LEU A 1 4 ? 1.017  -1.686 -4.900  1.00 0.00 ? 4 LEU A CG   13 
ATOM   1318 C CD1  . LEU A 1 4 ? 0.762  -3.194 -4.876  1.00 0.00 ? 4 LEU A CD1  13 
ATOM   1319 C CD2  . LEU A 1 4 ? -0.318 -0.948 -5.037  1.00 0.00 ? 4 LEU A CD2  13 
ATOM   1320 H H    . LEU A 1 4 ? 0.786  0.821  -2.299  1.00 0.00 ? 4 LEU A H    13 
ATOM   1321 H HA   . LEU A 1 4 ? -0.133 -1.927 -2.752  1.00 0.00 ? 4 LEU A HA   13 
ATOM   1322 H HB2  . LEU A 1 4 ? 2.088  -0.256 -3.708  1.00 0.00 ? 4 LEU A HB2  13 
ATOM   1323 H HB3  . LEU A 1 4 ? 2.517  -1.937 -3.388  1.00 0.00 ? 4 LEU A HB3  13 
ATOM   1324 H HG   . LEU A 1 4 ? 1.652  -1.442 -5.740  1.00 0.00 ? 4 LEU A HG   13 
ATOM   1325 H HD11 . LEU A 1 4 ? 1.414  -3.680 -5.586  1.00 0.00 ? 4 LEU A HD11 13 
ATOM   1326 H HD12 . LEU A 1 4 ? -0.267 -3.390 -5.140  1.00 0.00 ? 4 LEU A HD12 13 
ATOM   1327 H HD13 . LEU A 1 4 ? 0.958  -3.577 -3.886  1.00 0.00 ? 4 LEU A HD13 13 
ATOM   1328 H HD21 . LEU A 1 4 ? -1.118 -1.584 -4.688  1.00 0.00 ? 4 LEU A HD21 13 
ATOM   1329 H HD22 . LEU A 1 4 ? -0.486 -0.696 -6.073  1.00 0.00 ? 4 LEU A HD22 13 
ATOM   1330 H HD23 . LEU A 1 4 ? -0.292 -0.045 -4.447  1.00 0.00 ? 4 LEU A HD23 13 
HETATM 1331 N N    . DHA A 1 5 ? 1.588  -1.132 -0.155  1.00 0.00 ? 5 DHA A N    13 
HETATM 1332 C CA   . DHA A 1 5 ? 2.187  -1.674 0.981   1.00 0.00 ? 5 DHA A CA   13 
HETATM 1333 C CB   . DHA A 1 5 ? 3.083  -2.621 1.083   1.00 0.00 ? 5 DHA A CB   13 
HETATM 1334 C C    . DHA A 1 5 ? 1.675  -1.078 2.195   1.00 0.00 ? 5 DHA A C    13 
HETATM 1335 O O    . DHA A 1 5 ? 2.268  -0.182 2.766   1.00 0.00 ? 5 DHA A O    13 
HETATM 1336 H H    . DHA A 1 5 ? 1.357  -0.182 -0.127  1.00 0.00 ? 5 DHA A H    13 
HETATM 1337 H HB1  . DHA A 1 5 ? 3.447  -3.065 0.220   1.00 0.00 ? 5 DHA A HB1  13 
HETATM 1338 H HB2  . DHA A 1 5 ? 3.449  -2.933 2.050   1.00 0.00 ? 5 DHA A HB2  13 
ATOM   1339 N N    . LEU A 1 6 ? 0.544  -1.641 2.621   1.00 0.00 ? 6 LEU A N    13 
ATOM   1340 C CA   . LEU A 1 6 ? -0.108 -1.184 3.845   1.00 0.00 ? 6 LEU A CA   13 
ATOM   1341 C C    . LEU A 1 6 ? -1.607 -1.066 3.623   1.00 0.00 ? 6 LEU A C    13 
ATOM   1342 O O    . LEU A 1 6 ? -2.421 -1.526 4.423   1.00 0.00 ? 6 LEU A O    13 
ATOM   1343 C CB   . LEU A 1 6 ? 0.432  0.180  4.282   1.00 0.00 ? 6 LEU A CB   13 
ATOM   1344 C CG   . LEU A 1 6 ? 0.282  1.206  3.138   1.00 0.00 ? 6 LEU A CG   13 
ATOM   1345 C CD1  . LEU A 1 6 ? -0.880 2.145  3.460   1.00 0.00 ? 6 LEU A CD1  13 
ATOM   1346 C CD2  . LEU A 1 6 ? 1.565  2.042  2.958   1.00 0.00 ? 6 LEU A CD2  13 
ATOM   1347 H H    . LEU A 1 6 ? 0.151  -2.389 2.123   1.00 0.00 ? 6 LEU A H    13 
ATOM   1348 H HA   . LEU A 1 6 ? 0.082  -1.905 4.620   1.00 0.00 ? 6 LEU A HA   13 
ATOM   1349 H HB2  . LEU A 1 6 ? -0.136 0.521  5.135   1.00 0.00 ? 6 LEU A HB2  13 
ATOM   1350 H HB3  . LEU A 1 6 ? 1.462  0.074  4.555   1.00 0.00 ? 6 LEU A HB3  13 
ATOM   1351 H HG   . LEU A 1 6 ? 0.065  0.688  2.218   1.00 0.00 ? 6 LEU A HG   13 
ATOM   1352 H HD11 . LEU A 1 6 ? -1.219 2.623  2.552   1.00 0.00 ? 6 LEU A HD11 13 
ATOM   1353 H HD12 . LEU A 1 6 ? -0.549 2.899  4.159   1.00 0.00 ? 6 LEU A HD12 13 
ATOM   1354 H HD13 . LEU A 1 6 ? -1.690 1.581  3.895   1.00 0.00 ? 6 LEU A HD13 13 
ATOM   1355 H HD21 . LEU A 1 6 ? 1.996  1.827  1.988   1.00 0.00 ? 6 LEU A HD21 13 
ATOM   1356 H HD22 . LEU A 1 6 ? 2.280  1.797  3.727   1.00 0.00 ? 6 LEU A HD22 13 
ATOM   1357 H HD23 . LEU A 1 6 ? 1.323  3.089  3.014   1.00 0.00 ? 6 LEU A HD23 13 
ATOM   1358 N N    . CYS A 1 7 ? -1.934 -0.439 2.514   1.00 0.00 ? 7 CYS A N    13 
ATOM   1359 C CA   . CYS A 1 7 ? -3.303 -0.212 2.100   1.00 0.00 ? 7 CYS A CA   13 
ATOM   1360 C C    . CYS A 1 7 ? -4.198 -1.406 2.410   1.00 0.00 ? 7 CYS A C    13 
ATOM   1361 O O    . CYS A 1 7 ? -5.366 -1.245 2.762   1.00 0.00 ? 7 CYS A O    13 
ATOM   1362 C CB   . CYS A 1 7 ? -3.266 0.045  0.606   1.00 0.00 ? 7 CYS A CB   13 
ATOM   1363 S SG   . CYS A 1 7 ? -3.397 1.816  0.282   1.00 0.00 ? 7 CYS A SG   13 
ATOM   1364 H H    . CYS A 1 7 ? -1.218 -0.113 1.938   1.00 0.00 ? 7 CYS A H    13 
ATOM   1365 H HA   . CYS A 1 7 ? -3.688 0.654  2.596   1.00 0.00 ? 7 CYS A HA   13 
ATOM   1366 H HB2  . CYS A 1 7 ? -2.318 -0.310 0.235   1.00 0.00 ? 7 CYS A HB2  13 
ATOM   1367 H HB3  . CYS A 1 7 ? -4.072 -0.478 0.114   1.00 0.00 ? 7 CYS A HB3  13 
ATOM   1368 N N    . ALA A 1 8 ? -3.647 -2.599 2.268   1.00 0.00 ? 8 ALA A N    13 
ATOM   1369 C CA   . ALA A 1 8 ? -4.408 -3.813 2.529   1.00 0.00 ? 8 ALA A CA   13 
ATOM   1370 C C    . ALA A 1 8 ? -3.508 -4.904 3.101   1.00 0.00 ? 8 ALA A C    13 
ATOM   1371 O O    . ALA A 1 8 ? -3.974 -5.637 3.958   1.00 0.00 ? 8 ALA A O    13 
ATOM   1372 C CB   . ALA A 1 8 ? -5.052 -4.302 1.230   1.00 0.00 ? 8 ALA A CB   13 
ATOM   1373 O OXT  . ALA A 1 8 ? -2.369 -4.990 2.674   1.00 0.00 ? 8 ALA A OXT  13 
ATOM   1374 H H    . ALA A 1 8 ? -2.714 -2.661 1.979   1.00 0.00 ? 8 ALA A H    13 
ATOM   1375 H HA   . ALA A 1 8 ? -5.188 -3.592 3.240   1.00 0.00 ? 8 ALA A HA   13 
ATOM   1376 H HB1  . ALA A 1 8 ? -5.819 -3.604 0.926   1.00 0.00 ? 8 ALA A HB1  13 
ATOM   1377 H HB2  . ALA A 1 8 ? -5.492 -5.274 1.390   1.00 0.00 ? 8 ALA A HB2  13 
ATOM   1378 H HB3  . ALA A 1 8 ? -4.299 -4.368 0.458   1.00 0.00 ? 8 ALA A HB3  13 
ATOM   1379 N N    . PHE A 1 1 ? 5.932  2.941  -3.270  1.00 0.00 1 1 PHE A N    14 
ATOM   1380 C CA   . PHE A 1 1 ? 4.890  1.931  -2.922  1.00 0.00 ? 1 PHE A CA   14 
ATOM   1381 C C    . PHE A 1 1 ? 3.732  2.622  -2.212  1.00 0.00 ? 1 PHE A C    14 
ATOM   1382 O O    . PHE A 1 1 ? 3.769  2.829  -0.998  1.00 0.00 ? 1 PHE A O    14 
ATOM   1383 C CB   . PHE A 1 1 ? 5.501  0.868  -2.006  1.00 0.00 ? 1 PHE A CB   14 
ATOM   1384 C CG   . PHE A 1 1 ? 6.975  0.728  -2.302  1.00 0.00 ? 1 PHE A CG   14 
ATOM   1385 C CD1  . PHE A 1 1 ? 7.402  0.435  -3.605  1.00 0.00 ? 1 PHE A CD1  14 
ATOM   1386 C CD2  . PHE A 1 1 ? 7.915  0.891  -1.279  1.00 0.00 ? 1 PHE A CD2  14 
ATOM   1387 C CE1  . PHE A 1 1 ? 8.768  0.305  -3.880  1.00 0.00 ? 1 PHE A CE1  14 
ATOM   1388 C CE2  . PHE A 1 1 ? 9.283  0.761  -1.555  1.00 0.00 ? 1 PHE A CE2  14 
ATOM   1389 C CZ   . PHE A 1 1 ? 9.709  0.468  -2.855  1.00 0.00 ? 1 PHE A CZ   14 
ATOM   1390 H H1   . PHE A 1 1 ? 6.872  2.498  -3.229  1.00 0.00 ? 1 PHE A H1   14 
ATOM   1391 H H2   . PHE A 1 1 ? 5.890  3.730  -2.592  1.00 0.00 ? 1 PHE A H2   14 
ATOM   1392 H H3   . PHE A 1 1 ? 5.762  3.298  -4.232  1.00 0.00 ? 1 PHE A H3   14 
ATOM   1393 H HA   . PHE A 1 1 ? 4.529  1.463  -3.827  1.00 0.00 ? 1 PHE A HA   14 
ATOM   1394 H HB2  . PHE A 1 1 ? 5.367  1.161  -0.975  1.00 0.00 ? 1 PHE A HB2  14 
ATOM   1395 H HB3  . PHE A 1 1 ? 5.009  -0.078 -2.177  1.00 0.00 ? 1 PHE A HB3  14 
ATOM   1396 H HD1  . PHE A 1 1 ? 6.677  0.308  -4.394  1.00 0.00 ? 1 PHE A HD1  14 
ATOM   1397 H HD2  . PHE A 1 1 ? 7.587  1.118  -0.274  1.00 0.00 ? 1 PHE A HD2  14 
ATOM   1398 H HE1  . PHE A 1 1 ? 9.097  0.078  -4.883  1.00 0.00 ? 1 PHE A HE1  14 
ATOM   1399 H HE2  . PHE A 1 1 ? 10.009 0.888  -0.765  1.00 0.00 ? 1 PHE A HE2  14 
ATOM   1400 H HZ   . PHE A 1 1 ? 10.763 0.368  -3.070  1.00 0.00 ? 1 PHE A HZ   14 
HETATM 1401 N N    . DHA A 1 2 ? 2.687  2.984  -2.975  1.00 0.00 ? 2 DHA A N    14 
HETATM 1402 C CA   . DHA A 1 2 ? 1.591  3.618  -2.399  1.00 0.00 ? 2 DHA A CA   14 
HETATM 1403 C CB   . DHA A 1 2 ? 1.272  4.907  -2.380  1.00 0.00 ? 2 DHA A CB   14 
HETATM 1404 C C    . DHA A 1 2 ? 0.692  2.656  -1.756  1.00 0.00 ? 2 DHA A C    14 
HETATM 1405 O O    . DHA A 1 2 ? 1.027  1.964  -0.794  1.00 0.00 ? 2 DHA A O    14 
HETATM 1406 H H    . DHA A 1 2 ? 2.649  2.823  -3.941  1.00 0.00 ? 2 DHA A H    14 
HETATM 1407 H HB1  . DHA A 1 2 ? 1.900  5.613  -2.849  1.00 0.00 ? 2 DHA A HB1  14 
HETATM 1408 H HB2  . DHA A 1 2 ? 0.373  5.242  -1.880  1.00 0.00 ? 2 DHA A HB2  14 
HETATM 1409 N N    . DAL A 1 3 ? -0.530 2.619  -2.286  1.00 0.00 ? 3 DAL A N    14 
HETATM 1410 C CA   . DAL A 1 3 ? -1.507 1.732  -1.715  1.00 0.00 ? 3 DAL A CA   14 
HETATM 1411 C CB   . DAL A 1 3 ? -1.673 2.077  -0.234  1.00 0.00 ? 3 DAL A CB   14 
HETATM 1412 C C    . DAL A 1 3 ? -1.091 0.271  -1.909  1.00 0.00 ? 3 DAL A C    14 
HETATM 1413 O O    . DAL A 1 3 ? -1.918 -0.637 -1.831  1.00 0.00 ? 3 DAL A O    14 
HETATM 1414 H H    . DAL A 1 3 ? -0.784 3.191  -3.040  1.00 0.00 ? 3 DAL A H    14 
HETATM 1415 H HA   . DAL A 1 3 ? -2.439 1.896  -2.211  1.00 0.00 ? 3 DAL A HA   14 
HETATM 1416 H HB1  . DAL A 1 3 ? -1.422 3.118  -0.085  1.00 0.00 ? 3 DAL A HB1  14 
HETATM 1417 H HB2  . DAL A 1 3 ? -1.011 1.471  0.354   1.00 0.00 ? 3 DAL A HB2  14 
ATOM   1418 N N    . LEU A 1 4 ? 0.190  0.053  -2.213  1.00 0.00 ? 4 LEU A N    14 
ATOM   1419 C CA   . LEU A 1 4 ? 0.685  -1.303 -2.457  1.00 0.00 ? 4 LEU A CA   14 
ATOM   1420 C C    . LEU A 1 4 ? 1.344  -1.925 -1.219  1.00 0.00 ? 4 LEU A C    14 
ATOM   1421 O O    . LEU A 1 4 ? 1.641  -3.119 -1.214  1.00 0.00 ? 4 LEU A O    14 
ATOM   1422 C CB   . LEU A 1 4 ? 1.687  -1.283 -3.611  1.00 0.00 ? 4 LEU A CB   14 
ATOM   1423 C CG   . LEU A 1 4 ? 0.990  -1.722 -4.900  1.00 0.00 ? 4 LEU A CG   14 
ATOM   1424 C CD1  . LEU A 1 4 ? 0.732  -3.230 -4.854  1.00 0.00 ? 4 LEU A CD1  14 
ATOM   1425 C CD2  . LEU A 1 4 ? -0.344 -0.982 -5.037  1.00 0.00 ? 4 LEU A CD2  14 
ATOM   1426 H H    . LEU A 1 4 ? 0.800  0.815  -2.309  1.00 0.00 ? 4 LEU A H    14 
ATOM   1427 H HA   . LEU A 1 4 ? -0.149 -1.924 -2.744  1.00 0.00 ? 4 LEU A HA   14 
ATOM   1428 H HB2  . LEU A 1 4 ? 2.074  -0.281 -3.735  1.00 0.00 ? 4 LEU A HB2  14 
ATOM   1429 H HB3  . LEU A 1 4 ? 2.500  -1.959 -3.397  1.00 0.00 ? 4 LEU A HB3  14 
ATOM   1430 H HG   . LEU A 1 4 ? 1.619  -1.491 -5.748  1.00 0.00 ? 4 LEU A HG   14 
ATOM   1431 H HD11 . LEU A 1 4 ? 0.831  -3.581 -3.838  1.00 0.00 ? 4 LEU A HD11 14 
ATOM   1432 H HD12 . LEU A 1 4 ? 1.450  -3.738 -5.482  1.00 0.00 ? 4 LEU A HD12 14 
ATOM   1433 H HD13 . LEU A 1 4 ? -0.267 -3.437 -5.210  1.00 0.00 ? 4 LEU A HD13 14 
ATOM   1434 H HD21 . LEU A 1 4 ? -0.325 -0.090 -4.429  1.00 0.00 ? 4 LEU A HD21 14 
ATOM   1435 H HD22 . LEU A 1 4 ? -1.147 -1.624 -4.707  1.00 0.00 ? 4 LEU A HD22 14 
ATOM   1436 H HD23 . LEU A 1 4 ? -0.501 -0.711 -6.070  1.00 0.00 ? 4 LEU A HD23 14 
HETATM 1437 N N    . DHA A 1 5 ? 1.580  -1.131 -0.155  1.00 0.00 ? 5 DHA A N    14 
HETATM 1438 C CA   . DHA A 1 5 ? 2.174  -1.673 0.983   1.00 0.00 ? 5 DHA A CA   14 
HETATM 1439 C CB   . DHA A 1 5 ? 3.065  -2.625 1.089   1.00 0.00 ? 5 DHA A CB   14 
HETATM 1440 C C    . DHA A 1 5 ? 1.666  -1.071 2.194   1.00 0.00 ? 5 DHA A C    14 
HETATM 1441 O O    . DHA A 1 5 ? 2.253  -0.164 2.752   1.00 0.00 ? 5 DHA A O    14 
HETATM 1442 H H    . DHA A 1 5 ? 1.352  -0.182 -0.131  1.00 0.00 ? 5 DHA A H    14 
HETATM 1443 H HB1  . DHA A 1 5 ? 3.428  -3.071 0.228   1.00 0.00 ? 5 DHA A HB1  14 
HETATM 1444 H HB2  . DHA A 1 5 ? 3.427  -2.935 2.057   1.00 0.00 ? 5 DHA A HB2  14 
ATOM   1445 N N    . LEU A 1 6 ? 0.544  -1.639 2.634   1.00 0.00 ? 6 LEU A N    14 
ATOM   1446 C CA   . LEU A 1 6 ? -0.106 -1.176 3.859   1.00 0.00 ? 6 LEU A CA   14 
ATOM   1447 C C    . LEU A 1 6 ? -1.602 -1.057 3.630   1.00 0.00 ? 6 LEU A C    14 
ATOM   1448 O O    . LEU A 1 6 ? -2.420 -1.512 4.428   1.00 0.00 ? 6 LEU A O    14 
ATOM   1449 C CB   . LEU A 1 6 ? 0.436  0.187  4.296   1.00 0.00 ? 6 LEU A CB   14 
ATOM   1450 C CG   . LEU A 1 6 ? 0.278  1.219  3.157   1.00 0.00 ? 6 LEU A CG   14 
ATOM   1451 C CD1  . LEU A 1 6 ? -0.880 2.162  3.492   1.00 0.00 ? 6 LEU A CD1  14 
ATOM   1452 C CD2  . LEU A 1 6 ? 1.563  2.053  2.970   1.00 0.00 ? 6 LEU A CD2  14 
ATOM   1453 H H    . LEU A 1 6 ? 0.153  -2.397 2.145   1.00 0.00 ? 6 LEU A H    14 
ATOM   1454 H HA   . LEU A 1 6 ? 0.080  -1.895 4.634   1.00 0.00 ? 6 LEU A HA   14 
ATOM   1455 H HB2  . LEU A 1 6 ? -0.126 0.525  5.153   1.00 0.00 ? 6 LEU A HB2  14 
ATOM   1456 H HB3  . LEU A 1 6 ? 1.468  0.081  4.564   1.00 0.00 ? 6 LEU A HB3  14 
ATOM   1457 H HG   . LEU A 1 6 ? 0.056  0.703  2.236   1.00 0.00 ? 6 LEU A HG   14 
ATOM   1458 H HD11 . LEU A 1 6 ? -0.564 2.865  4.247   1.00 0.00 ? 6 LEU A HD11 14 
ATOM   1459 H HD12 . LEU A 1 6 ? -1.717 1.587  3.863   1.00 0.00 ? 6 LEU A HD12 14 
ATOM   1460 H HD13 . LEU A 1 6 ? -1.179 2.698  2.603   1.00 0.00 ? 6 LEU A HD13 14 
ATOM   1461 H HD21 . LEU A 1 6 ? 1.976  1.852  1.990   1.00 0.00 ? 6 LEU A HD21 14 
ATOM   1462 H HD22 . LEU A 1 6 ? 2.289  1.794  3.724   1.00 0.00 ? 6 LEU A HD22 14 
ATOM   1463 H HD23 . LEU A 1 6 ? 1.326  3.099  3.046   1.00 0.00 ? 6 LEU A HD23 14 
ATOM   1464 N N    . CYS A 1 7 ? -1.925 -0.444 2.513   1.00 0.00 ? 7 CYS A N    14 
ATOM   1465 C CA   . CYS A 1 7 ? -3.291 -0.230 2.092   1.00 0.00 ? 7 CYS A CA   14 
ATOM   1466 C C    . CYS A 1 7 ? -4.157 -1.447 2.391   1.00 0.00 ? 7 CYS A C    14 
ATOM   1467 O O    . CYS A 1 7 ? -5.385 -1.376 2.341   1.00 0.00 ? 7 CYS A O    14 
ATOM   1468 C CB   . CYS A 1 7 ? -3.244 0.031  0.598   1.00 0.00 ? 7 CYS A CB   14 
ATOM   1469 S SG   . CYS A 1 7 ? -3.390 1.802  0.278   1.00 0.00 ? 7 CYS A SG   14 
ATOM   1470 H H    . CYS A 1 7 ? -1.208 -0.124 1.935   1.00 0.00 ? 7 CYS A H    14 
ATOM   1471 H HA   . CYS A 1 7 ? -3.698 0.630  2.590   1.00 0.00 ? 7 CYS A HA   14 
ATOM   1472 H HB2  . CYS A 1 7 ? -2.289 -0.314 0.237   1.00 0.00 ? 7 CYS A HB2  14 
ATOM   1473 H HB3  . CYS A 1 7 ? -4.039 -0.499 0.098   1.00 0.00 ? 7 CYS A HB3  14 
ATOM   1474 N N    . ALA A 1 8 ? -3.509 -2.562 2.700   1.00 0.00 ? 8 ALA A N    14 
ATOM   1475 C CA   . ALA A 1 8 ? -4.230 -3.788 3.001   1.00 0.00 ? 8 ALA A CA   14 
ATOM   1476 C C    . ALA A 1 8 ? -3.478 -4.611 4.042   1.00 0.00 ? 8 ALA A C    14 
ATOM   1477 O O    . ALA A 1 8 ? -3.968 -4.712 5.155   1.00 0.00 ? 8 ALA A O    14 
ATOM   1478 C CB   . ALA A 1 8 ? -4.402 -4.601 1.720   1.00 0.00 ? 8 ALA A CB   14 
ATOM   1479 O OXT  . ALA A 1 8 ? -2.424 -5.129 3.711   1.00 0.00 ? 8 ALA A OXT  14 
ATOM   1480 H H    . ALA A 1 8 ? -2.531 -2.561 2.722   1.00 0.00 ? 8 ALA A H    14 
ATOM   1481 H HA   . ALA A 1 8 ? -5.205 -3.537 3.388   1.00 0.00 ? 8 ALA A HA   14 
ATOM   1482 H HB1  . ALA A 1 8 ? -4.820 -3.970 0.948   1.00 0.00 ? 8 ALA A HB1  14 
ATOM   1483 H HB2  . ALA A 1 8 ? -5.067 -5.431 1.907   1.00 0.00 ? 8 ALA A HB2  14 
ATOM   1484 H HB3  . ALA A 1 8 ? -3.441 -4.973 1.399   1.00 0.00 ? 8 ALA A HB3  14 
ATOM   1485 N N    . PHE A 1 1 ? 5.953  4.241  -4.209  1.00 0.00 1 1 PHE A N    15 
ATOM   1486 C CA   . PHE A 1 1 ? 4.872  3.241  -3.966  1.00 0.00 ? 1 PHE A CA   15 
ATOM   1487 C C    . PHE A 1 1 ? 3.727  3.906  -3.210  1.00 0.00 ? 1 PHE A C    15 
ATOM   1488 O O    . PHE A 1 1 ? 3.840  5.051  -2.775  1.00 0.00 ? 1 PHE A O    15 
ATOM   1489 C CB   . PHE A 1 1 ? 5.433  2.073  -3.151  1.00 0.00 ? 1 PHE A CB   15 
ATOM   1490 C CG   . PHE A 1 1 ? 6.030  1.052  -4.090  1.00 0.00 ? 1 PHE A CG   15 
ATOM   1491 C CD1  . PHE A 1 1 ? 6.910  1.461  -5.099  1.00 0.00 ? 1 PHE A CD1  15 
ATOM   1492 C CD2  . PHE A 1 1 ? 5.704  -0.304 -3.952  1.00 0.00 ? 1 PHE A CD2  15 
ATOM   1493 C CE1  . PHE A 1 1 ? 7.464  0.516  -5.970  1.00 0.00 ? 1 PHE A CE1  15 
ATOM   1494 C CE2  . PHE A 1 1 ? 6.260  -1.249 -4.825  1.00 0.00 ? 1 PHE A CE2  15 
ATOM   1495 C CZ   . PHE A 1 1 ? 7.140  -0.839 -5.833  1.00 0.00 ? 1 PHE A CZ   15 
ATOM   1496 H H1   . PHE A 1 1 ? 6.327  4.119  -5.171  1.00 0.00 ? 1 PHE A H1   15 
ATOM   1497 H H2   . PHE A 1 1 ? 6.718  4.098  -3.518  1.00 0.00 ? 1 PHE A H2   15 
ATOM   1498 H H3   . PHE A 1 1 ? 5.569  5.201  -4.108  1.00 0.00 ? 1 PHE A H3   15 
ATOM   1499 H HA   . PHE A 1 1 ? 4.508  2.874  -4.914  1.00 0.00 ? 1 PHE A HA   15 
ATOM   1500 H HB2  . PHE A 1 1 ? 6.197  2.436  -2.480  1.00 0.00 ? 1 PHE A HB2  15 
ATOM   1501 H HB3  . PHE A 1 1 ? 4.639  1.616  -2.581  1.00 0.00 ? 1 PHE A HB3  15 
ATOM   1502 H HD1  . PHE A 1 1 ? 7.161  2.506  -5.206  1.00 0.00 ? 1 PHE A HD1  15 
ATOM   1503 H HD2  . PHE A 1 1 ? 5.024  -0.620 -3.175  1.00 0.00 ? 1 PHE A HD2  15 
ATOM   1504 H HE1  . PHE A 1 1 ? 8.143  0.832  -6.749  1.00 0.00 ? 1 PHE A HE1  15 
ATOM   1505 H HE2  . PHE A 1 1 ? 6.010  -2.294 -4.719  1.00 0.00 ? 1 PHE A HE2  15 
ATOM   1506 H HZ   . PHE A 1 1 ? 7.568  -1.569 -6.505  1.00 0.00 ? 1 PHE A HZ   15 
HETATM 1507 N N    . DHA A 1 2 ? 2.605  3.180  -3.053  1.00 0.00 ? 2 DHA A N    15 
HETATM 1508 C CA   . DHA A 1 2 ? 1.520  3.726  -2.378  1.00 0.00 ? 2 DHA A CA   15 
HETATM 1509 C CB   . DHA A 1 2 ? 1.162  4.999  -2.246  1.00 0.00 ? 2 DHA A CB   15 
HETATM 1510 C C    . DHA A 1 2 ? 0.680  2.694  -1.760  1.00 0.00 ? 2 DHA A C    15 
HETATM 1511 O O    . DHA A 1 2 ? 1.075  1.960  -0.854  1.00 0.00 ? 2 DHA A O    15 
HETATM 1512 H H    . DHA A 1 2 ? 2.505  2.268  -3.397  1.00 0.00 ? 2 DHA A H    15 
HETATM 1513 H HB1  . DHA A 1 2 ? 1.742  5.757  -2.691  1.00 0.00 ? 2 DHA A HB1  15 
HETATM 1514 H HB2  . DHA A 1 2 ? 0.282  5.264  -1.680  1.00 0.00 ? 2 DHA A HB2  15 
HETATM 1515 N N    . DAL A 1 3 ? -0.564 2.657  -2.236  1.00 0.00 ? 3 DAL A N    15 
HETATM 1516 C CA   . DAL A 1 3 ? -1.503 1.720  -1.676  1.00 0.00 ? 3 DAL A CA   15 
HETATM 1517 C CB   . DAL A 1 3 ? -1.658 2.029  -0.189  1.00 0.00 ? 3 DAL A CB   15 
HETATM 1518 C C    . DAL A 1 3 ? -1.060 0.272  -1.905  1.00 0.00 ? 3 DAL A C    15 
HETATM 1519 O O    . DAL A 1 3 ? -1.875 -0.647 -1.852  1.00 0.00 ? 3 DAL A O    15 
HETATM 1520 H H    . DAL A 1 3 ? -0.867 3.273  -2.938  1.00 0.00 ? 3 DAL A H    15 
HETATM 1521 H HA   . DAL A 1 3 ? -2.446 1.871  -2.152  1.00 0.00 ? 3 DAL A HA   15 
HETATM 1522 H HB1  . DAL A 1 3 ? -1.368 3.055  -0.010  1.00 0.00 ? 3 DAL A HB1  15 
HETATM 1523 H HB2  . DAL A 1 3 ? -1.019 1.383  0.377   1.00 0.00 ? 3 DAL A HB2  15 
ATOM   1524 N N    . LEU A 1 4 ? 0.220  0.075  -2.207  1.00 0.00 ? 4 LEU A N    15 
ATOM   1525 C CA   . LEU A 1 4 ? 0.720  -1.273 -2.479  1.00 0.00 ? 4 LEU A CA   15 
ATOM   1526 C C    . LEU A 1 4 ? 1.331  -1.935 -1.237  1.00 0.00 ? 4 LEU A C    15 
ATOM   1527 O O    . LEU A 1 4 ? 1.551  -3.145 -1.225  1.00 0.00 ? 4 LEU A O    15 
ATOM   1528 C CB   . LEU A 1 4 ? 1.757  -1.206 -3.614  1.00 0.00 ? 4 LEU A CB   15 
ATOM   1529 C CG   . LEU A 1 4 ? 2.203  -2.611 -4.059  1.00 0.00 ? 4 LEU A CG   15 
ATOM   1530 C CD1  . LEU A 1 4 ? 3.253  -3.165 -3.090  1.00 0.00 ? 4 LEU A CD1  15 
ATOM   1531 C CD2  . LEU A 1 4 ? 1.005  -3.565 -4.118  1.00 0.00 ? 4 LEU A CD2  15 
ATOM   1532 H H    . LEU A 1 4 ? 0.826  0.843  -2.282  1.00 0.00 ? 4 LEU A H    15 
ATOM   1533 H HA   . LEU A 1 4 ? -0.110 -1.874 -2.805  1.00 0.00 ? 4 LEU A HA   15 
ATOM   1534 H HB2  . LEU A 1 4 ? 1.320  -0.692 -4.458  1.00 0.00 ? 4 LEU A HB2  15 
ATOM   1535 H HB3  . LEU A 1 4 ? 2.619  -0.652 -3.272  1.00 0.00 ? 4 LEU A HB3  15 
ATOM   1536 H HG   . LEU A 1 4 ? 2.644  -2.539 -5.045  1.00 0.00 ? 4 LEU A HG   15 
ATOM   1537 H HD11 . LEU A 1 4 ? 2.897  -4.090 -2.662  1.00 0.00 ? 4 LEU A HD11 15 
ATOM   1538 H HD12 . LEU A 1 4 ? 3.435  -2.448 -2.305  1.00 0.00 ? 4 LEU A HD12 15 
ATOM   1539 H HD13 . LEU A 1 4 ? 4.173  -3.349 -3.626  1.00 0.00 ? 4 LEU A HD13 15 
ATOM   1540 H HD21 . LEU A 1 4 ? 0.725  -3.859 -3.118  1.00 0.00 ? 4 LEU A HD21 15 
ATOM   1541 H HD22 . LEU A 1 4 ? 1.275  -4.442 -4.685  1.00 0.00 ? 4 LEU A HD22 15 
ATOM   1542 H HD23 . LEU A 1 4 ? 0.173  -3.071 -4.597  1.00 0.00 ? 4 LEU A HD23 15 
HETATM 1543 N N    . DHA A 1 5 ? 1.605  -1.160 -0.172  1.00 0.00 ? 5 DHA A N    15 
HETATM 1544 C CA   . DHA A 1 5 ? 2.153  -1.741 0.972   1.00 0.00 ? 5 DHA A CA   15 
HETATM 1545 C CB   . DHA A 1 5 ? 2.973  -2.755 1.086   1.00 0.00 ? 5 DHA A CB   15 
HETATM 1546 C C    . DHA A 1 5 ? 1.676  -1.100 2.175   1.00 0.00 ? 5 DHA A C    15 
HETATM 1547 O O    . DHA A 1 5 ? 2.300  -0.204 2.715   1.00 0.00 ? 5 DHA A O    15 
HETATM 1548 H H    . DHA A 1 5 ? 1.431  -0.197 -0.147  1.00 0.00 ? 5 DHA A H    15 
HETATM 1549 H HB1  . DHA A 1 5 ? 3.310  -3.232 0.228   1.00 0.00 ? 5 DHA A HB1  15 
HETATM 1550 H HB2  . DHA A 1 5 ? 3.305  -3.089 2.058   1.00 0.00 ? 5 DHA A HB2  15 
ATOM   1551 N N    . LEU A 1 6 ? 0.534  -1.613 2.629   1.00 0.00 ? 6 LEU A N    15 
ATOM   1552 C CA   . LEU A 1 6 ? -0.088 -1.094 3.845   1.00 0.00 ? 6 LEU A CA   15 
ATOM   1553 C C    . LEU A 1 6 ? -1.591 -0.986 3.652   1.00 0.00 ? 6 LEU A C    15 
ATOM   1554 O O    . LEU A 1 6 ? -2.385 -1.362 4.515   1.00 0.00 ? 6 LEU A O    15 
ATOM   1555 C CB   . LEU A 1 6 ? 0.458  0.293  4.185   1.00 0.00 ? 6 LEU A CB   15 
ATOM   1556 C CG   . LEU A 1 6 ? 0.291  1.233  2.974   1.00 0.00 ? 6 LEU A CG   15 
ATOM   1557 C CD1  . LEU A 1 6 ? -0.849 2.213  3.256   1.00 0.00 ? 6 LEU A CD1  15 
ATOM   1558 C CD2  . LEU A 1 6 ? 1.579  2.030  2.689   1.00 0.00 ? 6 LEU A CD2  15 
ATOM   1559 H H    . LEU A 1 6 ? 0.109  -2.362 2.152   1.00 0.00 ? 6 LEU A H    15 
ATOM   1560 H HA   . LEU A 1 6 ? 0.123  -1.767 4.654   1.00 0.00 ? 6 LEU A HA   15 
ATOM   1561 H HB2  . LEU A 1 6 ? -0.097 0.691  5.021   1.00 0.00 ? 6 LEU A HB2  15 
ATOM   1562 H HB3  . LEU A 1 6 ? 1.493  0.205  4.450   1.00 0.00 ? 6 LEU A HB3  15 
ATOM   1563 H HG   . LEU A 1 6 ? 0.040  0.647  2.107   1.00 0.00 ? 6 LEU A HG   15 
ATOM   1564 H HD11 . LEU A 1 6 ? -0.684 2.693  4.209   1.00 0.00 ? 6 LEU A HD11 15 
ATOM   1565 H HD12 . LEU A 1 6 ? -1.786 1.678  3.280   1.00 0.00 ? 6 LEU A HD12 15 
ATOM   1566 H HD13 . LEU A 1 6 ? -0.882 2.961  2.477   1.00 0.00 ? 6 LEU A HD13 15 
ATOM   1567 H HD21 . LEU A 1 6 ? 1.348  3.080  2.638   1.00 0.00 ? 6 LEU A HD21 15 
ATOM   1568 H HD22 . LEU A 1 6 ? 1.993  1.711  1.741   1.00 0.00 ? 6 LEU A HD22 15 
ATOM   1569 H HD23 . LEU A 1 6 ? 2.304  1.858  3.471   1.00 0.00 ? 6 LEU A HD23 15 
ATOM   1570 N N    . CYS A 1 7 ? -1.948 -0.461 2.497   1.00 0.00 ? 7 CYS A N    15 
ATOM   1571 C CA   . CYS A 1 7 ? -3.327 -0.262 2.099   1.00 0.00 ? 7 CYS A CA   15 
ATOM   1572 C C    . CYS A 1 7 ? -4.194 -1.488 2.393   1.00 0.00 ? 7 CYS A C    15 
ATOM   1573 O O    . CYS A 1 7 ? -5.385 -1.494 2.081   1.00 0.00 ? 7 CYS A O    15 
ATOM   1574 C CB   . CYS A 1 7 ? -3.308 0.022  0.606   1.00 0.00 ? 7 CYS A CB   15 
ATOM   1575 S SG   . CYS A 1 7 ? -3.386 1.802  0.317   1.00 0.00 ? 7 CYS A SG   15 
ATOM   1576 H H    . CYS A 1 7 ? -1.249 -0.190 1.876   1.00 0.00 ? 7 CYS A H    15 
ATOM   1577 H HA   . CYS A 1 7 ? -3.730 0.592  2.614   1.00 0.00 ? 7 CYS A HA   15 
ATOM   1578 H HB2  . CYS A 1 7 ? -2.379 -0.358 0.211   1.00 0.00 ? 7 CYS A HB2  15 
ATOM   1579 H HB3  . CYS A 1 7 ? -4.140 -0.465 0.122   1.00 0.00 ? 7 CYS A HB3  15 
ATOM   1580 N N    . ALA A 1 8 ? -3.600 -2.515 2.991   1.00 0.00 ? 8 ALA A N    15 
ATOM   1581 C CA   . ALA A 1 8 ? -4.337 -3.730 3.320   1.00 0.00 ? 8 ALA A CA   15 
ATOM   1582 C C    . ALA A 1 8 ? -5.821 -3.427 3.499   1.00 0.00 ? 8 ALA A C    15 
ATOM   1583 O O    . ALA A 1 8 ? -6.610 -3.959 2.734   1.00 0.00 ? 8 ALA A O    15 
ATOM   1584 C CB   . ALA A 1 8 ? -3.785 -4.330 4.611   1.00 0.00 ? 8 ALA A CB   15 
ATOM   1585 O OXT  . ALA A 1 8 ? -6.146 -2.669 4.397   1.00 0.00 ? 8 ALA A OXT  15 
ATOM   1586 H H    . ALA A 1 8 ? -2.651 -2.458 3.216   1.00 0.00 ? 8 ALA A H    15 
ATOM   1587 H HA   . ALA A 1 8 ? -4.215 -4.445 2.521   1.00 0.00 ? 8 ALA A HA   15 
ATOM   1588 H HB1  . ALA A 1 8 ? -2.850 -4.828 4.406   1.00 0.00 ? 8 ALA A HB1  15 
ATOM   1589 H HB2  . ALA A 1 8 ? -4.494 -5.040 5.009   1.00 0.00 ? 8 ALA A HB2  15 
ATOM   1590 H HB3  . ALA A 1 8 ? -3.622 -3.542 5.331   1.00 0.00 ? 8 ALA A HB3  15 
# 
loop_
_pdbx_poly_seq_scheme.asym_id 
_pdbx_poly_seq_scheme.entity_id 
_pdbx_poly_seq_scheme.seq_id 
_pdbx_poly_seq_scheme.mon_id 
_pdbx_poly_seq_scheme.ndb_seq_num 
_pdbx_poly_seq_scheme.pdb_seq_num 
_pdbx_poly_seq_scheme.auth_seq_num 
_pdbx_poly_seq_scheme.pdb_mon_id 
_pdbx_poly_seq_scheme.auth_mon_id 
_pdbx_poly_seq_scheme.pdb_strand_id 
_pdbx_poly_seq_scheme.pdb_ins_code 
_pdbx_poly_seq_scheme.hetero 
A 1 1 PHE 1 1 1 PHE PHE A . n 
A 1 2 DHA 2 2 2 DHA DHA A . n 
A 1 3 DAL 3 3 3 DAL DAL A . n 
A 1 4 LEU 4 4 4 LEU LEU A . n 
A 1 5 DHA 5 5 5 DHA DHA A . n 
A 1 6 LEU 6 6 6 LEU LEU A . n 
A 1 7 CYS 7 7 7 CYS CYS A . n 
A 1 8 ALA 8 8 8 ALA ALA A . n 
# 
_pdbx_struct_assembly.id                   1 
_pdbx_struct_assembly.details              author_and_software_defined_assembly 
_pdbx_struct_assembly.method_details       PISA 
_pdbx_struct_assembly.oligomeric_details   monomeric 
_pdbx_struct_assembly.oligomeric_count     1 
# 
_pdbx_struct_assembly_gen.assembly_id       1 
_pdbx_struct_assembly_gen.oper_expression   1 
_pdbx_struct_assembly_gen.asym_id_list      A 
# 
loop_
_pdbx_struct_assembly_prop.biol_id 
_pdbx_struct_assembly_prop.type 
_pdbx_struct_assembly_prop.value 
_pdbx_struct_assembly_prop.details 
1 'ABSA (A^2)' 0   ? 
1 MORE         0   ? 
1 'SSA (A^2)'  880 ? 
# 
_pdbx_struct_oper_list.id                   1 
_pdbx_struct_oper_list.type                 'identity operation' 
_pdbx_struct_oper_list.name                 1_555 
_pdbx_struct_oper_list.symmetry_operation   ? 
_pdbx_struct_oper_list.matrix[1][1]         1.0000000000 
_pdbx_struct_oper_list.matrix[1][2]         0.0000000000 
_pdbx_struct_oper_list.matrix[1][3]         0.0000000000 
_pdbx_struct_oper_list.vector[1]            0.0000000000 
_pdbx_struct_oper_list.matrix[2][1]         0.0000000000 
_pdbx_struct_oper_list.matrix[2][2]         1.0000000000 
_pdbx_struct_oper_list.matrix[2][3]         0.0000000000 
_pdbx_struct_oper_list.vector[2]            0.0000000000 
_pdbx_struct_oper_list.matrix[3][1]         0.0000000000 
_pdbx_struct_oper_list.matrix[3][2]         0.0000000000 
_pdbx_struct_oper_list.matrix[3][3]         1.0000000000 
_pdbx_struct_oper_list.vector[3]            0.0000000000 
# 
loop_
_pdbx_audit_revision_history.ordinal 
_pdbx_audit_revision_history.data_content_type 
_pdbx_audit_revision_history.major_revision 
_pdbx_audit_revision_history.minor_revision 
_pdbx_audit_revision_history.revision_date 
1 'Structure model' 1 0 2019-09-11 
2 'Structure model' 1 1 2019-10-02 
3 'Structure model' 1 2 2023-06-14 
# 
_pdbx_audit_revision_details.ordinal             1 
_pdbx_audit_revision_details.revision_ordinal    1 
_pdbx_audit_revision_details.data_content_type   'Structure model' 
_pdbx_audit_revision_details.provider            repository 
_pdbx_audit_revision_details.type                'Initial release' 
_pdbx_audit_revision_details.description         ? 
_pdbx_audit_revision_details.details             ? 
# 
loop_
_pdbx_audit_revision_group.ordinal 
_pdbx_audit_revision_group.revision_ordinal 
_pdbx_audit_revision_group.data_content_type 
_pdbx_audit_revision_group.group 
1 2 'Structure model' 'Data collection'      
2 2 'Structure model' 'Database references'  
3 3 'Structure model' 'Database references'  
4 3 'Structure model' 'Derived calculations' 
5 3 'Structure model' Other                  
# 
loop_
_pdbx_audit_revision_category.ordinal 
_pdbx_audit_revision_category.revision_ordinal 
_pdbx_audit_revision_category.data_content_type 
_pdbx_audit_revision_category.category 
1 2 'Structure model' citation             
2 2 'Structure model' citation_author      
3 3 'Structure model' database_2           
4 3 'Structure model' pdbx_database_status 
5 3 'Structure model' struct_conn          
# 
loop_
_pdbx_audit_revision_item.ordinal 
_pdbx_audit_revision_item.revision_ordinal 
_pdbx_audit_revision_item.data_content_type 
_pdbx_audit_revision_item.item 
1  2 'Structure model' '_citation.journal_volume'                   
2  2 'Structure model' '_citation.page_first'                       
3  2 'Structure model' '_citation.page_last'                        
4  2 'Structure model' '_citation_author.identifier_ORCID'          
5  3 'Structure model' '_database_2.pdbx_DOI'                       
6  3 'Structure model' '_database_2.pdbx_database_accession'        
7  3 'Structure model' '_pdbx_database_status.status_code_nmr_data' 
8  3 'Structure model' '_struct_conn.pdbx_dist_value'               
9  3 'Structure model' '_struct_conn.pdbx_leaving_atom_flag'        
10 3 'Structure model' '_struct_conn.ptnr1_label_atom_id'           
11 3 'Structure model' '_struct_conn.ptnr2_auth_comp_id'            
12 3 'Structure model' '_struct_conn.ptnr2_auth_seq_id'             
13 3 'Structure model' '_struct_conn.ptnr2_label_atom_id'           
14 3 'Structure model' '_struct_conn.ptnr2_label_comp_id'           
15 3 'Structure model' '_struct_conn.ptnr2_label_seq_id'            
# 
_pdbx_nmr_exptl_sample.solution_id           1 
_pdbx_nmr_exptl_sample.component             'Mutacin I Ring A' 
_pdbx_nmr_exptl_sample.concentration         5.0 
_pdbx_nmr_exptl_sample.concentration_range   ? 
_pdbx_nmr_exptl_sample.concentration_units   mg/mL 
_pdbx_nmr_exptl_sample.isotopic_labeling     'natural abundance' 
# 
loop_
_pdbx_validate_torsion.id 
_pdbx_validate_torsion.PDB_model_num 
_pdbx_validate_torsion.auth_comp_id 
_pdbx_validate_torsion.auth_asym_id 
_pdbx_validate_torsion.auth_seq_id 
_pdbx_validate_torsion.PDB_ins_code 
_pdbx_validate_torsion.label_alt_id 
_pdbx_validate_torsion.phi 
_pdbx_validate_torsion.psi 
1  1  DAL A 3 ? ? -82.08 16.03  
2  1  LEU A 6 ? ? 137.53 -48.12 
3  1  CYS A 7 ? ? -41.24 -12.04 
4  2  DAL A 3 ? ? -68.81 16.45  
5  2  LEU A 6 ? ? 141.68 -50.51 
6  2  CYS A 7 ? ? -37.68 -24.07 
7  3  DAL A 3 ? ? -77.26 15.32  
8  3  LEU A 6 ? ? 142.11 -50.00 
9  4  DAL A 3 ? ? -68.24 17.21  
10 4  LEU A 6 ? ? 140.00 -47.62 
11 4  CYS A 7 ? ? -42.00 -8.11  
12 5  DAL A 3 ? ? -75.22 17.37  
13 5  LEU A 6 ? ? 137.46 -43.86 
14 5  CYS A 7 ? ? -47.21 5.62   
15 6  DAL A 3 ? ? -65.19 16.98  
16 6  LEU A 6 ? ? 141.14 -50.54 
17 6  CYS A 7 ? ? -35.56 -21.11 
18 7  DAL A 3 ? ? -81.96 16.41  
19 7  LEU A 6 ? ? 139.57 -49.33 
20 8  DAL A 3 ? ? -73.54 14.15  
21 8  LEU A 6 ? ? 144.13 -52.38 
22 8  CYS A 7 ? ? -34.54 -37.46 
23 9  DAL A 3 ? ? -69.10 17.46  
24 9  LEU A 6 ? ? 138.17 -44.97 
25 9  CYS A 7 ? ? -44.42 -0.74  
26 10 DAL A 3 ? ? -79.45 15.14  
27 10 LEU A 6 ? ? 141.23 -50.68 
28 11 DAL A 3 ? ? -75.60 16.79  
29 11 LEU A 6 ? ? 138.12 -47.18 
30 11 CYS A 7 ? ? -42.06 -8.21  
31 12 DAL A 3 ? ? -69.18 18.21  
32 12 LEU A 6 ? ? 139.95 -49.12 
33 12 CYS A 7 ? ? -39.72 -12.01 
34 13 DAL A 3 ? ? -70.43 17.11  
35 13 LEU A 6 ? ? 136.15 -47.03 
36 13 CYS A 7 ? ? -38.54 -36.46 
37 14 DAL A 3 ? ? -65.24 17.25  
38 14 LEU A 6 ? ? 135.26 -46.56 
39 14 CYS A 7 ? ? -39.75 -13.80 
40 15 DAL A 3 ? ? -62.92 18.53  
41 15 LEU A 6 ? ? 138.36 -44.60 
42 15 CYS A 7 ? ? -45.32 2.07   
# 
_pdbx_audit_support.funding_organization   'Engineering and Physical Sciences Research Council' 
_pdbx_audit_support.country                'United Kingdom' 
_pdbx_audit_support.grant_number           EP/L504889/1 
_pdbx_audit_support.ordinal                1 
# 
_pdbx_struct_assembly_auth_evidence.id                     1 
_pdbx_struct_assembly_auth_evidence.assembly_id            1 
_pdbx_struct_assembly_auth_evidence.experimental_support   none 
_pdbx_struct_assembly_auth_evidence.details                ? 
# 
